data_5QRI
# 
_entry.id   5QRI 
# 
_audit_conform.dict_name       mmcif_pdbx.dic 
_audit_conform.dict_version    5.387 
_audit_conform.dict_location   http://mmcif.pdb.org/dictionaries/ascii/mmcif_pdbx.dic 
# 
loop_
_database_2.database_id 
_database_2.database_code 
_database_2.pdbx_database_accession 
_database_2.pdbx_DOI 
PDB   5QRI         pdb_00005qri 10.2210/pdb5qri/pdb 
WWPDB D_1001402315 ?            ?                   
# 
loop_
_pdbx_audit_revision_history.ordinal 
_pdbx_audit_revision_history.data_content_type 
_pdbx_audit_revision_history.major_revision 
_pdbx_audit_revision_history.minor_revision 
_pdbx_audit_revision_history.revision_date 
1 'Structure model' 1 0 2019-07-10 
2 'Structure model' 1 1 2019-08-07 
3 'Structure model' 1 2 2024-03-06 
# 
_pdbx_audit_revision_details.ordinal             1 
_pdbx_audit_revision_details.revision_ordinal    1 
_pdbx_audit_revision_details.data_content_type   'Structure model' 
_pdbx_audit_revision_details.provider            repository 
_pdbx_audit_revision_details.type                'Initial release' 
_pdbx_audit_revision_details.description         ? 
_pdbx_audit_revision_details.details             ? 
# 
loop_
_pdbx_audit_revision_group.ordinal 
_pdbx_audit_revision_group.revision_ordinal 
_pdbx_audit_revision_group.data_content_type 
_pdbx_audit_revision_group.group 
1 2 'Structure model' 'Author supporting evidence' 
2 2 'Structure model' 'Data collection'            
3 2 'Structure model' 'Structure summary'          
4 3 'Structure model' 'Data collection'            
5 3 'Structure model' 'Database references'        
6 3 'Structure model' 'Derived calculations'       
# 
loop_
_pdbx_audit_revision_category.ordinal 
_pdbx_audit_revision_category.revision_ordinal 
_pdbx_audit_revision_category.data_content_type 
_pdbx_audit_revision_category.category 
1 2 'Structure model' pdbx_entity_instance_feature 
2 2 'Structure model' pdbx_entry_details           
3 3 'Structure model' chem_comp_atom               
4 3 'Structure model' chem_comp_bond               
5 3 'Structure model' database_2                   
6 3 'Structure model' pdbx_struct_conn_angle       
7 3 'Structure model' struct_conn                  
# 
loop_
_pdbx_audit_revision_item.ordinal 
_pdbx_audit_revision_item.revision_ordinal 
_pdbx_audit_revision_item.data_content_type 
_pdbx_audit_revision_item.item 
1  3 'Structure model' '_database_2.pdbx_DOI'                        
2  3 'Structure model' '_database_2.pdbx_database_accession'         
3  3 'Structure model' '_pdbx_struct_conn_angle.ptnr1_auth_comp_id'  
4  3 'Structure model' '_pdbx_struct_conn_angle.ptnr1_auth_seq_id'   
5  3 'Structure model' '_pdbx_struct_conn_angle.ptnr1_label_alt_id'  
6  3 'Structure model' '_pdbx_struct_conn_angle.ptnr1_label_asym_id' 
7  3 'Structure model' '_pdbx_struct_conn_angle.ptnr1_label_atom_id' 
8  3 'Structure model' '_pdbx_struct_conn_angle.ptnr1_label_comp_id' 
9  3 'Structure model' '_pdbx_struct_conn_angle.ptnr1_label_seq_id'  
10 3 'Structure model' '_pdbx_struct_conn_angle.ptnr1_symmetry'      
11 3 'Structure model' '_pdbx_struct_conn_angle.ptnr2_auth_seq_id'   
12 3 'Structure model' '_pdbx_struct_conn_angle.ptnr2_label_asym_id' 
13 3 'Structure model' '_pdbx_struct_conn_angle.ptnr3_auth_comp_id'  
14 3 'Structure model' '_pdbx_struct_conn_angle.ptnr3_auth_seq_id'   
15 3 'Structure model' '_pdbx_struct_conn_angle.ptnr3_label_alt_id'  
16 3 'Structure model' '_pdbx_struct_conn_angle.ptnr3_label_asym_id' 
17 3 'Structure model' '_pdbx_struct_conn_angle.ptnr3_label_atom_id' 
18 3 'Structure model' '_pdbx_struct_conn_angle.ptnr3_label_comp_id' 
19 3 'Structure model' '_pdbx_struct_conn_angle.ptnr3_label_seq_id'  
20 3 'Structure model' '_pdbx_struct_conn_angle.ptnr3_symmetry'      
21 3 'Structure model' '_pdbx_struct_conn_angle.value'               
22 3 'Structure model' '_struct_conn.pdbx_dist_value'                
23 3 'Structure model' '_struct_conn.pdbx_ptnr1_label_alt_id'        
24 3 'Structure model' '_struct_conn.ptnr1_auth_comp_id'             
25 3 'Structure model' '_struct_conn.ptnr1_auth_seq_id'              
26 3 'Structure model' '_struct_conn.ptnr1_label_asym_id'            
27 3 'Structure model' '_struct_conn.ptnr1_label_atom_id'            
28 3 'Structure model' '_struct_conn.ptnr1_label_comp_id'            
29 3 'Structure model' '_struct_conn.ptnr1_label_seq_id'             
30 3 'Structure model' '_struct_conn.ptnr2_auth_comp_id'             
31 3 'Structure model' '_struct_conn.ptnr2_auth_seq_id'              
32 3 'Structure model' '_struct_conn.ptnr2_label_asym_id'            
33 3 'Structure model' '_struct_conn.ptnr2_label_atom_id'            
34 3 'Structure model' '_struct_conn.ptnr2_label_comp_id'            
35 3 'Structure model' '_struct_conn.ptnr2_symmetry'                 
# 
_pdbx_database_status.entry_id                        5QRI 
_pdbx_database_status.status_code                     REL 
_pdbx_database_status.status_code_sf                  REL 
_pdbx_database_status.status_code_mr                  ? 
_pdbx_database_status.status_code_cs                  ? 
_pdbx_database_status.recvd_initial_deposition_date   2019-05-25 
_pdbx_database_status.deposit_site                    RCSB 
_pdbx_database_status.process_site                    RCSB 
_pdbx_database_status.SG_entry                        ? 
_pdbx_database_status.pdb_format_compatible           Y 
_pdbx_database_status.methods_development_category    ? 
_pdbx_database_status.status_code_nmr_data            ? 
# 
loop_
_audit_author.name 
_audit_author.pdbx_ordinal 
'Newman, J.A.'        1  
'Gavard, A.E.'        2  
'Fernandez-Cid, A.'   3  
'Sherestha, L.'       4  
'Burgess-Brown, N.A.' 5  
'von Delft, F.'       6  
'Arrowsmith, C.H.'    7  
'Edwards, A.'         8  
'Bountra, C.'         9  
'Gileadi, O.'         10 
# 
_citation.id                        primary 
_citation.title                     'PanDDA analysis group deposition' 
_citation.journal_abbrev            'To Be Published' 
_citation.journal_volume            ? 
_citation.page_first                ? 
_citation.page_last                 ? 
_citation.year                      ? 
_citation.journal_id_ASTM           ? 
_citation.country                   ? 
_citation.journal_id_ISSN           ? 
_citation.journal_id_CSD            0353 
_citation.book_publisher            ? 
_citation.pdbx_database_id_PubMed   ? 
_citation.pdbx_database_id_DOI      ? 
# 
loop_
_citation_author.citation_id 
_citation_author.name 
_citation_author.identifier_ORCID 
_citation_author.ordinal 
primary 'Newman, J.A.'        ? 1  
primary 'Gavard, A.E.'        ? 2  
primary 'Fernandez-Cid, A.'   ? 3  
primary 'Sherestha, L.'       ? 4  
primary 'Burgess-Brown, N.A.' ? 5  
primary 'von Delft, F.'       ? 6  
primary 'Arrowsmith, C.H.'    ? 7  
primary 'Edwards, A.'         ? 8  
primary 'Bountra, C.'         ? 9  
primary 'Gileadi, O.'         ? 10 
# 
loop_
_entity.id 
_entity.type 
_entity.src_method 
_entity.pdbx_description 
_entity.formula_weight 
_entity.pdbx_number_of_molecules 
_entity.pdbx_ec 
_entity.pdbx_mutation 
_entity.pdbx_fragment 
_entity.details 
1 polymer     man 'T-box transcription factor T'                            19597.586 1  ? ? ? ? 
2 non-polymer syn 'CADMIUM ION'                                             112.411   5  ? ? ? ? 
3 non-polymer syn '[4-(propan-2-yl)piperazin-1-yl](thiophen-2-yl)methanone' 238.349   1  ? ? ? ? 
4 water       nat water                                                     18.015    71 ? ? ? ? 
# 
_entity_name_com.entity_id   1 
_entity_name_com.name        'Brachyury protein,Protein T' 
# 
_entity_poly.entity_id                      1 
_entity_poly.type                           'polypeptide(L)' 
_entity_poly.nstd_linkage                   no 
_entity_poly.nstd_monomer                   no 
_entity_poly.pdbx_seq_one_letter_code       
;GELRVGLEESELWLRFKELTNEMIVTKNGRRMFPVLKVNVSGLDPNAMYSFLLDFVAADNHRWKYVNGEWVPGGKPEPQA
PSCVYIHPDSPNFGAHWMKAPVSFSKVKLTNKLNGGGQIMLNSLHKYEPRIHIVRVGGPQRMITSHCFPETQFIAVTAYQ
NEEITALKIKYN
;
_entity_poly.pdbx_seq_one_letter_code_can   
;GELRVGLEESELWLRFKELTNEMIVTKNGRRMFPVLKVNVSGLDPNAMYSFLLDFVAADNHRWKYVNGEWVPGGKPEPQA
PSCVYIHPDSPNFGAHWMKAPVSFSKVKLTNKLNGGGQIMLNSLHKYEPRIHIVRVGGPQRMITSHCFPETQFIAVTAYQ
NEEITALKIKYN
;
_entity_poly.pdbx_strand_id                 A 
_entity_poly.pdbx_target_identifier         ? 
# 
loop_
_pdbx_entity_nonpoly.entity_id 
_pdbx_entity_nonpoly.name 
_pdbx_entity_nonpoly.comp_id 
2 'CADMIUM ION'                                             CD  
3 '[4-(propan-2-yl)piperazin-1-yl](thiophen-2-yl)methanone' NUY 
4 water                                                     HOH 
# 
loop_
_entity_poly_seq.entity_id 
_entity_poly_seq.num 
_entity_poly_seq.mon_id 
_entity_poly_seq.hetero 
1 1   GLY n 
1 2   GLU n 
1 3   LEU n 
1 4   ARG n 
1 5   VAL n 
1 6   GLY n 
1 7   LEU n 
1 8   GLU n 
1 9   GLU n 
1 10  SER n 
1 11  GLU n 
1 12  LEU n 
1 13  TRP n 
1 14  LEU n 
1 15  ARG n 
1 16  PHE n 
1 17  LYS n 
1 18  GLU n 
1 19  LEU n 
1 20  THR n 
1 21  ASN n 
1 22  GLU n 
1 23  MET n 
1 24  ILE n 
1 25  VAL n 
1 26  THR n 
1 27  LYS n 
1 28  ASN n 
1 29  GLY n 
1 30  ARG n 
1 31  ARG n 
1 32  MET n 
1 33  PHE n 
1 34  PRO n 
1 35  VAL n 
1 36  LEU n 
1 37  LYS n 
1 38  VAL n 
1 39  ASN n 
1 40  VAL n 
1 41  SER n 
1 42  GLY n 
1 43  LEU n 
1 44  ASP n 
1 45  PRO n 
1 46  ASN n 
1 47  ALA n 
1 48  MET n 
1 49  TYR n 
1 50  SER n 
1 51  PHE n 
1 52  LEU n 
1 53  LEU n 
1 54  ASP n 
1 55  PHE n 
1 56  VAL n 
1 57  ALA n 
1 58  ALA n 
1 59  ASP n 
1 60  ASN n 
1 61  HIS n 
1 62  ARG n 
1 63  TRP n 
1 64  LYS n 
1 65  TYR n 
1 66  VAL n 
1 67  ASN n 
1 68  GLY n 
1 69  GLU n 
1 70  TRP n 
1 71  VAL n 
1 72  PRO n 
1 73  GLY n 
1 74  GLY n 
1 75  LYS n 
1 76  PRO n 
1 77  GLU n 
1 78  PRO n 
1 79  GLN n 
1 80  ALA n 
1 81  PRO n 
1 82  SER n 
1 83  CYS n 
1 84  VAL n 
1 85  TYR n 
1 86  ILE n 
1 87  HIS n 
1 88  PRO n 
1 89  ASP n 
1 90  SER n 
1 91  PRO n 
1 92  ASN n 
1 93  PHE n 
1 94  GLY n 
1 95  ALA n 
1 96  HIS n 
1 97  TRP n 
1 98  MET n 
1 99  LYS n 
1 100 ALA n 
1 101 PRO n 
1 102 VAL n 
1 103 SER n 
1 104 PHE n 
1 105 SER n 
1 106 LYS n 
1 107 VAL n 
1 108 LYS n 
1 109 LEU n 
1 110 THR n 
1 111 ASN n 
1 112 LYS n 
1 113 LEU n 
1 114 ASN n 
1 115 GLY n 
1 116 GLY n 
1 117 GLY n 
1 118 GLN n 
1 119 ILE n 
1 120 MET n 
1 121 LEU n 
1 122 ASN n 
1 123 SER n 
1 124 LEU n 
1 125 HIS n 
1 126 LYS n 
1 127 TYR n 
1 128 GLU n 
1 129 PRO n 
1 130 ARG n 
1 131 ILE n 
1 132 HIS n 
1 133 ILE n 
1 134 VAL n 
1 135 ARG n 
1 136 VAL n 
1 137 GLY n 
1 138 GLY n 
1 139 PRO n 
1 140 GLN n 
1 141 ARG n 
1 142 MET n 
1 143 ILE n 
1 144 THR n 
1 145 SER n 
1 146 HIS n 
1 147 CYS n 
1 148 PHE n 
1 149 PRO n 
1 150 GLU n 
1 151 THR n 
1 152 GLN n 
1 153 PHE n 
1 154 ILE n 
1 155 ALA n 
1 156 VAL n 
1 157 THR n 
1 158 ALA n 
1 159 TYR n 
1 160 GLN n 
1 161 ASN n 
1 162 GLU n 
1 163 GLU n 
1 164 ILE n 
1 165 THR n 
1 166 ALA n 
1 167 LEU n 
1 168 LYS n 
1 169 ILE n 
1 170 LYS n 
1 171 TYR n 
1 172 ASN n 
# 
_entity_src_gen.entity_id                          1 
_entity_src_gen.pdbx_src_id                        1 
_entity_src_gen.pdbx_alt_source_flag               sample 
_entity_src_gen.pdbx_seq_type                      'Biological sequence' 
_entity_src_gen.pdbx_beg_seq_num                   1 
_entity_src_gen.pdbx_end_seq_num                   172 
_entity_src_gen.gene_src_common_name               Human 
_entity_src_gen.gene_src_genus                     ? 
_entity_src_gen.pdbx_gene_src_gene                 'TBXT, T' 
_entity_src_gen.gene_src_species                   ? 
_entity_src_gen.gene_src_strain                    ? 
_entity_src_gen.gene_src_tissue                    ? 
_entity_src_gen.gene_src_tissue_fraction           ? 
_entity_src_gen.gene_src_details                   ? 
_entity_src_gen.pdbx_gene_src_fragment             ? 
_entity_src_gen.pdbx_gene_src_scientific_name      'Homo sapiens' 
_entity_src_gen.pdbx_gene_src_ncbi_taxonomy_id     9606 
_entity_src_gen.pdbx_gene_src_variant              ? 
_entity_src_gen.pdbx_gene_src_cell_line            ? 
_entity_src_gen.pdbx_gene_src_atcc                 ? 
_entity_src_gen.pdbx_gene_src_organ                ? 
_entity_src_gen.pdbx_gene_src_organelle            ? 
_entity_src_gen.pdbx_gene_src_cell                 ? 
_entity_src_gen.pdbx_gene_src_cellular_location    ? 
_entity_src_gen.host_org_common_name               ? 
_entity_src_gen.pdbx_host_org_scientific_name      'Escherichia coli' 
_entity_src_gen.pdbx_host_org_ncbi_taxonomy_id     562 
_entity_src_gen.host_org_genus                     ? 
_entity_src_gen.pdbx_host_org_gene                 ? 
_entity_src_gen.pdbx_host_org_organ                ? 
_entity_src_gen.host_org_species                   ? 
_entity_src_gen.pdbx_host_org_tissue               ? 
_entity_src_gen.pdbx_host_org_tissue_fraction      ? 
_entity_src_gen.pdbx_host_org_strain               ? 
_entity_src_gen.pdbx_host_org_variant              ? 
_entity_src_gen.pdbx_host_org_cell_line            ? 
_entity_src_gen.pdbx_host_org_atcc                 ? 
_entity_src_gen.pdbx_host_org_culture_collection   ? 
_entity_src_gen.pdbx_host_org_cell                 ? 
_entity_src_gen.pdbx_host_org_organelle            ? 
_entity_src_gen.pdbx_host_org_cellular_location    ? 
_entity_src_gen.pdbx_host_org_vector_type          ? 
_entity_src_gen.pdbx_host_org_vector               ? 
_entity_src_gen.host_org_details                   ? 
_entity_src_gen.expression_system_id               ? 
_entity_src_gen.plasmid_name                       ? 
_entity_src_gen.plasmid_details                    ? 
_entity_src_gen.pdbx_description                   ? 
# 
loop_
_chem_comp.id 
_chem_comp.type 
_chem_comp.mon_nstd_flag 
_chem_comp.name 
_chem_comp.pdbx_synonyms 
_chem_comp.formula 
_chem_comp.formula_weight 
ALA 'L-peptide linking' y ALANINE                                                   ? 'C3 H7 N O2'     89.093  
ARG 'L-peptide linking' y ARGININE                                                  ? 'C6 H15 N4 O2 1' 175.209 
ASN 'L-peptide linking' y ASPARAGINE                                                ? 'C4 H8 N2 O3'    132.118 
ASP 'L-peptide linking' y 'ASPARTIC ACID'                                           ? 'C4 H7 N O4'     133.103 
CD  non-polymer         . 'CADMIUM ION'                                             ? 'Cd 2'           112.411 
CYS 'L-peptide linking' y CYSTEINE                                                  ? 'C3 H7 N O2 S'   121.158 
GLN 'L-peptide linking' y GLUTAMINE                                                 ? 'C5 H10 N2 O3'   146.144 
GLU 'L-peptide linking' y 'GLUTAMIC ACID'                                           ? 'C5 H9 N O4'     147.129 
GLY 'peptide linking'   y GLYCINE                                                   ? 'C2 H5 N O2'     75.067  
HIS 'L-peptide linking' y HISTIDINE                                                 ? 'C6 H10 N3 O2 1' 156.162 
HOH non-polymer         . WATER                                                     ? 'H2 O'           18.015  
ILE 'L-peptide linking' y ISOLEUCINE                                                ? 'C6 H13 N O2'    131.173 
LEU 'L-peptide linking' y LEUCINE                                                   ? 'C6 H13 N O2'    131.173 
LYS 'L-peptide linking' y LYSINE                                                    ? 'C6 H15 N2 O2 1' 147.195 
MET 'L-peptide linking' y METHIONINE                                                ? 'C5 H11 N O2 S'  149.211 
NUY non-polymer         . '[4-(propan-2-yl)piperazin-1-yl](thiophen-2-yl)methanone' ? 'C12 H18 N2 O S' 238.349 
PHE 'L-peptide linking' y PHENYLALANINE                                             ? 'C9 H11 N O2'    165.189 
PRO 'L-peptide linking' y PROLINE                                                   ? 'C5 H9 N O2'     115.130 
SER 'L-peptide linking' y SERINE                                                    ? 'C3 H7 N O3'     105.093 
THR 'L-peptide linking' y THREONINE                                                 ? 'C4 H9 N O3'     119.119 
TRP 'L-peptide linking' y TRYPTOPHAN                                                ? 'C11 H12 N2 O2'  204.225 
TYR 'L-peptide linking' y TYROSINE                                                  ? 'C9 H11 N O3'    181.189 
VAL 'L-peptide linking' y VALINE                                                    ? 'C5 H11 N O2'    117.146 
# 
loop_
_pdbx_poly_seq_scheme.asym_id 
_pdbx_poly_seq_scheme.entity_id 
_pdbx_poly_seq_scheme.seq_id 
_pdbx_poly_seq_scheme.mon_id 
_pdbx_poly_seq_scheme.ndb_seq_num 
_pdbx_poly_seq_scheme.pdb_seq_num 
_pdbx_poly_seq_scheme.auth_seq_num 
_pdbx_poly_seq_scheme.pdb_mon_id 
_pdbx_poly_seq_scheme.auth_mon_id 
_pdbx_poly_seq_scheme.pdb_strand_id 
_pdbx_poly_seq_scheme.pdb_ins_code 
_pdbx_poly_seq_scheme.hetero 
A 1 1   GLY 1   40  ?   ?   ?   A . n 
A 1 2   GLU 2   41  41  GLU GLU A . n 
A 1 3   LEU 3   42  42  LEU LEU A . n 
A 1 4   ARG 4   43  43  ARG ARG A . n 
A 1 5   VAL 5   44  44  VAL VAL A . n 
A 1 6   GLY 6   45  45  GLY GLY A . n 
A 1 7   LEU 7   46  46  LEU LEU A . n 
A 1 8   GLU 8   47  47  GLU GLU A . n 
A 1 9   GLU 9   48  48  GLU GLU A . n 
A 1 10  SER 10  49  49  SER SER A . n 
A 1 11  GLU 11  50  50  GLU GLU A . n 
A 1 12  LEU 12  51  51  LEU LEU A . n 
A 1 13  TRP 13  52  52  TRP TRP A . n 
A 1 14  LEU 14  53  53  LEU LEU A . n 
A 1 15  ARG 15  54  54  ARG ARG A . n 
A 1 16  PHE 16  55  55  PHE PHE A . n 
A 1 17  LYS 17  56  56  LYS LYS A . n 
A 1 18  GLU 18  57  57  GLU GLU A . n 
A 1 19  LEU 19  58  58  LEU LEU A . n 
A 1 20  THR 20  59  59  THR THR A . n 
A 1 21  ASN 21  60  60  ASN ASN A . n 
A 1 22  GLU 22  61  61  GLU GLU A . n 
A 1 23  MET 23  62  62  MET MET A . n 
A 1 24  ILE 24  63  63  ILE ILE A . n 
A 1 25  VAL 25  64  64  VAL VAL A . n 
A 1 26  THR 26  65  65  THR THR A . n 
A 1 27  LYS 27  66  66  LYS LYS A . n 
A 1 28  ASN 28  67  67  ASN ASN A . n 
A 1 29  GLY 29  68  68  GLY GLY A . n 
A 1 30  ARG 30  69  69  ARG ARG A . n 
A 1 31  ARG 31  70  70  ARG ARG A . n 
A 1 32  MET 32  71  71  MET MET A . n 
A 1 33  PHE 33  72  72  PHE PHE A . n 
A 1 34  PRO 34  73  73  PRO PRO A . n 
A 1 35  VAL 35  74  74  VAL VAL A . n 
A 1 36  LEU 36  75  75  LEU LEU A . n 
A 1 37  LYS 37  76  76  LYS LYS A . n 
A 1 38  VAL 38  77  77  VAL VAL A . n 
A 1 39  ASN 39  78  78  ASN ASN A . n 
A 1 40  VAL 40  79  79  VAL VAL A . n 
A 1 41  SER 41  80  80  SER SER A . n 
A 1 42  GLY 42  81  81  GLY GLY A . n 
A 1 43  LEU 43  82  82  LEU LEU A . n 
A 1 44  ASP 44  83  83  ASP ASP A . n 
A 1 45  PRO 45  84  84  PRO PRO A . n 
A 1 46  ASN 46  85  85  ASN ASN A . n 
A 1 47  ALA 47  86  86  ALA ALA A . n 
A 1 48  MET 48  87  87  MET MET A . n 
A 1 49  TYR 49  88  88  TYR TYR A . n 
A 1 50  SER 50  89  89  SER SER A . n 
A 1 51  PHE 51  90  90  PHE PHE A . n 
A 1 52  LEU 52  91  91  LEU LEU A . n 
A 1 53  LEU 53  92  92  LEU LEU A . n 
A 1 54  ASP 54  93  93  ASP ASP A . n 
A 1 55  PHE 55  94  94  PHE PHE A . n 
A 1 56  VAL 56  95  95  VAL VAL A . n 
A 1 57  ALA 57  96  96  ALA ALA A . n 
A 1 58  ALA 58  97  97  ALA ALA A . n 
A 1 59  ASP 59  98  98  ASP ASP A . n 
A 1 60  ASN 60  99  99  ASN ASN A . n 
A 1 61  HIS 61  100 100 HIS HIS A . n 
A 1 62  ARG 62  101 101 ARG ARG A . n 
A 1 63  TRP 63  102 102 TRP TRP A . n 
A 1 64  LYS 64  103 103 LYS LYS A . n 
A 1 65  TYR 65  104 104 TYR TYR A . n 
A 1 66  VAL 66  105 105 VAL VAL A . n 
A 1 67  ASN 67  106 106 ASN ASN A . n 
A 1 68  GLY 68  107 107 GLY GLY A . n 
A 1 69  GLU 69  108 108 GLU GLU A . n 
A 1 70  TRP 70  109 109 TRP TRP A . n 
A 1 71  VAL 71  110 110 VAL VAL A . n 
A 1 72  PRO 72  111 111 PRO PRO A . n 
A 1 73  GLY 73  112 112 GLY GLY A . n 
A 1 74  GLY 74  113 113 GLY GLY A . n 
A 1 75  LYS 75  114 114 LYS LYS A . n 
A 1 76  PRO 76  115 115 PRO PRO A . n 
A 1 77  GLU 77  116 116 GLU GLU A . n 
A 1 78  PRO 78  117 117 PRO PRO A . n 
A 1 79  GLN 79  118 118 GLN GLN A . n 
A 1 80  ALA 80  119 119 ALA ALA A . n 
A 1 81  PRO 81  120 120 PRO PRO A . n 
A 1 82  SER 82  121 121 SER SER A . n 
A 1 83  CYS 83  122 122 CYS CYS A . n 
A 1 84  VAL 84  123 123 VAL VAL A . n 
A 1 85  TYR 85  124 124 TYR TYR A . n 
A 1 86  ILE 86  125 125 ILE ILE A . n 
A 1 87  HIS 87  126 126 HIS HIS A . n 
A 1 88  PRO 88  127 127 PRO PRO A . n 
A 1 89  ASP 89  128 128 ASP ASP A . n 
A 1 90  SER 90  129 129 SER SER A . n 
A 1 91  PRO 91  130 130 PRO PRO A . n 
A 1 92  ASN 92  131 131 ASN ASN A . n 
A 1 93  PHE 93  132 132 PHE PHE A . n 
A 1 94  GLY 94  133 133 GLY GLY A . n 
A 1 95  ALA 95  134 134 ALA ALA A . n 
A 1 96  HIS 96  135 135 HIS HIS A . n 
A 1 97  TRP 97  136 136 TRP TRP A . n 
A 1 98  MET 98  137 137 MET MET A . n 
A 1 99  LYS 99  138 138 LYS LYS A . n 
A 1 100 ALA 100 139 139 ALA ALA A . n 
A 1 101 PRO 101 140 140 PRO PRO A . n 
A 1 102 VAL 102 141 141 VAL VAL A . n 
A 1 103 SER 103 142 142 SER SER A . n 
A 1 104 PHE 104 143 143 PHE PHE A . n 
A 1 105 SER 105 144 144 SER SER A . n 
A 1 106 LYS 106 145 145 LYS LYS A . n 
A 1 107 VAL 107 146 146 VAL VAL A . n 
A 1 108 LYS 108 147 147 LYS LYS A . n 
A 1 109 LEU 109 148 148 LEU LEU A . n 
A 1 110 THR 110 149 149 THR THR A . n 
A 1 111 ASN 111 150 150 ASN ASN A . n 
A 1 112 LYS 112 151 151 LYS LYS A . n 
A 1 113 LEU 113 152 152 LEU LEU A . n 
A 1 114 ASN 114 153 153 ASN ASN A . n 
A 1 115 GLY 115 154 154 GLY GLY A . n 
A 1 116 GLY 116 155 155 GLY GLY A . n 
A 1 117 GLY 117 156 156 GLY GLY A . n 
A 1 118 GLN 118 157 157 GLN GLN A . n 
A 1 119 ILE 119 158 158 ILE ILE A . n 
A 1 120 MET 120 159 159 MET MET A . n 
A 1 121 LEU 121 160 160 LEU LEU A . n 
A 1 122 ASN 122 161 161 ASN ASN A . n 
A 1 123 SER 123 162 162 SER SER A . n 
A 1 124 LEU 124 163 163 LEU LEU A . n 
A 1 125 HIS 125 164 164 HIS HIS A . n 
A 1 126 LYS 126 165 165 LYS LYS A . n 
A 1 127 TYR 127 166 166 TYR TYR A . n 
A 1 128 GLU 128 167 167 GLU GLU A . n 
A 1 129 PRO 129 168 168 PRO PRO A . n 
A 1 130 ARG 130 169 169 ARG ARG A . n 
A 1 131 ILE 131 170 170 ILE ILE A . n 
A 1 132 HIS 132 171 171 HIS HIS A . n 
A 1 133 ILE 133 172 172 ILE ILE A . n 
A 1 134 VAL 134 173 173 VAL VAL A . n 
A 1 135 ARG 135 174 174 ARG ARG A . n 
A 1 136 VAL 136 175 175 VAL VAL A . n 
A 1 137 GLY 137 176 176 GLY GLY A . n 
A 1 138 GLY 138 177 177 GLY GLY A . n 
A 1 139 PRO 139 178 178 PRO PRO A . n 
A 1 140 GLN 140 179 179 GLN GLN A . n 
A 1 141 ARG 141 180 180 ARG ARG A . n 
A 1 142 MET 142 181 181 MET MET A . n 
A 1 143 ILE 143 182 182 ILE ILE A . n 
A 1 144 THR 144 183 183 THR THR A . n 
A 1 145 SER 145 184 184 SER SER A . n 
A 1 146 HIS 146 185 185 HIS HIS A . n 
A 1 147 CYS 147 186 186 CYS CYS A . n 
A 1 148 PHE 148 187 187 PHE PHE A . n 
A 1 149 PRO 149 188 188 PRO PRO A . n 
A 1 150 GLU 150 189 189 GLU GLU A . n 
A 1 151 THR 151 190 190 THR THR A . n 
A 1 152 GLN 152 191 191 GLN GLN A . n 
A 1 153 PHE 153 192 192 PHE PHE A . n 
A 1 154 ILE 154 193 193 ILE ILE A . n 
A 1 155 ALA 155 194 194 ALA ALA A . n 
A 1 156 VAL 156 195 195 VAL VAL A . n 
A 1 157 THR 157 196 196 THR THR A . n 
A 1 158 ALA 158 197 197 ALA ALA A . n 
A 1 159 TYR 159 198 198 TYR TYR A . n 
A 1 160 GLN 160 199 199 GLN GLN A . n 
A 1 161 ASN 161 200 200 ASN ASN A . n 
A 1 162 GLU 162 201 201 GLU GLU A . n 
A 1 163 GLU 163 202 202 GLU GLU A . n 
A 1 164 ILE 164 203 203 ILE ILE A . n 
A 1 165 THR 165 204 204 THR THR A . n 
A 1 166 ALA 166 205 205 ALA ALA A . n 
A 1 167 LEU 167 206 206 LEU LEU A . n 
A 1 168 LYS 168 207 207 LYS LYS A . n 
A 1 169 ILE 169 208 208 ILE ILE A . n 
A 1 170 LYS 170 209 209 LYS LYS A . n 
A 1 171 TYR 171 210 210 TYR TYR A . n 
A 1 172 ASN 172 211 211 ASN ASN A . n 
# 
loop_
_pdbx_nonpoly_scheme.asym_id 
_pdbx_nonpoly_scheme.entity_id 
_pdbx_nonpoly_scheme.mon_id 
_pdbx_nonpoly_scheme.ndb_seq_num 
_pdbx_nonpoly_scheme.pdb_seq_num 
_pdbx_nonpoly_scheme.auth_seq_num 
_pdbx_nonpoly_scheme.pdb_mon_id 
_pdbx_nonpoly_scheme.auth_mon_id 
_pdbx_nonpoly_scheme.pdb_strand_id 
_pdbx_nonpoly_scheme.pdb_ins_code 
B 2 CD  1  301 1  CD  CD  A . 
C 2 CD  1  302 2  CD  CD  A . 
D 2 CD  1  303 3  CD  CD  A . 
E 2 CD  1  304 4  CD  CD  A . 
F 2 CD  1  305 5  CD  CD  A . 
G 3 NUY 1  306 1  NUY LIG A . 
H 4 HOH 1  401 45 HOH HOH A . 
H 4 HOH 2  402 68 HOH HOH A . 
H 4 HOH 3  403 48 HOH HOH A . 
H 4 HOH 4  404 53 HOH HOH A . 
H 4 HOH 5  405 79 HOH HOH A . 
H 4 HOH 6  406 61 HOH HOH A . 
H 4 HOH 7  407 58 HOH HOH A . 
H 4 HOH 8  408 16 HOH HOH A . 
H 4 HOH 9  409 54 HOH HOH A . 
H 4 HOH 10 410 21 HOH HOH A . 
H 4 HOH 11 411 52 HOH HOH A . 
H 4 HOH 12 412 71 HOH HOH A . 
H 4 HOH 13 413 14 HOH HOH A . 
H 4 HOH 14 414 44 HOH HOH A . 
H 4 HOH 15 415 24 HOH HOH A . 
H 4 HOH 16 416 41 HOH HOH A . 
H 4 HOH 17 417 50 HOH HOH A . 
H 4 HOH 18 418 52 HOH HOH A . 
H 4 HOH 19 419 51 HOH HOH A . 
H 4 HOH 20 420 32 HOH HOH A . 
H 4 HOH 21 421 70 HOH HOH A . 
H 4 HOH 22 422 45 HOH HOH A . 
H 4 HOH 23 423 6  HOH HOH A . 
H 4 HOH 24 424 4  HOH HOH A . 
H 4 HOH 25 425 33 HOH HOH A . 
H 4 HOH 26 426 3  HOH HOH A . 
H 4 HOH 27 427 55 HOH HOH A . 
H 4 HOH 28 428 1  HOH HOH A . 
H 4 HOH 29 429 31 HOH HOH A . 
H 4 HOH 30 430 47 HOH HOH A . 
H 4 HOH 31 431 75 HOH HOH A . 
H 4 HOH 32 432 17 HOH HOH A . 
H 4 HOH 33 433 63 HOH HOH A . 
H 4 HOH 34 434 69 HOH HOH A . 
H 4 HOH 35 435 10 HOH HOH A . 
H 4 HOH 36 436 60 HOH HOH A . 
H 4 HOH 37 437 49 HOH HOH A . 
H 4 HOH 38 438 8  HOH HOH A . 
H 4 HOH 39 439 14 HOH HOH A . 
H 4 HOH 40 440 67 HOH HOH A . 
H 4 HOH 41 441 73 HOH HOH A . 
H 4 HOH 42 442 8  HOH HOH A . 
H 4 HOH 43 443 28 HOH HOH A . 
H 4 HOH 44 444 56 HOH HOH A . 
H 4 HOH 45 445 66 HOH HOH A . 
H 4 HOH 46 446 64 HOH HOH A . 
H 4 HOH 47 447 46 HOH HOH A . 
H 4 HOH 48 448 12 HOH HOH A . 
H 4 HOH 49 449 57 HOH HOH A . 
H 4 HOH 50 450 2  HOH HOH A . 
H 4 HOH 51 451 4  HOH HOH A . 
H 4 HOH 52 452 18 HOH HOH A . 
H 4 HOH 53 453 11 HOH HOH A . 
H 4 HOH 54 454 1  HOH HOH A . 
H 4 HOH 55 455 77 HOH HOH A . 
H 4 HOH 56 456 15 HOH HOH A . 
H 4 HOH 57 457 30 HOH HOH A . 
H 4 HOH 58 458 23 HOH HOH A . 
H 4 HOH 59 459 6  HOH HOH A . 
H 4 HOH 60 460 65 HOH HOH A . 
H 4 HOH 61 461 7  HOH HOH A . 
H 4 HOH 62 462 5  HOH HOH A . 
H 4 HOH 63 463 3  HOH HOH A . 
H 4 HOH 64 464 62 HOH HOH A . 
H 4 HOH 65 465 72 HOH HOH A . 
H 4 HOH 66 466 10 HOH HOH A . 
H 4 HOH 67 467 78 HOH HOH A . 
H 4 HOH 68 468 43 HOH HOH A . 
H 4 HOH 69 469 16 HOH HOH A . 
H 4 HOH 70 470 18 HOH HOH A . 
H 4 HOH 71 471 17 HOH HOH A . 
# 
loop_
_pdbx_unobs_or_zero_occ_atoms.id 
_pdbx_unobs_or_zero_occ_atoms.PDB_model_num 
_pdbx_unobs_or_zero_occ_atoms.polymer_flag 
_pdbx_unobs_or_zero_occ_atoms.occupancy_flag 
_pdbx_unobs_or_zero_occ_atoms.auth_asym_id 
_pdbx_unobs_or_zero_occ_atoms.auth_comp_id 
_pdbx_unobs_or_zero_occ_atoms.auth_seq_id 
_pdbx_unobs_or_zero_occ_atoms.PDB_ins_code 
_pdbx_unobs_or_zero_occ_atoms.auth_atom_id 
_pdbx_unobs_or_zero_occ_atoms.label_alt_id 
_pdbx_unobs_or_zero_occ_atoms.label_asym_id 
_pdbx_unobs_or_zero_occ_atoms.label_comp_id 
_pdbx_unobs_or_zero_occ_atoms.label_seq_id 
_pdbx_unobs_or_zero_occ_atoms.label_atom_id 
1 1 Y 1 A ARG 43 ? CG  ? A ARG 4 CG  
2 1 Y 1 A ARG 43 ? CD  ? A ARG 4 CD  
3 1 Y 1 A ARG 43 ? NE  ? A ARG 4 NE  
4 1 Y 1 A ARG 43 ? CZ  ? A ARG 4 CZ  
5 1 Y 1 A ARG 43 ? NH1 ? A ARG 4 NH1 
6 1 Y 1 A ARG 43 ? NH2 ? A ARG 4 NH2 
# 
loop_
_software.pdbx_ordinal 
_software.name 
_software.version 
_software.date 
_software.type 
_software.contact_author 
_software.contact_author_email 
_software.classification 
_software.location 
_software.language 
_software.citation_id 
1 REFMAC      5.8.0238 ?               program 'Garib N. Murshudov' garib@ysbl.york.ac.uk    refinement        
http://www.ccp4.ac.uk/dist/html/refmac5.html        Fortran_77 ? 
2 Aimless     0.7.1    27/03/18        program 'Phil Evans'         ?                        'data scaling'    
http://www.mrc-lmb.cam.ac.uk/harry/pre/aimless.html ?          ? 
3 PDB_EXTRACT 3.23     'SEP. 23, 2016' package PDB                  deposit@deposit.rcsb.org 'data extraction' 
http://sw-tools.pdb.org/apps/PDB_EXTRACT/           C++        ? 
4 XDS         .        ?               program ?                    ?                        'data reduction'  ? ?          ? 
5 REFMAC      .        ?               program ?                    ?                        phasing           ? ?          ? 
# 
_cell.entry_id           5QRI 
_cell.length_a           59.957 
_cell.length_b           59.957 
_cell.length_c           110.153 
_cell.angle_alpha        90.000 
_cell.angle_beta         90.000 
_cell.angle_gamma        90.000 
_cell.Z_PDB              8 
_cell.pdbx_unique_axis   ? 
# 
_symmetry.entry_id                         5QRI 
_symmetry.Int_Tables_number                91 
_symmetry.space_group_name_H-M             'P 41 2 2' 
_symmetry.pdbx_full_space_group_name_H-M   ? 
_symmetry.cell_setting                     ? 
# 
_exptl.crystals_number   1 
_exptl.entry_id          5QRI 
_exptl.method            'X-RAY DIFFRACTION' 
# 
_exptl_crystal.id                    1 
_exptl_crystal.pdbx_mosaicity        0.000 
_exptl_crystal.pdbx_mosaicity_esd    ? 
_exptl_crystal.density_Matthews      2.53 
_exptl_crystal.density_diffrn        ? 
_exptl_crystal.density_meas          ? 
_exptl_crystal.density_meas_temp     ? 
_exptl_crystal.density_percent_sol   51.30 
_exptl_crystal.size_max              ? 
_exptl_crystal.size_mid              ? 
_exptl_crystal.size_min              ? 
_exptl_crystal.size_rad              ? 
_exptl_crystal.description           ? 
# 
_exptl_crystal_grow.crystal_id      1 
_exptl_crystal_grow.method          'VAPOR DIFFUSION, SITTING DROP' 
_exptl_crystal_grow.pH              4.5 
_exptl_crystal_grow.temp            298 
_exptl_crystal_grow.pdbx_details    '0.1 M CdCl, 0.1 M Acetate pH 4.5, 32% PEG 400' 
_exptl_crystal_grow.temp_details    ? 
_exptl_crystal_grow.pdbx_pH_range   ? 
# 
_diffrn.id                     1 
_diffrn.ambient_temp           100 
_diffrn.crystal_id             1 
_diffrn.ambient_temp_details   ? 
# 
_diffrn_detector.detector               PIXEL 
_diffrn_detector.type                   'DECTRIS PILATUS 6M' 
_diffrn_detector.pdbx_collection_date   2018-07-15 
_diffrn_detector.diffrn_id              1 
_diffrn_detector.details                ? 
# 
_diffrn_radiation.diffrn_id                        1 
_diffrn_radiation.wavelength_id                    1 
_diffrn_radiation.pdbx_diffrn_protocol             'SINGLE WAVELENGTH' 
_diffrn_radiation.pdbx_monochromatic_or_laue_m_l   M 
_diffrn_radiation.monochromator                    ? 
_diffrn_radiation.pdbx_scattering_type             x-ray 
# 
_diffrn_radiation_wavelength.id           1 
_diffrn_radiation_wavelength.wavelength   0.91587 
_diffrn_radiation_wavelength.wt           1.0 
# 
_diffrn_source.diffrn_id                   1 
_diffrn_source.source                      SYNCHROTRON 
_diffrn_source.type                        'DIAMOND BEAMLINE I04-1' 
_diffrn_source.pdbx_wavelength_list        0.91587 
_diffrn_source.pdbx_synchrotron_site       Diamond 
_diffrn_source.pdbx_synchrotron_beamline   I04-1 
_diffrn_source.pdbx_wavelength             ? 
# 
_reflns.entry_id                     5QRI 
_reflns.pdbx_diffrn_id               1 
_reflns.pdbx_ordinal                 1 
_reflns.observed_criterion_sigma_I   ? 
_reflns.observed_criterion_sigma_F   ? 
_reflns.d_resolution_low             55.070 
_reflns.d_resolution_high            1.830 
_reflns.number_obs                   18491 
_reflns.number_all                   ? 
_reflns.percent_possible_obs         100.000 
_reflns.pdbx_Rmerge_I_obs            0.119 
_reflns.pdbx_Rsym_value              ? 
_reflns.pdbx_netI_over_sigmaI        11.200 
_reflns.B_iso_Wilson_estimate        ? 
_reflns.pdbx_redundancy              12.400 
_reflns.pdbx_Rrim_I_all              0.125 
_reflns.pdbx_Rpim_I_all              0.035 
_reflns.pdbx_CC_half                 0.998 
_reflns.pdbx_netI_over_av_sigmaI     ? 
_reflns.pdbx_number_measured_all     230062 
_reflns.pdbx_scaling_rejects         248 
_reflns.pdbx_chi_squared             ? 
_reflns.Rmerge_F_all                 ? 
_reflns.Rmerge_F_obs                 ? 
_reflns.observed_criterion_F_max     ? 
_reflns.observed_criterion_F_min     ? 
_reflns.observed_criterion_I_max     ? 
_reflns.observed_criterion_I_min     ? 
_reflns.pdbx_d_res_high_opt          ? 
_reflns.pdbx_d_res_low_opt           ? 
_reflns.details                      ? 
# 
loop_
_reflns_shell.pdbx_diffrn_id 
_reflns_shell.pdbx_ordinal 
_reflns_shell.d_res_high 
_reflns_shell.d_res_low 
_reflns_shell.number_measured_obs 
_reflns_shell.number_measured_all 
_reflns_shell.number_unique_obs 
_reflns_shell.pdbx_rejects 
_reflns_shell.Rmerge_I_obs 
_reflns_shell.meanI_over_sigI_obs 
_reflns_shell.pdbx_Rsym_value 
_reflns_shell.pdbx_chi_squared 
_reflns_shell.pdbx_redundancy 
_reflns_shell.percent_possible_obs 
_reflns_shell.pdbx_netI_over_sigmaI_obs 
_reflns_shell.number_possible 
_reflns_shell.number_unique_all 
_reflns_shell.Rmerge_F_all 
_reflns_shell.Rmerge_F_obs 
_reflns_shell.Rmerge_I_all 
_reflns_shell.meanI_over_sigI_all 
_reflns_shell.percent_possible_all 
_reflns_shell.pdbx_Rrim_I_all 
_reflns_shell.pdbx_Rpim_I_all 
_reflns_shell.pdbx_CC_half 
1 1 1.830 1.880  ? 17134 ? ? 2.121 ? ? ? 12.800 ? 1.200  ? 1340 ? ? ? ? 100.000 2.208 0.610 0.772 
1 2 8.180 55.070 ? 2795  ? ? 0.050 ? ? ? 10.200 ? 33.900 ? 273  ? ? ? ? 99.800  0.053 0.016 0.995 
# 
_refine.entry_id                                 5QRI 
_refine.pdbx_refine_id                           'X-RAY DIFFRACTION' 
_refine.ls_d_res_high                            1.8300 
_refine.ls_d_res_low                             52.7200 
_refine.pdbx_ls_sigma_F                          0.000 
_refine.pdbx_data_cutoff_high_absF               ? 
_refine.pdbx_data_cutoff_low_absF                ? 
_refine.ls_percent_reflns_obs                    99.8800 
_refine.ls_number_reflns_obs                     17564 
_refine.ls_number_reflns_all                     ? 
_refine.pdbx_ls_cross_valid_method               THROUGHOUT 
_refine.ls_matrix_type                           ? 
_refine.pdbx_R_Free_selection_details            RANDOM 
_refine.details                                  
'HYDROGENS HAVE BEEN ADDED IN THE RIDING POSITIONS U VALUES      : REFINED INDIVIDUALLY' 
_refine.ls_R_factor_all                          ? 
_refine.ls_R_factor_obs                          0.2189 
_refine.ls_R_factor_R_work                       0.2166 
_refine.ls_wR_factor_R_work                      ? 
_refine.ls_R_factor_R_free                       0.2685 
_refine.ls_wR_factor_R_free                      ? 
_refine.ls_percent_reflns_R_free                 4.7000 
_refine.ls_number_reflns_R_free                  871 
_refine.ls_number_reflns_R_work                  ? 
_refine.ls_R_factor_R_free_error                 ? 
_refine.B_iso_mean                               42.8670 
_refine.solvent_model_param_bsol                 ? 
_refine.solvent_model_param_ksol                 ? 
_refine.pdbx_isotropic_thermal_model             ? 
_refine.aniso_B[1][1]                            1.6600 
_refine.aniso_B[2][2]                            1.6600 
_refine.aniso_B[3][3]                            -3.3200 
_refine.aniso_B[1][2]                            -0.0000 
_refine.aniso_B[1][3]                            -0.0000 
_refine.aniso_B[2][3]                            -0.0000 
_refine.correlation_coeff_Fo_to_Fc               0.9590 
_refine.correlation_coeff_Fo_to_Fc_free          0.9300 
_refine.overall_SU_R_Cruickshank_DPI             ? 
_refine.pdbx_overall_SU_R_free_Cruickshank_DPI   ? 
_refine.pdbx_overall_SU_R_Blow_DPI               ? 
_refine.pdbx_overall_SU_R_free_Blow_DPI          ? 
_refine.overall_SU_R_free                        ? 
_refine.pdbx_overall_ESU_R                       0.1450 
_refine.pdbx_overall_ESU_R_Free                  0.1460 
_refine.overall_SU_ML                            0.1220 
_refine.overall_SU_B                             4.2590 
_refine.solvent_model_details                    MASK 
_refine.pdbx_solvent_vdw_probe_radii             1.2000 
_refine.pdbx_solvent_ion_probe_radii             0.8000 
_refine.pdbx_solvent_shrinkage_radii             0.8000 
_refine.ls_number_parameters                     ? 
_refine.ls_number_restraints                     ? 
_refine.pdbx_starting_model                      6f58 
_refine.pdbx_method_to_determine_struct          'FOURIER SYNTHESIS' 
_refine.pdbx_stereochemistry_target_values       'MAXIMUM LIKELIHOOD' 
_refine.pdbx_stereochem_target_val_spec_case     ? 
_refine.overall_FOM_work_R_set                   ? 
_refine.B_iso_max                                124.730 
_refine.B_iso_min                                21.350 
_refine.pdbx_overall_phase_error                 ? 
_refine.occupancy_max                            ? 
_refine.occupancy_min                            ? 
_refine.pdbx_diffrn_id                           1 
_refine.pdbx_TLS_residual_ADP_flag               ? 
_refine.pdbx_ls_sigma_I                          ? 
_refine.pdbx_data_cutoff_high_rms_absF           ? 
_refine.ls_R_factor_R_free_error_details         ? 
# 
_refine_hist.cycle_id                         final 
_refine_hist.pdbx_refine_id                   'X-RAY DIFFRACTION' 
_refine_hist.d_res_high                       1.8300 
_refine_hist.d_res_low                        52.7200 
_refine_hist.pdbx_number_atoms_ligand         20 
_refine_hist.number_atoms_solvent             71 
_refine_hist.number_atoms_total               1460 
_refine_hist.pdbx_number_residues_total       172 
_refine_hist.pdbx_B_iso_mean_ligand           81.30 
_refine_hist.pdbx_B_iso_mean_solvent          41.85 
_refine_hist.pdbx_number_atoms_protein        1369 
_refine_hist.pdbx_number_atoms_nucleic_acid   0 
# 
loop_
_refine_ls_restr.pdbx_refine_id 
_refine_ls_restr.type 
_refine_ls_restr.number 
_refine_ls_restr.dev_ideal 
_refine_ls_restr.dev_ideal_target 
_refine_ls_restr.weight 
_refine_ls_restr.pdbx_restraint_function 
'X-RAY DIFFRACTION' r_bond_refined_d       1496 0.010  0.013  ? ? 
'X-RAY DIFFRACTION' r_bond_other_d         1352 0.001  0.017  ? ? 
'X-RAY DIFFRACTION' r_angle_refined_deg    1995 1.604  1.673  ? ? 
'X-RAY DIFFRACTION' r_angle_other_deg      3148 1.307  1.608  ? ? 
'X-RAY DIFFRACTION' r_dihedral_angle_1_deg 177  7.672  5.000  ? ? 
'X-RAY DIFFRACTION' r_dihedral_angle_2_deg 71   30.925 22.676 ? ? 
'X-RAY DIFFRACTION' r_dihedral_angle_3_deg 241  17.314 15.000 ? ? 
'X-RAY DIFFRACTION' r_dihedral_angle_4_deg 7    13.126 15.000 ? ? 
'X-RAY DIFFRACTION' r_chiral_restr         183  0.078  0.200  ? ? 
'X-RAY DIFFRACTION' r_gen_planes_refined   1679 0.009  0.020  ? ? 
'X-RAY DIFFRACTION' r_gen_planes_other     306  0.002  0.020  ? ? 
'X-RAY DIFFRACTION' r_mcbond_it            714  3.864  4.291  ? ? 
'X-RAY DIFFRACTION' r_mcbond_other         715  3.861  4.298  ? ? 
'X-RAY DIFFRACTION' r_mcangle_it           883  5.638  6.412  ? ? 
# 
_refine_ls_shell.d_res_high                       1.8290 
_refine_ls_shell.d_res_low                        1.8770 
_refine_ls_shell.pdbx_total_number_of_bins_used   20 
_refine_ls_shell.percent_reflns_obs               99.4800 
_refine_ls_shell.number_reflns_R_work             1281 
_refine_ls_shell.R_factor_all                     ? 
_refine_ls_shell.R_factor_R_work                  0.3390 
_refine_ls_shell.R_factor_R_free                  0.3230 
_refine_ls_shell.percent_reflns_R_free            ? 
_refine_ls_shell.number_reflns_R_free             50 
_refine_ls_shell.R_factor_R_free_error            ? 
_refine_ls_shell.number_reflns_all                1331 
_refine_ls_shell.number_reflns_obs                ? 
_refine_ls_shell.pdbx_refine_id                   'X-RAY DIFFRACTION' 
# 
_struct.entry_id                  5QRI 
_struct.title                     
'PanDDA analysis group deposition -- Crystal Structure of human Brachyury in complex with Z2856434826' 
_struct.pdbx_model_details        ? 
_struct.pdbx_CASP_flag            ? 
_struct.pdbx_model_type_details   ? 
# 
_struct_keywords.entry_id        5QRI 
_struct_keywords.text            'SGC - Diamond I04-1 fragment screening, PanDDA, XChemExplorer, TRANSCRIPTION' 
_struct_keywords.pdbx_keywords   TRANSCRIPTION 
# 
loop_
_struct_asym.id 
_struct_asym.pdbx_blank_PDB_chainid_flag 
_struct_asym.pdbx_modified 
_struct_asym.entity_id 
_struct_asym.details 
A N N 1 ? 
B N N 2 ? 
C N N 2 ? 
D N N 2 ? 
E N N 2 ? 
F N N 2 ? 
G N N 3 ? 
H N N 4 ? 
# 
_struct_ref.id                         1 
_struct_ref.db_name                    UNP 
_struct_ref.db_code                    TBXT_HUMAN 
_struct_ref.pdbx_db_accession          O15178 
_struct_ref.pdbx_db_isoform            ? 
_struct_ref.entity_id                  1 
_struct_ref.pdbx_seq_one_letter_code   
;ELRVGLEESELWLRFKELTNEMIVTKNGRRMFPVLKVNVSGLDPNAMYSFLLDFVAADNHRWKYVNGEWVPGGKPEPQAP
SCVYIHPDSPNFGAHWMKAPVSFSKVKLTNKLNGGGQIMLNSLHKYEPRIHIVRVGGPQRMITSHCFPETQFIAVTAYQN
EEITALKIKYN
;
_struct_ref.pdbx_align_begin           41 
# 
_struct_ref_seq.align_id                      1 
_struct_ref_seq.ref_id                        1 
_struct_ref_seq.pdbx_PDB_id_code              5QRI 
_struct_ref_seq.pdbx_strand_id                A 
_struct_ref_seq.seq_align_beg                 2 
_struct_ref_seq.pdbx_seq_align_beg_ins_code   ? 
_struct_ref_seq.seq_align_end                 172 
_struct_ref_seq.pdbx_seq_align_end_ins_code   ? 
_struct_ref_seq.pdbx_db_accession             O15178 
_struct_ref_seq.db_align_beg                  41 
_struct_ref_seq.pdbx_db_align_beg_ins_code    ? 
_struct_ref_seq.db_align_end                  211 
_struct_ref_seq.pdbx_db_align_end_ins_code    ? 
_struct_ref_seq.pdbx_auth_seq_align_beg       41 
_struct_ref_seq.pdbx_auth_seq_align_end       211 
# 
_struct_ref_seq_dif.align_id                     1 
_struct_ref_seq_dif.pdbx_pdb_id_code             5QRI 
_struct_ref_seq_dif.mon_id                       GLY 
_struct_ref_seq_dif.pdbx_pdb_strand_id           A 
_struct_ref_seq_dif.seq_num                      1 
_struct_ref_seq_dif.pdbx_pdb_ins_code            ? 
_struct_ref_seq_dif.pdbx_seq_db_name             UNP 
_struct_ref_seq_dif.pdbx_seq_db_accession_code   O15178 
_struct_ref_seq_dif.db_mon_id                    ? 
_struct_ref_seq_dif.pdbx_seq_db_seq_num          ? 
_struct_ref_seq_dif.details                      'expression tag' 
_struct_ref_seq_dif.pdbx_auth_seq_num            40 
_struct_ref_seq_dif.pdbx_ordinal                 1 
# 
_pdbx_struct_assembly.id                   1 
_pdbx_struct_assembly.details              author_defined_assembly 
_pdbx_struct_assembly.method_details       ? 
_pdbx_struct_assembly.oligomeric_details   monomeric 
_pdbx_struct_assembly.oligomeric_count     1 
# 
_pdbx_struct_assembly_gen.assembly_id       1 
_pdbx_struct_assembly_gen.oper_expression   1 
_pdbx_struct_assembly_gen.asym_id_list      A,B,C,D,E,F,G,H 
# 
_pdbx_struct_oper_list.id                   1 
_pdbx_struct_oper_list.type                 'identity operation' 
_pdbx_struct_oper_list.name                 1_555 
_pdbx_struct_oper_list.symmetry_operation   x,y,z 
_pdbx_struct_oper_list.matrix[1][1]         1.0000000000 
_pdbx_struct_oper_list.matrix[1][2]         0.0000000000 
_pdbx_struct_oper_list.matrix[1][3]         0.0000000000 
_pdbx_struct_oper_list.vector[1]            0.0000000000 
_pdbx_struct_oper_list.matrix[2][1]         0.0000000000 
_pdbx_struct_oper_list.matrix[2][2]         1.0000000000 
_pdbx_struct_oper_list.matrix[2][3]         0.0000000000 
_pdbx_struct_oper_list.vector[2]            0.0000000000 
_pdbx_struct_oper_list.matrix[3][1]         0.0000000000 
_pdbx_struct_oper_list.matrix[3][2]         0.0000000000 
_pdbx_struct_oper_list.matrix[3][3]         1.0000000000 
_pdbx_struct_oper_list.vector[3]            0.0000000000 
# 
loop_
_struct_conf.conf_type_id 
_struct_conf.id 
_struct_conf.pdbx_PDB_helix_id 
_struct_conf.beg_label_comp_id 
_struct_conf.beg_label_asym_id 
_struct_conf.beg_label_seq_id 
_struct_conf.pdbx_beg_PDB_ins_code 
_struct_conf.end_label_comp_id 
_struct_conf.end_label_asym_id 
_struct_conf.end_label_seq_id 
_struct_conf.pdbx_end_PDB_ins_code 
_struct_conf.beg_auth_comp_id 
_struct_conf.beg_auth_asym_id 
_struct_conf.beg_auth_seq_id 
_struct_conf.end_auth_comp_id 
_struct_conf.end_auth_asym_id 
_struct_conf.end_auth_seq_id 
_struct_conf.pdbx_PDB_helix_class 
_struct_conf.details 
_struct_conf.pdbx_PDB_helix_length 
HELX_P HELX_P1 AA1 GLU A 9   ? LEU A 19  ? GLU A 48  LEU A 58  1 ? 11 
HELX_P HELX_P2 AA2 GLY A 94  ? LYS A 99  ? GLY A 133 LYS A 138 1 ? 6  
HELX_P HELX_P3 AA3 PRO A 149 ? GLN A 152 ? PRO A 188 GLN A 191 5 ? 4  
HELX_P HELX_P4 AA4 ASN A 161 ? ASN A 172 ? ASN A 200 ASN A 211 1 ? 12 
# 
_struct_conf_type.id          HELX_P 
_struct_conf_type.criteria    ? 
_struct_conf_type.reference   ? 
# 
loop_
_struct_conn.id 
_struct_conn.conn_type_id 
_struct_conn.pdbx_leaving_atom_flag 
_struct_conn.pdbx_PDB_id 
_struct_conn.ptnr1_label_asym_id 
_struct_conn.ptnr1_label_comp_id 
_struct_conn.ptnr1_label_seq_id 
_struct_conn.ptnr1_label_atom_id 
_struct_conn.pdbx_ptnr1_label_alt_id 
_struct_conn.pdbx_ptnr1_PDB_ins_code 
_struct_conn.pdbx_ptnr1_standard_comp_id 
_struct_conn.ptnr1_symmetry 
_struct_conn.ptnr2_label_asym_id 
_struct_conn.ptnr2_label_comp_id 
_struct_conn.ptnr2_label_seq_id 
_struct_conn.ptnr2_label_atom_id 
_struct_conn.pdbx_ptnr2_label_alt_id 
_struct_conn.pdbx_ptnr2_PDB_ins_code 
_struct_conn.ptnr1_auth_asym_id 
_struct_conn.ptnr1_auth_comp_id 
_struct_conn.ptnr1_auth_seq_id 
_struct_conn.ptnr2_auth_asym_id 
_struct_conn.ptnr2_auth_comp_id 
_struct_conn.ptnr2_auth_seq_id 
_struct_conn.ptnr2_symmetry 
_struct_conn.pdbx_ptnr3_label_atom_id 
_struct_conn.pdbx_ptnr3_label_seq_id 
_struct_conn.pdbx_ptnr3_label_comp_id 
_struct_conn.pdbx_ptnr3_label_asym_id 
_struct_conn.pdbx_ptnr3_label_alt_id 
_struct_conn.pdbx_ptnr3_PDB_ins_code 
_struct_conn.details 
_struct_conn.pdbx_dist_value 
_struct_conn.pdbx_value_order 
_struct_conn.pdbx_role 
metalc1  metalc ? ? A HIS 61  NE2 ? ? ? 1_555 E CD  . CD ? ? A HIS 100 A CD  304 1_555 ? ? ? ? ? ? ? 2.190 ? ? 
metalc2  metalc ? ? A CYS 83  SG  ? ? ? 1_555 D CD  . CD ? ? A CYS 122 A CD  303 1_555 ? ? ? ? ? ? ? 2.712 ? ? 
metalc3  metalc ? ? A CYS 83  SG  ? ? ? 1_555 F CD  . CD ? ? A CYS 122 A CD  305 1_555 ? ? ? ? ? ? ? 2.348 ? ? 
metalc4  metalc ? ? A GLU 128 OE1 ? ? ? 1_555 B CD  . CD ? ? A GLU 167 A CD  301 1_555 ? ? ? ? ? ? ? 2.525 ? ? 
metalc5  metalc ? ? A GLU 128 OE1 ? ? ? 1_555 B CD  . CD ? ? A GLU 167 A CD  301 5_655 ? ? ? ? ? ? ? 2.524 ? ? 
metalc6  metalc ? ? A GLU 128 OE1 ? ? ? 1_555 C CD  . CD ? ? A GLU 167 A CD  302 1_555 ? ? ? ? ? ? ? 2.595 ? ? 
metalc7  metalc ? ? A GLU 128 OE2 ? ? ? 1_555 C CD  . CD ? ? A GLU 167 A CD  302 1_555 ? ? ? ? ? ? ? 2.365 ? ? 
metalc8  metalc ? ? A CYS 147 SG  A ? ? 1_555 B CD  . CD ? ? A CYS 186 A CD  301 1_555 ? ? ? ? ? ? ? 2.447 ? ? 
metalc9  metalc ? ? A CYS 147 SG  B ? ? 1_555 B CD  . CD ? ? A CYS 186 A CD  301 1_555 ? ? ? ? ? ? ? 2.394 ? ? 
metalc10 metalc ? ? A CYS 147 SG  A ? ? 1_555 B CD  . CD ? ? A CYS 186 A CD  301 5_655 ? ? ? ? ? ? ? 2.447 ? ? 
metalc11 metalc ? ? A CYS 147 SG  B ? ? 1_555 B CD  . CD ? ? A CYS 186 A CD  301 5_655 ? ? ? ? ? ? ? 2.394 ? ? 
metalc12 metalc ? ? A CYS 147 SG  A ? ? 1_555 C CD  . CD ? ? A CYS 186 A CD  302 5_655 ? ? ? ? ? ? ? 2.603 ? ? 
metalc13 metalc ? ? A CYS 147 SG  B ? ? 1_555 C CD  . CD ? ? A CYS 186 A CD  302 5_655 ? ? ? ? ? ? ? 2.466 ? ? 
metalc14 metalc ? ? B CD  .   CD  ? ? ? 1_555 H HOH . O  ? ? A CD  301 A HOH 454 1_555 ? ? ? ? ? ? ? 2.275 ? ? 
metalc15 metalc ? ? B CD  .   CD  ? ? ? 1_555 H HOH . O  ? ? A CD  301 A HOH 454 5_655 ? ? ? ? ? ? ? 2.275 ? ? 
metalc16 metalc ? ? C CD  .   CD  ? ? ? 1_555 H HOH . O  ? ? A CD  302 A HOH 451 5_655 ? ? ? ? ? ? ? 2.110 ? ? 
metalc17 metalc ? ? C CD  .   CD  ? ? ? 1_555 H HOH . O  ? ? A CD  302 A HOH 463 1_555 ? ? ? ? ? ? ? 2.303 ? ? 
metalc18 metalc ? ? D CD  .   CD  ? ? ? 1_555 H HOH . O  ? ? A CD  303 A HOH 455 1_555 ? ? ? ? ? ? ? 2.503 ? ? 
metalc19 metalc ? ? D CD  .   CD  ? ? ? 1_555 H HOH . O  ? ? A CD  303 A HOH 471 1_555 ? ? ? ? ? ? ? 2.664 ? ? 
metalc20 metalc ? ? E CD  .   CD  ? ? ? 1_555 H HOH . O  ? ? A CD  304 A HOH 459 1_555 ? ? ? ? ? ? ? 2.172 ? ? 
metalc21 metalc ? ? E CD  .   CD  ? ? ? 1_555 H HOH . O  ? ? A CD  304 A HOH 461 1_555 ? ? ? ? ? ? ? 2.451 ? ? 
metalc22 metalc ? ? E CD  .   CD  ? ? ? 1_555 H HOH . O  ? ? A CD  304 A HOH 462 1_555 ? ? ? ? ? ? ? 2.107 ? ? 
metalc23 metalc ? ? F CD  .   CD  ? ? ? 1_555 H HOH . O  ? ? A CD  305 A HOH 448 1_555 ? ? ? ? ? ? ? 2.525 ? ? 
metalc24 metalc ? ? F CD  .   CD  ? ? ? 1_555 H HOH . O  ? ? A CD  305 A HOH 470 1_555 ? ? ? ? ? ? ? 2.557 ? ? 
# 
_struct_conn_type.id          metalc 
_struct_conn_type.criteria    ? 
_struct_conn_type.reference   ? 
# 
loop_
_pdbx_struct_conn_angle.id 
_pdbx_struct_conn_angle.ptnr1_label_atom_id 
_pdbx_struct_conn_angle.ptnr1_label_alt_id 
_pdbx_struct_conn_angle.ptnr1_label_asym_id 
_pdbx_struct_conn_angle.ptnr1_label_comp_id 
_pdbx_struct_conn_angle.ptnr1_label_seq_id 
_pdbx_struct_conn_angle.ptnr1_auth_atom_id 
_pdbx_struct_conn_angle.ptnr1_auth_asym_id 
_pdbx_struct_conn_angle.ptnr1_auth_comp_id 
_pdbx_struct_conn_angle.ptnr1_auth_seq_id 
_pdbx_struct_conn_angle.ptnr1_PDB_ins_code 
_pdbx_struct_conn_angle.ptnr1_symmetry 
_pdbx_struct_conn_angle.ptnr2_label_atom_id 
_pdbx_struct_conn_angle.ptnr2_label_alt_id 
_pdbx_struct_conn_angle.ptnr2_label_asym_id 
_pdbx_struct_conn_angle.ptnr2_label_comp_id 
_pdbx_struct_conn_angle.ptnr2_label_seq_id 
_pdbx_struct_conn_angle.ptnr2_auth_atom_id 
_pdbx_struct_conn_angle.ptnr2_auth_asym_id 
_pdbx_struct_conn_angle.ptnr2_auth_comp_id 
_pdbx_struct_conn_angle.ptnr2_auth_seq_id 
_pdbx_struct_conn_angle.ptnr2_PDB_ins_code 
_pdbx_struct_conn_angle.ptnr2_symmetry 
_pdbx_struct_conn_angle.ptnr3_label_atom_id 
_pdbx_struct_conn_angle.ptnr3_label_alt_id 
_pdbx_struct_conn_angle.ptnr3_label_asym_id 
_pdbx_struct_conn_angle.ptnr3_label_comp_id 
_pdbx_struct_conn_angle.ptnr3_label_seq_id 
_pdbx_struct_conn_angle.ptnr3_auth_atom_id 
_pdbx_struct_conn_angle.ptnr3_auth_asym_id 
_pdbx_struct_conn_angle.ptnr3_auth_comp_id 
_pdbx_struct_conn_angle.ptnr3_auth_seq_id 
_pdbx_struct_conn_angle.ptnr3_PDB_ins_code 
_pdbx_struct_conn_angle.ptnr3_symmetry 
_pdbx_struct_conn_angle.value 
_pdbx_struct_conn_angle.value_esd 
1  NE2 ? A HIS 61  ? A HIS 100 ? 1_555 CD ? E CD . ? A CD 304 ? 1_555 O   ? H HOH .   ? A HOH 459 ? 1_555 102.9 ? 
2  NE2 ? A HIS 61  ? A HIS 100 ? 1_555 CD ? E CD . ? A CD 304 ? 1_555 O   ? H HOH .   ? A HOH 461 ? 1_555 99.1  ? 
3  O   ? H HOH .   ? A HOH 459 ? 1_555 CD ? E CD . ? A CD 304 ? 1_555 O   ? H HOH .   ? A HOH 461 ? 1_555 117.7 ? 
4  NE2 ? A HIS 61  ? A HIS 100 ? 1_555 CD ? E CD . ? A CD 304 ? 1_555 O   ? H HOH .   ? A HOH 462 ? 1_555 111.8 ? 
5  O   ? H HOH .   ? A HOH 459 ? 1_555 CD ? E CD . ? A CD 304 ? 1_555 O   ? H HOH .   ? A HOH 462 ? 1_555 110.5 ? 
6  O   ? H HOH .   ? A HOH 461 ? 1_555 CD ? E CD . ? A CD 304 ? 1_555 O   ? H HOH .   ? A HOH 462 ? 1_555 113.6 ? 
7  SG  ? A CYS 83  ? A CYS 122 ? 1_555 CD ? D CD . ? A CD 303 ? 1_555 O   ? H HOH .   ? A HOH 455 ? 1_555 98.3  ? 
8  SG  ? A CYS 83  ? A CYS 122 ? 1_555 CD ? D CD . ? A CD 303 ? 1_555 O   ? H HOH .   ? A HOH 471 ? 1_555 86.2  ? 
9  O   ? H HOH .   ? A HOH 455 ? 1_555 CD ? D CD . ? A CD 303 ? 1_555 O   ? H HOH .   ? A HOH 471 ? 1_555 171.8 ? 
10 SG  ? A CYS 83  ? A CYS 122 ? 1_555 CD ? F CD . ? A CD 305 ? 1_555 O   ? H HOH .   ? A HOH 448 ? 1_555 101.0 ? 
11 SG  ? A CYS 83  ? A CYS 122 ? 1_555 CD ? F CD . ? A CD 305 ? 1_555 O   ? H HOH .   ? A HOH 470 ? 1_555 82.8  ? 
12 O   ? H HOH .   ? A HOH 448 ? 1_555 CD ? F CD . ? A CD 305 ? 1_555 O   ? H HOH .   ? A HOH 470 ? 1_555 175.3 ? 
13 OE1 ? A GLU 128 ? A GLU 167 ? 1_555 CD ? B CD . ? A CD 301 ? 1_555 OE1 ? A GLU 128 ? A GLU 167 ? 1_555 0.0   ? 
14 OE1 ? A GLU 128 ? A GLU 167 ? 1_555 CD ? B CD . ? A CD 301 ? 1_555 SG  A A CYS 147 ? A CYS 186 ? 1_555 93.8  ? 
15 OE1 ? A GLU 128 ? A GLU 167 ? 1_555 CD ? B CD . ? A CD 301 ? 1_555 SG  A A CYS 147 ? A CYS 186 ? 1_555 93.8  ? 
16 OE1 ? A GLU 128 ? A GLU 167 ? 1_555 CD ? B CD . ? A CD 301 ? 1_555 SG  B A CYS 147 ? A CYS 186 ? 1_555 89.5  ? 
17 OE1 ? A GLU 128 ? A GLU 167 ? 1_555 CD ? B CD . ? A CD 301 ? 1_555 SG  B A CYS 147 ? A CYS 186 ? 1_555 89.5  ? 
18 SG  A A CYS 147 ? A CYS 186 ? 1_555 CD ? B CD . ? A CD 301 ? 1_555 SG  B A CYS 147 ? A CYS 186 ? 1_555 38.9  ? 
19 OE1 ? A GLU 128 ? A GLU 167 ? 1_555 CD ? B CD . ? A CD 301 ? 1_555 SG  A A CYS 147 ? A CYS 186 ? 1_555 93.8  ? 
20 OE1 ? A GLU 128 ? A GLU 167 ? 1_555 CD ? B CD . ? A CD 301 ? 1_555 SG  A A CYS 147 ? A CYS 186 ? 1_555 93.8  ? 
21 SG  A A CYS 147 ? A CYS 186 ? 1_555 CD ? B CD . ? A CD 301 ? 1_555 SG  A A CYS 147 ? A CYS 186 ? 1_555 0.0   ? 
22 SG  B A CYS 147 ? A CYS 186 ? 1_555 CD ? B CD . ? A CD 301 ? 1_555 SG  A A CYS 147 ? A CYS 186 ? 1_555 38.9  ? 
23 OE1 ? A GLU 128 ? A GLU 167 ? 1_555 CD ? B CD . ? A CD 301 ? 1_555 SG  B A CYS 147 ? A CYS 186 ? 1_555 89.5  ? 
24 OE1 ? A GLU 128 ? A GLU 167 ? 1_555 CD ? B CD . ? A CD 301 ? 1_555 SG  B A CYS 147 ? A CYS 186 ? 1_555 89.5  ? 
25 SG  A A CYS 147 ? A CYS 186 ? 1_555 CD ? B CD . ? A CD 301 ? 1_555 SG  B A CYS 147 ? A CYS 186 ? 1_555 38.9  ? 
26 SG  B A CYS 147 ? A CYS 186 ? 1_555 CD ? B CD . ? A CD 301 ? 1_555 SG  B A CYS 147 ? A CYS 186 ? 1_555 0.0   ? 
27 SG  A A CYS 147 ? A CYS 186 ? 1_555 CD ? B CD . ? A CD 301 ? 1_555 SG  B A CYS 147 ? A CYS 186 ? 1_555 38.9  ? 
28 OE1 ? A GLU 128 ? A GLU 167 ? 1_555 CD ? B CD . ? A CD 301 ? 1_555 O   ? H HOH .   ? A HOH 454 ? 1_555 86.2  ? 
29 OE1 ? A GLU 128 ? A GLU 167 ? 1_555 CD ? B CD . ? A CD 301 ? 1_555 O   ? H HOH .   ? A HOH 454 ? 1_555 86.2  ? 
30 SG  A A CYS 147 ? A CYS 186 ? 1_555 CD ? B CD . ? A CD 301 ? 1_555 O   ? H HOH .   ? A HOH 454 ? 1_555 112.7 ? 
31 SG  B A CYS 147 ? A CYS 186 ? 1_555 CD ? B CD . ? A CD 301 ? 1_555 O   ? H HOH .   ? A HOH 454 ? 1_555 150.9 ? 
32 SG  A A CYS 147 ? A CYS 186 ? 1_555 CD ? B CD . ? A CD 301 ? 1_555 O   ? H HOH .   ? A HOH 454 ? 1_555 112.7 ? 
33 SG  B A CYS 147 ? A CYS 186 ? 1_555 CD ? B CD . ? A CD 301 ? 1_555 O   ? H HOH .   ? A HOH 454 ? 1_555 150.9 ? 
34 OE1 ? A GLU 128 ? A GLU 167 ? 1_555 CD ? B CD . ? A CD 301 ? 1_555 O   ? H HOH .   ? A HOH 454 ? 5_655 99.6  ? 
35 OE1 ? A GLU 128 ? A GLU 167 ? 1_555 CD ? B CD . ? A CD 301 ? 1_555 O   ? H HOH .   ? A HOH 454 ? 5_655 99.6  ? 
36 SG  A A CYS 147 ? A CYS 186 ? 1_555 CD ? B CD . ? A CD 301 ? 1_555 O   ? H HOH .   ? A HOH 454 ? 5_655 73.4  ? 
37 SG  B A CYS 147 ? A CYS 186 ? 1_555 CD ? B CD . ? A CD 301 ? 1_555 O   ? H HOH .   ? A HOH 454 ? 5_655 112.3 ? 
38 SG  A A CYS 147 ? A CYS 186 ? 1_555 CD ? B CD . ? A CD 301 ? 1_555 O   ? H HOH .   ? A HOH 454 ? 5_655 73.4  ? 
39 SG  B A CYS 147 ? A CYS 186 ? 1_555 CD ? B CD . ? A CD 301 ? 1_555 O   ? H HOH .   ? A HOH 454 ? 5_655 112.3 ? 
40 O   ? H HOH .   ? A HOH 454 ? 1_555 CD ? B CD . ? A CD 301 ? 1_555 O   ? H HOH .   ? A HOH 454 ? 5_655 40.8  ? 
41 OE1 ? A GLU 128 ? A GLU 167 ? 1_555 CD ? C CD . ? A CD 302 ? 1_555 OE2 ? A GLU 128 ? A GLU 167 ? 1_555 51.5  ? 
42 OE1 ? A GLU 128 ? A GLU 167 ? 1_555 CD ? C CD . ? A CD 302 ? 1_555 SG  A A CYS 147 ? A CYS 186 ? 1_555 32.3  ? 
43 OE2 ? A GLU 128 ? A GLU 167 ? 1_555 CD ? C CD . ? A CD 302 ? 1_555 SG  A A CYS 147 ? A CYS 186 ? 1_555 75.9  ? 
44 OE1 ? A GLU 128 ? A GLU 167 ? 1_555 CD ? C CD . ? A CD 302 ? 1_555 SG  B A CYS 147 ? A CYS 186 ? 1_555 44.5  ? 
45 OE2 ? A GLU 128 ? A GLU 167 ? 1_555 CD ? C CD . ? A CD 302 ? 1_555 SG  B A CYS 147 ? A CYS 186 ? 1_555 78.2  ? 
46 SG  A A CYS 147 ? A CYS 186 ? 1_555 CD ? C CD . ? A CD 302 ? 1_555 SG  B A CYS 147 ? A CYS 186 ? 1_555 15.9  ? 
47 OE1 ? A GLU 128 ? A GLU 167 ? 1_555 CD ? C CD . ? A CD 302 ? 1_555 O   ? H HOH .   ? A HOH 451 ? 5_655 140.6 ? 
48 OE2 ? A GLU 128 ? A GLU 167 ? 1_555 CD ? C CD . ? A CD 302 ? 1_555 O   ? H HOH .   ? A HOH 451 ? 5_655 101.4 ? 
49 SG  A A CYS 147 ? A CYS 186 ? 1_555 CD ? C CD . ? A CD 302 ? 1_555 O   ? H HOH .   ? A HOH 451 ? 5_655 125.4 ? 
50 SG  B A CYS 147 ? A CYS 186 ? 1_555 CD ? C CD . ? A CD 302 ? 1_555 O   ? H HOH .   ? A HOH 451 ? 5_655 109.5 ? 
51 OE1 ? A GLU 128 ? A GLU 167 ? 1_555 CD ? C CD . ? A CD 302 ? 1_555 O   ? H HOH .   ? A HOH 463 ? 1_555 108.3 ? 
52 OE2 ? A GLU 128 ? A GLU 167 ? 1_555 CD ? C CD . ? A CD 302 ? 1_555 O   ? H HOH .   ? A HOH 463 ? 1_555 106.3 ? 
53 SG  A A CYS 147 ? A CYS 186 ? 1_555 CD ? C CD . ? A CD 302 ? 1_555 O   ? H HOH .   ? A HOH 463 ? 1_555 126.6 ? 
54 SG  B A CYS 147 ? A CYS 186 ? 1_555 CD ? C CD . ? A CD 302 ? 1_555 O   ? H HOH .   ? A HOH 463 ? 1_555 141.7 ? 
55 O   ? H HOH .   ? A HOH 451 ? 5_655 CD ? C CD . ? A CD 302 ? 1_555 O   ? H HOH .   ? A HOH 463 ? 1_555 106.7 ? 
# 
loop_
_struct_mon_prot_cis.pdbx_id 
_struct_mon_prot_cis.label_comp_id 
_struct_mon_prot_cis.label_seq_id 
_struct_mon_prot_cis.label_asym_id 
_struct_mon_prot_cis.label_alt_id 
_struct_mon_prot_cis.pdbx_PDB_ins_code 
_struct_mon_prot_cis.auth_comp_id 
_struct_mon_prot_cis.auth_seq_id 
_struct_mon_prot_cis.auth_asym_id 
_struct_mon_prot_cis.pdbx_label_comp_id_2 
_struct_mon_prot_cis.pdbx_label_seq_id_2 
_struct_mon_prot_cis.pdbx_label_asym_id_2 
_struct_mon_prot_cis.pdbx_PDB_ins_code_2 
_struct_mon_prot_cis.pdbx_auth_comp_id_2 
_struct_mon_prot_cis.pdbx_auth_seq_id_2 
_struct_mon_prot_cis.pdbx_auth_asym_id_2 
_struct_mon_prot_cis.pdbx_PDB_model_num 
_struct_mon_prot_cis.pdbx_omega_angle 
1 PHE 33 A . ? PHE 72  A PRO 34 A ? PRO 73  A 1 -7.76  
2 SER 90 A . ? SER 129 A PRO 91 A ? PRO 130 A 1 -14.85 
# 
loop_
_struct_sheet.id 
_struct_sheet.type 
_struct_sheet.number_strands 
_struct_sheet.details 
AA1 ? 3 ? 
AA2 ? 5 ? 
AA3 ? 4 ? 
AA4 ? 3 ? 
AA5 ? 2 ? 
# 
loop_
_struct_sheet_order.sheet_id 
_struct_sheet_order.range_id_1 
_struct_sheet_order.range_id_2 
_struct_sheet_order.offset 
_struct_sheet_order.sense 
AA1 1 2 ? anti-parallel 
AA1 2 3 ? anti-parallel 
AA2 1 2 ? parallel      
AA2 2 3 ? anti-parallel 
AA2 3 4 ? anti-parallel 
AA2 4 5 ? anti-parallel 
AA3 1 2 ? anti-parallel 
AA3 2 3 ? anti-parallel 
AA3 3 4 ? anti-parallel 
AA4 1 2 ? anti-parallel 
AA4 2 3 ? parallel      
AA5 1 2 ? anti-parallel 
# 
loop_
_struct_sheet_range.sheet_id 
_struct_sheet_range.id 
_struct_sheet_range.beg_label_comp_id 
_struct_sheet_range.beg_label_asym_id 
_struct_sheet_range.beg_label_seq_id 
_struct_sheet_range.pdbx_beg_PDB_ins_code 
_struct_sheet_range.end_label_comp_id 
_struct_sheet_range.end_label_asym_id 
_struct_sheet_range.end_label_seq_id 
_struct_sheet_range.pdbx_end_PDB_ins_code 
_struct_sheet_range.beg_auth_comp_id 
_struct_sheet_range.beg_auth_asym_id 
_struct_sheet_range.beg_auth_seq_id 
_struct_sheet_range.end_auth_comp_id 
_struct_sheet_range.end_auth_asym_id 
_struct_sheet_range.end_auth_seq_id 
AA1 1 ARG A 4   ? LEU A 7   ? ARG A 43  LEU A 46  
AA1 2 LYS A 37  ? SER A 41  ? LYS A 76  SER A 80  
AA1 3 VAL A 102 ? SER A 103 ? VAL A 141 SER A 142 
AA2 1 GLU A 22  ? ILE A 24  ? GLU A 61  ILE A 63  
AA2 2 PHE A 153 ? VAL A 156 ? PHE A 192 VAL A 195 
AA2 3 LYS A 126 ? VAL A 136 ? LYS A 165 VAL A 175 
AA2 4 MET A 48  ? ALA A 57  ? MET A 87  ALA A 96  
AA2 5 ASN A 92  ? PHE A 93  ? ASN A 131 PHE A 132 
AA3 1 TYR A 85  ? ILE A 86  ? TYR A 124 ILE A 125 
AA3 2 MET A 48  ? ALA A 57  ? MET A 87  ALA A 96  
AA3 3 LYS A 126 ? VAL A 136 ? LYS A 165 VAL A 175 
AA3 4 MET A 142 ? CYS A 147 ? MET A 181 CYS A 186 
AA4 1 ARG A 30  ? ARG A 31  ? ARG A 69  ARG A 70  
AA4 2 LYS A 108 ? THR A 110 ? LYS A 147 THR A 149 
AA4 3 ILE A 119 ? MET A 120 ? ILE A 158 MET A 159 
AA5 1 TRP A 63  ? VAL A 66  ? TRP A 102 VAL A 105 
AA5 2 GLU A 69  ? PRO A 72  ? GLU A 108 PRO A 111 
# 
loop_
_pdbx_struct_sheet_hbond.sheet_id 
_pdbx_struct_sheet_hbond.range_id_1 
_pdbx_struct_sheet_hbond.range_id_2 
_pdbx_struct_sheet_hbond.range_1_label_atom_id 
_pdbx_struct_sheet_hbond.range_1_label_comp_id 
_pdbx_struct_sheet_hbond.range_1_label_asym_id 
_pdbx_struct_sheet_hbond.range_1_label_seq_id 
_pdbx_struct_sheet_hbond.range_1_PDB_ins_code 
_pdbx_struct_sheet_hbond.range_1_auth_atom_id 
_pdbx_struct_sheet_hbond.range_1_auth_comp_id 
_pdbx_struct_sheet_hbond.range_1_auth_asym_id 
_pdbx_struct_sheet_hbond.range_1_auth_seq_id 
_pdbx_struct_sheet_hbond.range_2_label_atom_id 
_pdbx_struct_sheet_hbond.range_2_label_comp_id 
_pdbx_struct_sheet_hbond.range_2_label_asym_id 
_pdbx_struct_sheet_hbond.range_2_label_seq_id 
_pdbx_struct_sheet_hbond.range_2_PDB_ins_code 
_pdbx_struct_sheet_hbond.range_2_auth_atom_id 
_pdbx_struct_sheet_hbond.range_2_auth_comp_id 
_pdbx_struct_sheet_hbond.range_2_auth_asym_id 
_pdbx_struct_sheet_hbond.range_2_auth_seq_id 
AA1 1 2 N GLY A 6   ? N GLY A 45  O ASN A 39  ? O ASN A 78  
AA1 2 3 N VAL A 38  ? N VAL A 77  O VAL A 102 ? O VAL A 141 
AA2 1 2 N MET A 23  ? N MET A 62  O VAL A 156 ? O VAL A 195 
AA2 2 3 O PHE A 153 ? O PHE A 192 N TYR A 127 ? N TYR A 166 
AA2 3 4 O HIS A 132 ? O HIS A 171 N LEU A 52  ? N LEU A 91  
AA2 4 5 N TYR A 49  ? N TYR A 88  O ASN A 92  ? O ASN A 131 
AA3 1 2 O TYR A 85  ? O TYR A 124 N LEU A 53  ? N LEU A 92  
AA3 2 3 N LEU A 52  ? N LEU A 91  O HIS A 132 ? O HIS A 171 
AA3 3 4 N ILE A 133 ? N ILE A 172 O THR A 144 ? O THR A 183 
AA4 1 2 N ARG A 30  ? N ARG A 69  O LEU A 109 ? O LEU A 148 
AA4 2 3 N LYS A 108 ? N LYS A 147 O ILE A 119 ? O ILE A 158 
AA5 1 2 N VAL A 66  ? N VAL A 105 O GLU A 69  ? O GLU A 108 
# 
loop_
_struct_site.id 
_struct_site.pdbx_evidence_code 
_struct_site.pdbx_auth_asym_id 
_struct_site.pdbx_auth_comp_id 
_struct_site.pdbx_auth_seq_id 
_struct_site.pdbx_auth_ins_code 
_struct_site.pdbx_num_residues 
_struct_site.details 
AC1 Software A CD  301 ? 8 'binding site for residue CD A 301'  
AC2 Software A CD  302 ? 6 'binding site for residue CD A 302'  
AC3 Software A CD  303 ? 4 'binding site for residue CD A 303'  
AC4 Software A CD  304 ? 5 'binding site for residue CD A 304'  
AC5 Software A CD  305 ? 4 'binding site for residue CD A 305'  
AC6 Software A NUY 306 ? 5 'binding site for residue NUY A 306' 
# 
loop_
_struct_site_gen.id 
_struct_site_gen.site_id 
_struct_site_gen.pdbx_num_res 
_struct_site_gen.label_comp_id 
_struct_site_gen.label_asym_id 
_struct_site_gen.label_seq_id 
_struct_site_gen.pdbx_auth_ins_code 
_struct_site_gen.auth_comp_id 
_struct_site_gen.auth_asym_id 
_struct_site_gen.auth_seq_id 
_struct_site_gen.label_atom_id 
_struct_site_gen.label_alt_id 
_struct_site_gen.symmetry 
_struct_site_gen.details 
1  AC1 8 GLU A 128 ? GLU A 167 . ? 1_555 ? 
2  AC1 8 GLU A 128 ? GLU A 167 . ? 5_655 ? 
3  AC1 8 CYS A 147 ? CYS A 186 . ? 1_555 ? 
4  AC1 8 CYS A 147 ? CYS A 186 . ? 5_655 ? 
5  AC1 8 CD  C .   ? CD  A 302 . ? 5_655 ? 
6  AC1 8 CD  C .   ? CD  A 302 . ? 1_555 ? 
7  AC1 8 HOH H .   ? HOH A 454 . ? 5_655 ? 
8  AC1 8 HOH H .   ? HOH A 454 . ? 1_555 ? 
9  AC2 6 GLU A 128 ? GLU A 167 . ? 1_555 ? 
10 AC2 6 CYS A 147 ? CYS A 186 . ? 5_655 ? 
11 AC2 6 CD  B .   ? CD  A 301 . ? 5_655 ? 
12 AC2 6 CD  B .   ? CD  A 301 . ? 1_555 ? 
13 AC2 6 HOH H .   ? HOH A 451 . ? 5_655 ? 
14 AC2 6 HOH H .   ? HOH A 463 . ? 1_555 ? 
15 AC3 4 CYS A 83  ? CYS A 122 . ? 1_555 ? 
16 AC3 4 HOH H .   ? HOH A 455 . ? 1_555 ? 
17 AC3 4 HOH H .   ? HOH A 458 . ? 1_555 ? 
18 AC3 4 HOH H .   ? HOH A 471 . ? 1_555 ? 
19 AC4 5 LEU A 52  ? LEU A 91  . ? 5_655 ? 
20 AC4 5 HIS A 61  ? HIS A 100 . ? 1_555 ? 
21 AC4 5 HOH H .   ? HOH A 459 . ? 1_555 ? 
22 AC4 5 HOH H .   ? HOH A 461 . ? 1_555 ? 
23 AC4 5 HOH H .   ? HOH A 462 . ? 1_555 ? 
24 AC5 4 CYS A 83  ? CYS A 122 . ? 1_555 ? 
25 AC5 4 HOH H .   ? HOH A 448 . ? 1_555 ? 
26 AC5 4 HOH H .   ? HOH A 470 . ? 1_555 ? 
27 AC5 4 HOH H .   ? HOH A 471 . ? 1_555 ? 
28 AC6 5 SER A 50  ? SER A 89  . ? 1_555 ? 
29 AC6 5 PHE A 93  ? PHE A 132 . ? 6_555 ? 
30 AC6 5 VAL A 136 ? VAL A 175 . ? 1_555 ? 
31 AC6 5 HOH H .   ? HOH A 426 . ? 1_555 ? 
32 AC6 5 HOH H .   ? HOH A 461 . ? 5_655 ? 
# 
loop_
_pdbx_validate_torsion.id 
_pdbx_validate_torsion.PDB_model_num 
_pdbx_validate_torsion.auth_comp_id 
_pdbx_validate_torsion.auth_asym_id 
_pdbx_validate_torsion.auth_seq_id 
_pdbx_validate_torsion.PDB_ins_code 
_pdbx_validate_torsion.label_alt_id 
_pdbx_validate_torsion.phi 
_pdbx_validate_torsion.psi 
1 1 THR A 59  ? ? 70.97   103.47 
2 1 LYS A 114 ? ? -115.20 71.36  
# 
_pdbx_struct_special_symmetry.id              1 
_pdbx_struct_special_symmetry.PDB_model_num   1 
_pdbx_struct_special_symmetry.auth_asym_id    A 
_pdbx_struct_special_symmetry.auth_comp_id    CD 
_pdbx_struct_special_symmetry.auth_seq_id     301 
_pdbx_struct_special_symmetry.PDB_ins_code    ? 
_pdbx_struct_special_symmetry.label_asym_id   B 
_pdbx_struct_special_symmetry.label_comp_id   CD 
_pdbx_struct_special_symmetry.label_seq_id    . 
# 
_phasing.method   MR 
# 
_pdbx_entry_details.entry_id                 5QRI 
_pdbx_entry_details.has_ligand_of_interest   Y 
_pdbx_entry_details.compound_details         ? 
_pdbx_entry_details.source_details           ? 
_pdbx_entry_details.nonpolymer_details       ? 
_pdbx_entry_details.sequence_details         ? 
# 
loop_
_pdbx_distant_solvent_atoms.id 
_pdbx_distant_solvent_atoms.PDB_model_num 
_pdbx_distant_solvent_atoms.auth_atom_id 
_pdbx_distant_solvent_atoms.label_alt_id 
_pdbx_distant_solvent_atoms.auth_asym_id 
_pdbx_distant_solvent_atoms.auth_comp_id 
_pdbx_distant_solvent_atoms.auth_seq_id 
_pdbx_distant_solvent_atoms.PDB_ins_code 
_pdbx_distant_solvent_atoms.neighbor_macromolecule_distance 
_pdbx_distant_solvent_atoms.neighbor_ligand_distance 
1 1 O ? A HOH 470 ? 6.37 . 
2 1 O ? A HOH 471 ? 6.37 . 
# 
_pdbx_unobs_or_zero_occ_residues.id               1 
_pdbx_unobs_or_zero_occ_residues.PDB_model_num    1 
_pdbx_unobs_or_zero_occ_residues.polymer_flag     Y 
_pdbx_unobs_or_zero_occ_residues.occupancy_flag   1 
_pdbx_unobs_or_zero_occ_residues.auth_asym_id     A 
_pdbx_unobs_or_zero_occ_residues.auth_comp_id     GLY 
_pdbx_unobs_or_zero_occ_residues.auth_seq_id      40 
_pdbx_unobs_or_zero_occ_residues.PDB_ins_code     ? 
_pdbx_unobs_or_zero_occ_residues.label_asym_id    A 
_pdbx_unobs_or_zero_occ_residues.label_comp_id    GLY 
_pdbx_unobs_or_zero_occ_residues.label_seq_id     1 
# 
loop_
_chem_comp_atom.comp_id 
_chem_comp_atom.atom_id 
_chem_comp_atom.type_symbol 
_chem_comp_atom.pdbx_aromatic_flag 
_chem_comp_atom.pdbx_stereo_config 
_chem_comp_atom.pdbx_ordinal 
ALA N    N  N N 1   
ALA CA   C  N S 2   
ALA C    C  N N 3   
ALA O    O  N N 4   
ALA CB   C  N N 5   
ALA OXT  O  N N 6   
ALA H    H  N N 7   
ALA H2   H  N N 8   
ALA HA   H  N N 9   
ALA HB1  H  N N 10  
ALA HB2  H  N N 11  
ALA HB3  H  N N 12  
ALA HXT  H  N N 13  
ARG N    N  N N 14  
ARG CA   C  N S 15  
ARG C    C  N N 16  
ARG O    O  N N 17  
ARG CB   C  N N 18  
ARG CG   C  N N 19  
ARG CD   C  N N 20  
ARG NE   N  N N 21  
ARG CZ   C  N N 22  
ARG NH1  N  N N 23  
ARG NH2  N  N N 24  
ARG OXT  O  N N 25  
ARG H    H  N N 26  
ARG H2   H  N N 27  
ARG HA   H  N N 28  
ARG HB2  H  N N 29  
ARG HB3  H  N N 30  
ARG HG2  H  N N 31  
ARG HG3  H  N N 32  
ARG HD2  H  N N 33  
ARG HD3  H  N N 34  
ARG HE   H  N N 35  
ARG HH11 H  N N 36  
ARG HH12 H  N N 37  
ARG HH21 H  N N 38  
ARG HH22 H  N N 39  
ARG HXT  H  N N 40  
ASN N    N  N N 41  
ASN CA   C  N S 42  
ASN C    C  N N 43  
ASN O    O  N N 44  
ASN CB   C  N N 45  
ASN CG   C  N N 46  
ASN OD1  O  N N 47  
ASN ND2  N  N N 48  
ASN OXT  O  N N 49  
ASN H    H  N N 50  
ASN H2   H  N N 51  
ASN HA   H  N N 52  
ASN HB2  H  N N 53  
ASN HB3  H  N N 54  
ASN HD21 H  N N 55  
ASN HD22 H  N N 56  
ASN HXT  H  N N 57  
ASP N    N  N N 58  
ASP CA   C  N S 59  
ASP C    C  N N 60  
ASP O    O  N N 61  
ASP CB   C  N N 62  
ASP CG   C  N N 63  
ASP OD1  O  N N 64  
ASP OD2  O  N N 65  
ASP OXT  O  N N 66  
ASP H    H  N N 67  
ASP H2   H  N N 68  
ASP HA   H  N N 69  
ASP HB2  H  N N 70  
ASP HB3  H  N N 71  
ASP HD2  H  N N 72  
ASP HXT  H  N N 73  
CD  CD   CD N N 74  
CYS N    N  N N 75  
CYS CA   C  N R 76  
CYS C    C  N N 77  
CYS O    O  N N 78  
CYS CB   C  N N 79  
CYS SG   S  N N 80  
CYS OXT  O  N N 81  
CYS H    H  N N 82  
CYS H2   H  N N 83  
CYS HA   H  N N 84  
CYS HB2  H  N N 85  
CYS HB3  H  N N 86  
CYS HG   H  N N 87  
CYS HXT  H  N N 88  
GLN N    N  N N 89  
GLN CA   C  N S 90  
GLN C    C  N N 91  
GLN O    O  N N 92  
GLN CB   C  N N 93  
GLN CG   C  N N 94  
GLN CD   C  N N 95  
GLN OE1  O  N N 96  
GLN NE2  N  N N 97  
GLN OXT  O  N N 98  
GLN H    H  N N 99  
GLN H2   H  N N 100 
GLN HA   H  N N 101 
GLN HB2  H  N N 102 
GLN HB3  H  N N 103 
GLN HG2  H  N N 104 
GLN HG3  H  N N 105 
GLN HE21 H  N N 106 
GLN HE22 H  N N 107 
GLN HXT  H  N N 108 
GLU N    N  N N 109 
GLU CA   C  N S 110 
GLU C    C  N N 111 
GLU O    O  N N 112 
GLU CB   C  N N 113 
GLU CG   C  N N 114 
GLU CD   C  N N 115 
GLU OE1  O  N N 116 
GLU OE2  O  N N 117 
GLU OXT  O  N N 118 
GLU H    H  N N 119 
GLU H2   H  N N 120 
GLU HA   H  N N 121 
GLU HB2  H  N N 122 
GLU HB3  H  N N 123 
GLU HG2  H  N N 124 
GLU HG3  H  N N 125 
GLU HE2  H  N N 126 
GLU HXT  H  N N 127 
GLY N    N  N N 128 
GLY CA   C  N N 129 
GLY C    C  N N 130 
GLY O    O  N N 131 
GLY OXT  O  N N 132 
GLY H    H  N N 133 
GLY H2   H  N N 134 
GLY HA2  H  N N 135 
GLY HA3  H  N N 136 
GLY HXT  H  N N 137 
HIS N    N  N N 138 
HIS CA   C  N S 139 
HIS C    C  N N 140 
HIS O    O  N N 141 
HIS CB   C  N N 142 
HIS CG   C  Y N 143 
HIS ND1  N  Y N 144 
HIS CD2  C  Y N 145 
HIS CE1  C  Y N 146 
HIS NE2  N  Y N 147 
HIS OXT  O  N N 148 
HIS H    H  N N 149 
HIS H2   H  N N 150 
HIS HA   H  N N 151 
HIS HB2  H  N N 152 
HIS HB3  H  N N 153 
HIS HD1  H  N N 154 
HIS HD2  H  N N 155 
HIS HE1  H  N N 156 
HIS HE2  H  N N 157 
HIS HXT  H  N N 158 
HOH O    O  N N 159 
HOH H1   H  N N 160 
HOH H2   H  N N 161 
ILE N    N  N N 162 
ILE CA   C  N S 163 
ILE C    C  N N 164 
ILE O    O  N N 165 
ILE CB   C  N S 166 
ILE CG1  C  N N 167 
ILE CG2  C  N N 168 
ILE CD1  C  N N 169 
ILE OXT  O  N N 170 
ILE H    H  N N 171 
ILE H2   H  N N 172 
ILE HA   H  N N 173 
ILE HB   H  N N 174 
ILE HG12 H  N N 175 
ILE HG13 H  N N 176 
ILE HG21 H  N N 177 
ILE HG22 H  N N 178 
ILE HG23 H  N N 179 
ILE HD11 H  N N 180 
ILE HD12 H  N N 181 
ILE HD13 H  N N 182 
ILE HXT  H  N N 183 
LEU N    N  N N 184 
LEU CA   C  N S 185 
LEU C    C  N N 186 
LEU O    O  N N 187 
LEU CB   C  N N 188 
LEU CG   C  N N 189 
LEU CD1  C  N N 190 
LEU CD2  C  N N 191 
LEU OXT  O  N N 192 
LEU H    H  N N 193 
LEU H2   H  N N 194 
LEU HA   H  N N 195 
LEU HB2  H  N N 196 
LEU HB3  H  N N 197 
LEU HG   H  N N 198 
LEU HD11 H  N N 199 
LEU HD12 H  N N 200 
LEU HD13 H  N N 201 
LEU HD21 H  N N 202 
LEU HD22 H  N N 203 
LEU HD23 H  N N 204 
LEU HXT  H  N N 205 
LYS N    N  N N 206 
LYS CA   C  N S 207 
LYS C    C  N N 208 
LYS O    O  N N 209 
LYS CB   C  N N 210 
LYS CG   C  N N 211 
LYS CD   C  N N 212 
LYS CE   C  N N 213 
LYS NZ   N  N N 214 
LYS OXT  O  N N 215 
LYS H    H  N N 216 
LYS H2   H  N N 217 
LYS HA   H  N N 218 
LYS HB2  H  N N 219 
LYS HB3  H  N N 220 
LYS HG2  H  N N 221 
LYS HG3  H  N N 222 
LYS HD2  H  N N 223 
LYS HD3  H  N N 224 
LYS HE2  H  N N 225 
LYS HE3  H  N N 226 
LYS HZ1  H  N N 227 
LYS HZ2  H  N N 228 
LYS HZ3  H  N N 229 
LYS HXT  H  N N 230 
MET N    N  N N 231 
MET CA   C  N S 232 
MET C    C  N N 233 
MET O    O  N N 234 
MET CB   C  N N 235 
MET CG   C  N N 236 
MET SD   S  N N 237 
MET CE   C  N N 238 
MET OXT  O  N N 239 
MET H    H  N N 240 
MET H2   H  N N 241 
MET HA   H  N N 242 
MET HB2  H  N N 243 
MET HB3  H  N N 244 
MET HG2  H  N N 245 
MET HG3  H  N N 246 
MET HE1  H  N N 247 
MET HE2  H  N N 248 
MET HE3  H  N N 249 
MET HXT  H  N N 250 
NUY N1   N  N N 251 
NUY C4   C  N N 252 
NUY C5   C  N N 253 
NUY C6   C  N N 254 
NUY C7   C  N N 255 
NUY C8   C  N N 256 
NUY C10  C  Y N 257 
NUY C1   C  N N 258 
NUY C11  C  Y N 259 
NUY C12  C  Y N 260 
NUY C2   C  N N 261 
NUY C3   C  N N 262 
NUY C9   C  Y N 263 
NUY N2   N  N N 264 
NUY O1   O  N N 265 
NUY S1   S  Y N 266 
NUY H2   H  N N 267 
NUY H3   H  N N 268 
NUY H4   H  N N 269 
NUY H5   H  N N 270 
NUY H6   H  N N 271 
NUY H7   H  N N 272 
NUY H8   H  N N 273 
NUY H9   H  N N 274 
NUY H10  H  N N 275 
NUY H11  H  N N 276 
NUY H12  H  N N 277 
NUY H13  H  N N 278 
NUY H14  H  N N 279 
NUY H15  H  N N 280 
NUY H16  H  N N 281 
NUY H17  H  N N 282 
NUY H18  H  N N 283 
NUY H19  H  N N 284 
PHE N    N  N N 285 
PHE CA   C  N S 286 
PHE C    C  N N 287 
PHE O    O  N N 288 
PHE CB   C  N N 289 
PHE CG   C  Y N 290 
PHE CD1  C  Y N 291 
PHE CD2  C  Y N 292 
PHE CE1  C  Y N 293 
PHE CE2  C  Y N 294 
PHE CZ   C  Y N 295 
PHE OXT  O  N N 296 
PHE H    H  N N 297 
PHE H2   H  N N 298 
PHE HA   H  N N 299 
PHE HB2  H  N N 300 
PHE HB3  H  N N 301 
PHE HD1  H  N N 302 
PHE HD2  H  N N 303 
PHE HE1  H  N N 304 
PHE HE2  H  N N 305 
PHE HZ   H  N N 306 
PHE HXT  H  N N 307 
PRO N    N  N N 308 
PRO CA   C  N S 309 
PRO C    C  N N 310 
PRO O    O  N N 311 
PRO CB   C  N N 312 
PRO CG   C  N N 313 
PRO CD   C  N N 314 
PRO OXT  O  N N 315 
PRO H    H  N N 316 
PRO HA   H  N N 317 
PRO HB2  H  N N 318 
PRO HB3  H  N N 319 
PRO HG2  H  N N 320 
PRO HG3  H  N N 321 
PRO HD2  H  N N 322 
PRO HD3  H  N N 323 
PRO HXT  H  N N 324 
SER N    N  N N 325 
SER CA   C  N S 326 
SER C    C  N N 327 
SER O    O  N N 328 
SER CB   C  N N 329 
SER OG   O  N N 330 
SER OXT  O  N N 331 
SER H    H  N N 332 
SER H2   H  N N 333 
SER HA   H  N N 334 
SER HB2  H  N N 335 
SER HB3  H  N N 336 
SER HG   H  N N 337 
SER HXT  H  N N 338 
THR N    N  N N 339 
THR CA   C  N S 340 
THR C    C  N N 341 
THR O    O  N N 342 
THR CB   C  N R 343 
THR OG1  O  N N 344 
THR CG2  C  N N 345 
THR OXT  O  N N 346 
THR H    H  N N 347 
THR H2   H  N N 348 
THR HA   H  N N 349 
THR HB   H  N N 350 
THR HG1  H  N N 351 
THR HG21 H  N N 352 
THR HG22 H  N N 353 
THR HG23 H  N N 354 
THR HXT  H  N N 355 
TRP N    N  N N 356 
TRP CA   C  N S 357 
TRP C    C  N N 358 
TRP O    O  N N 359 
TRP CB   C  N N 360 
TRP CG   C  Y N 361 
TRP CD1  C  Y N 362 
TRP CD2  C  Y N 363 
TRP NE1  N  Y N 364 
TRP CE2  C  Y N 365 
TRP CE3  C  Y N 366 
TRP CZ2  C  Y N 367 
TRP CZ3  C  Y N 368 
TRP CH2  C  Y N 369 
TRP OXT  O  N N 370 
TRP H    H  N N 371 
TRP H2   H  N N 372 
TRP HA   H  N N 373 
TRP HB2  H  N N 374 
TRP HB3  H  N N 375 
TRP HD1  H  N N 376 
TRP HE1  H  N N 377 
TRP HE3  H  N N 378 
TRP HZ2  H  N N 379 
TRP HZ3  H  N N 380 
TRP HH2  H  N N 381 
TRP HXT  H  N N 382 
TYR N    N  N N 383 
TYR CA   C  N S 384 
TYR C    C  N N 385 
TYR O    O  N N 386 
TYR CB   C  N N 387 
TYR CG   C  Y N 388 
TYR CD1  C  Y N 389 
TYR CD2  C  Y N 390 
TYR CE1  C  Y N 391 
TYR CE2  C  Y N 392 
TYR CZ   C  Y N 393 
TYR OH   O  N N 394 
TYR OXT  O  N N 395 
TYR H    H  N N 396 
TYR H2   H  N N 397 
TYR HA   H  N N 398 
TYR HB2  H  N N 399 
TYR HB3  H  N N 400 
TYR HD1  H  N N 401 
TYR HD2  H  N N 402 
TYR HE1  H  N N 403 
TYR HE2  H  N N 404 
TYR HH   H  N N 405 
TYR HXT  H  N N 406 
VAL N    N  N N 407 
VAL CA   C  N S 408 
VAL C    C  N N 409 
VAL O    O  N N 410 
VAL CB   C  N N 411 
VAL CG1  C  N N 412 
VAL CG2  C  N N 413 
VAL OXT  O  N N 414 
VAL H    H  N N 415 
VAL H2   H  N N 416 
VAL HA   H  N N 417 
VAL HB   H  N N 418 
VAL HG11 H  N N 419 
VAL HG12 H  N N 420 
VAL HG13 H  N N 421 
VAL HG21 H  N N 422 
VAL HG22 H  N N 423 
VAL HG23 H  N N 424 
VAL HXT  H  N N 425 
# 
loop_
_chem_comp_bond.comp_id 
_chem_comp_bond.atom_id_1 
_chem_comp_bond.atom_id_2 
_chem_comp_bond.value_order 
_chem_comp_bond.pdbx_aromatic_flag 
_chem_comp_bond.pdbx_stereo_config 
_chem_comp_bond.pdbx_ordinal 
ALA N   CA   sing N N 1   
ALA N   H    sing N N 2   
ALA N   H2   sing N N 3   
ALA CA  C    sing N N 4   
ALA CA  CB   sing N N 5   
ALA CA  HA   sing N N 6   
ALA C   O    doub N N 7   
ALA C   OXT  sing N N 8   
ALA CB  HB1  sing N N 9   
ALA CB  HB2  sing N N 10  
ALA CB  HB3  sing N N 11  
ALA OXT HXT  sing N N 12  
ARG N   CA   sing N N 13  
ARG N   H    sing N N 14  
ARG N   H2   sing N N 15  
ARG CA  C    sing N N 16  
ARG CA  CB   sing N N 17  
ARG CA  HA   sing N N 18  
ARG C   O    doub N N 19  
ARG C   OXT  sing N N 20  
ARG CB  CG   sing N N 21  
ARG CB  HB2  sing N N 22  
ARG CB  HB3  sing N N 23  
ARG CG  CD   sing N N 24  
ARG CG  HG2  sing N N 25  
ARG CG  HG3  sing N N 26  
ARG CD  NE   sing N N 27  
ARG CD  HD2  sing N N 28  
ARG CD  HD3  sing N N 29  
ARG NE  CZ   sing N N 30  
ARG NE  HE   sing N N 31  
ARG CZ  NH1  sing N N 32  
ARG CZ  NH2  doub N N 33  
ARG NH1 HH11 sing N N 34  
ARG NH1 HH12 sing N N 35  
ARG NH2 HH21 sing N N 36  
ARG NH2 HH22 sing N N 37  
ARG OXT HXT  sing N N 38  
ASN N   CA   sing N N 39  
ASN N   H    sing N N 40  
ASN N   H2   sing N N 41  
ASN CA  C    sing N N 42  
ASN CA  CB   sing N N 43  
ASN CA  HA   sing N N 44  
ASN C   O    doub N N 45  
ASN C   OXT  sing N N 46  
ASN CB  CG   sing N N 47  
ASN CB  HB2  sing N N 48  
ASN CB  HB3  sing N N 49  
ASN CG  OD1  doub N N 50  
ASN CG  ND2  sing N N 51  
ASN ND2 HD21 sing N N 52  
ASN ND2 HD22 sing N N 53  
ASN OXT HXT  sing N N 54  
ASP N   CA   sing N N 55  
ASP N   H    sing N N 56  
ASP N   H2   sing N N 57  
ASP CA  C    sing N N 58  
ASP CA  CB   sing N N 59  
ASP CA  HA   sing N N 60  
ASP C   O    doub N N 61  
ASP C   OXT  sing N N 62  
ASP CB  CG   sing N N 63  
ASP CB  HB2  sing N N 64  
ASP CB  HB3  sing N N 65  
ASP CG  OD1  doub N N 66  
ASP CG  OD2  sing N N 67  
ASP OD2 HD2  sing N N 68  
ASP OXT HXT  sing N N 69  
CYS N   CA   sing N N 70  
CYS N   H    sing N N 71  
CYS N   H2   sing N N 72  
CYS CA  C    sing N N 73  
CYS CA  CB   sing N N 74  
CYS CA  HA   sing N N 75  
CYS C   O    doub N N 76  
CYS C   OXT  sing N N 77  
CYS CB  SG   sing N N 78  
CYS CB  HB2  sing N N 79  
CYS CB  HB3  sing N N 80  
CYS SG  HG   sing N N 81  
CYS OXT HXT  sing N N 82  
GLN N   CA   sing N N 83  
GLN N   H    sing N N 84  
GLN N   H2   sing N N 85  
GLN CA  C    sing N N 86  
GLN CA  CB   sing N N 87  
GLN CA  HA   sing N N 88  
GLN C   O    doub N N 89  
GLN C   OXT  sing N N 90  
GLN CB  CG   sing N N 91  
GLN CB  HB2  sing N N 92  
GLN CB  HB3  sing N N 93  
GLN CG  CD   sing N N 94  
GLN CG  HG2  sing N N 95  
GLN CG  HG3  sing N N 96  
GLN CD  OE1  doub N N 97  
GLN CD  NE2  sing N N 98  
GLN NE2 HE21 sing N N 99  
GLN NE2 HE22 sing N N 100 
GLN OXT HXT  sing N N 101 
GLU N   CA   sing N N 102 
GLU N   H    sing N N 103 
GLU N   H2   sing N N 104 
GLU CA  C    sing N N 105 
GLU CA  CB   sing N N 106 
GLU CA  HA   sing N N 107 
GLU C   O    doub N N 108 
GLU C   OXT  sing N N 109 
GLU CB  CG   sing N N 110 
GLU CB  HB2  sing N N 111 
GLU CB  HB3  sing N N 112 
GLU CG  CD   sing N N 113 
GLU CG  HG2  sing N N 114 
GLU CG  HG3  sing N N 115 
GLU CD  OE1  doub N N 116 
GLU CD  OE2  sing N N 117 
GLU OE2 HE2  sing N N 118 
GLU OXT HXT  sing N N 119 
GLY N   CA   sing N N 120 
GLY N   H    sing N N 121 
GLY N   H2   sing N N 122 
GLY CA  C    sing N N 123 
GLY CA  HA2  sing N N 124 
GLY CA  HA3  sing N N 125 
GLY C   O    doub N N 126 
GLY C   OXT  sing N N 127 
GLY OXT HXT  sing N N 128 
HIS N   CA   sing N N 129 
HIS N   H    sing N N 130 
HIS N   H2   sing N N 131 
HIS CA  C    sing N N 132 
HIS CA  CB   sing N N 133 
HIS CA  HA   sing N N 134 
HIS C   O    doub N N 135 
HIS C   OXT  sing N N 136 
HIS CB  CG   sing N N 137 
HIS CB  HB2  sing N N 138 
HIS CB  HB3  sing N N 139 
HIS CG  ND1  sing Y N 140 
HIS CG  CD2  doub Y N 141 
HIS ND1 CE1  doub Y N 142 
HIS ND1 HD1  sing N N 143 
HIS CD2 NE2  sing Y N 144 
HIS CD2 HD2  sing N N 145 
HIS CE1 NE2  sing Y N 146 
HIS CE1 HE1  sing N N 147 
HIS NE2 HE2  sing N N 148 
HIS OXT HXT  sing N N 149 
HOH O   H1   sing N N 150 
HOH O   H2   sing N N 151 
ILE N   CA   sing N N 152 
ILE N   H    sing N N 153 
ILE N   H2   sing N N 154 
ILE CA  C    sing N N 155 
ILE CA  CB   sing N N 156 
ILE CA  HA   sing N N 157 
ILE C   O    doub N N 158 
ILE C   OXT  sing N N 159 
ILE CB  CG1  sing N N 160 
ILE CB  CG2  sing N N 161 
ILE CB  HB   sing N N 162 
ILE CG1 CD1  sing N N 163 
ILE CG1 HG12 sing N N 164 
ILE CG1 HG13 sing N N 165 
ILE CG2 HG21 sing N N 166 
ILE CG2 HG22 sing N N 167 
ILE CG2 HG23 sing N N 168 
ILE CD1 HD11 sing N N 169 
ILE CD1 HD12 sing N N 170 
ILE CD1 HD13 sing N N 171 
ILE OXT HXT  sing N N 172 
LEU N   CA   sing N N 173 
LEU N   H    sing N N 174 
LEU N   H2   sing N N 175 
LEU CA  C    sing N N 176 
LEU CA  CB   sing N N 177 
LEU CA  HA   sing N N 178 
LEU C   O    doub N N 179 
LEU C   OXT  sing N N 180 
LEU CB  CG   sing N N 181 
LEU CB  HB2  sing N N 182 
LEU CB  HB3  sing N N 183 
LEU CG  CD1  sing N N 184 
LEU CG  CD2  sing N N 185 
LEU CG  HG   sing N N 186 
LEU CD1 HD11 sing N N 187 
LEU CD1 HD12 sing N N 188 
LEU CD1 HD13 sing N N 189 
LEU CD2 HD21 sing N N 190 
LEU CD2 HD22 sing N N 191 
LEU CD2 HD23 sing N N 192 
LEU OXT HXT  sing N N 193 
LYS N   CA   sing N N 194 
LYS N   H    sing N N 195 
LYS N   H2   sing N N 196 
LYS CA  C    sing N N 197 
LYS CA  CB   sing N N 198 
LYS CA  HA   sing N N 199 
LYS C   O    doub N N 200 
LYS C   OXT  sing N N 201 
LYS CB  CG   sing N N 202 
LYS CB  HB2  sing N N 203 
LYS CB  HB3  sing N N 204 
LYS CG  CD   sing N N 205 
LYS CG  HG2  sing N N 206 
LYS CG  HG3  sing N N 207 
LYS CD  CE   sing N N 208 
LYS CD  HD2  sing N N 209 
LYS CD  HD3  sing N N 210 
LYS CE  NZ   sing N N 211 
LYS CE  HE2  sing N N 212 
LYS CE  HE3  sing N N 213 
LYS NZ  HZ1  sing N N 214 
LYS NZ  HZ2  sing N N 215 
LYS NZ  HZ3  sing N N 216 
LYS OXT HXT  sing N N 217 
MET N   CA   sing N N 218 
MET N   H    sing N N 219 
MET N   H2   sing N N 220 
MET CA  C    sing N N 221 
MET CA  CB   sing N N 222 
MET CA  HA   sing N N 223 
MET C   O    doub N N 224 
MET C   OXT  sing N N 225 
MET CB  CG   sing N N 226 
MET CB  HB2  sing N N 227 
MET CB  HB3  sing N N 228 
MET CG  SD   sing N N 229 
MET CG  HG2  sing N N 230 
MET CG  HG3  sing N N 231 
MET SD  CE   sing N N 232 
MET CE  HE1  sing N N 233 
MET CE  HE2  sing N N 234 
MET CE  HE3  sing N N 235 
MET OXT HXT  sing N N 236 
NUY C11 C10  sing Y N 237 
NUY C11 C12  doub Y N 238 
NUY C10 C9   doub Y N 239 
NUY O1  C8   doub N N 240 
NUY C12 S1   sing Y N 241 
NUY C9  C8   sing N N 242 
NUY C9  S1   sing Y N 243 
NUY C8  N2   sing N N 244 
NUY N2  C6   sing N N 245 
NUY N2  C5   sing N N 246 
NUY C6  C7   sing N N 247 
NUY C5  C4   sing N N 248 
NUY C7  N1   sing N N 249 
NUY C4  N1   sing N N 250 
NUY N1  C2   sing N N 251 
NUY C2  C1   sing N N 252 
NUY C2  C3   sing N N 253 
NUY C4  H2   sing N N 254 
NUY C4  H3   sing N N 255 
NUY C5  H4   sing N N 256 
NUY C5  H5   sing N N 257 
NUY C6  H6   sing N N 258 
NUY C6  H7   sing N N 259 
NUY C7  H8   sing N N 260 
NUY C7  H9   sing N N 261 
NUY C10 H10  sing N N 262 
NUY C1  H11  sing N N 263 
NUY C1  H12  sing N N 264 
NUY C1  H13  sing N N 265 
NUY C11 H14  sing N N 266 
NUY C12 H15  sing N N 267 
NUY C2  H16  sing N N 268 
NUY C3  H17  sing N N 269 
NUY C3  H18  sing N N 270 
NUY C3  H19  sing N N 271 
PHE N   CA   sing N N 272 
PHE N   H    sing N N 273 
PHE N   H2   sing N N 274 
PHE CA  C    sing N N 275 
PHE CA  CB   sing N N 276 
PHE CA  HA   sing N N 277 
PHE C   O    doub N N 278 
PHE C   OXT  sing N N 279 
PHE CB  CG   sing N N 280 
PHE CB  HB2  sing N N 281 
PHE CB  HB3  sing N N 282 
PHE CG  CD1  doub Y N 283 
PHE CG  CD2  sing Y N 284 
PHE CD1 CE1  sing Y N 285 
PHE CD1 HD1  sing N N 286 
PHE CD2 CE2  doub Y N 287 
PHE CD2 HD2  sing N N 288 
PHE CE1 CZ   doub Y N 289 
PHE CE1 HE1  sing N N 290 
PHE CE2 CZ   sing Y N 291 
PHE CE2 HE2  sing N N 292 
PHE CZ  HZ   sing N N 293 
PHE OXT HXT  sing N N 294 
PRO N   CA   sing N N 295 
PRO N   CD   sing N N 296 
PRO N   H    sing N N 297 
PRO CA  C    sing N N 298 
PRO CA  CB   sing N N 299 
PRO CA  HA   sing N N 300 
PRO C   O    doub N N 301 
PRO C   OXT  sing N N 302 
PRO CB  CG   sing N N 303 
PRO CB  HB2  sing N N 304 
PRO CB  HB3  sing N N 305 
PRO CG  CD   sing N N 306 
PRO CG  HG2  sing N N 307 
PRO CG  HG3  sing N N 308 
PRO CD  HD2  sing N N 309 
PRO CD  HD3  sing N N 310 
PRO OXT HXT  sing N N 311 
SER N   CA   sing N N 312 
SER N   H    sing N N 313 
SER N   H2   sing N N 314 
SER CA  C    sing N N 315 
SER CA  CB   sing N N 316 
SER CA  HA   sing N N 317 
SER C   O    doub N N 318 
SER C   OXT  sing N N 319 
SER CB  OG   sing N N 320 
SER CB  HB2  sing N N 321 
SER CB  HB3  sing N N 322 
SER OG  HG   sing N N 323 
SER OXT HXT  sing N N 324 
THR N   CA   sing N N 325 
THR N   H    sing N N 326 
THR N   H2   sing N N 327 
THR CA  C    sing N N 328 
THR CA  CB   sing N N 329 
THR CA  HA   sing N N 330 
THR C   O    doub N N 331 
THR C   OXT  sing N N 332 
THR CB  OG1  sing N N 333 
THR CB  CG2  sing N N 334 
THR CB  HB   sing N N 335 
THR OG1 HG1  sing N N 336 
THR CG2 HG21 sing N N 337 
THR CG2 HG22 sing N N 338 
THR CG2 HG23 sing N N 339 
THR OXT HXT  sing N N 340 
TRP N   CA   sing N N 341 
TRP N   H    sing N N 342 
TRP N   H2   sing N N 343 
TRP CA  C    sing N N 344 
TRP CA  CB   sing N N 345 
TRP CA  HA   sing N N 346 
TRP C   O    doub N N 347 
TRP C   OXT  sing N N 348 
TRP CB  CG   sing N N 349 
TRP CB  HB2  sing N N 350 
TRP CB  HB3  sing N N 351 
TRP CG  CD1  doub Y N 352 
TRP CG  CD2  sing Y N 353 
TRP CD1 NE1  sing Y N 354 
TRP CD1 HD1  sing N N 355 
TRP CD2 CE2  doub Y N 356 
TRP CD2 CE3  sing Y N 357 
TRP NE1 CE2  sing Y N 358 
TRP NE1 HE1  sing N N 359 
TRP CE2 CZ2  sing Y N 360 
TRP CE3 CZ3  doub Y N 361 
TRP CE3 HE3  sing N N 362 
TRP CZ2 CH2  doub Y N 363 
TRP CZ2 HZ2  sing N N 364 
TRP CZ3 CH2  sing Y N 365 
TRP CZ3 HZ3  sing N N 366 
TRP CH2 HH2  sing N N 367 
TRP OXT HXT  sing N N 368 
TYR N   CA   sing N N 369 
TYR N   H    sing N N 370 
TYR N   H2   sing N N 371 
TYR CA  C    sing N N 372 
TYR CA  CB   sing N N 373 
TYR CA  HA   sing N N 374 
TYR C   O    doub N N 375 
TYR C   OXT  sing N N 376 
TYR CB  CG   sing N N 377 
TYR CB  HB2  sing N N 378 
TYR CB  HB3  sing N N 379 
TYR CG  CD1  doub Y N 380 
TYR CG  CD2  sing Y N 381 
TYR CD1 CE1  sing Y N 382 
TYR CD1 HD1  sing N N 383 
TYR CD2 CE2  doub Y N 384 
TYR CD2 HD2  sing N N 385 
TYR CE1 CZ   doub Y N 386 
TYR CE1 HE1  sing N N 387 
TYR CE2 CZ   sing Y N 388 
TYR CE2 HE2  sing N N 389 
TYR CZ  OH   sing N N 390 
TYR OH  HH   sing N N 391 
TYR OXT HXT  sing N N 392 
VAL N   CA   sing N N 393 
VAL N   H    sing N N 394 
VAL N   H2   sing N N 395 
VAL CA  C    sing N N 396 
VAL CA  CB   sing N N 397 
VAL CA  HA   sing N N 398 
VAL C   O    doub N N 399 
VAL C   OXT  sing N N 400 
VAL CB  CG1  sing N N 401 
VAL CB  CG2  sing N N 402 
VAL CB  HB   sing N N 403 
VAL CG1 HG11 sing N N 404 
VAL CG1 HG12 sing N N 405 
VAL CG1 HG13 sing N N 406 
VAL CG2 HG21 sing N N 407 
VAL CG2 HG22 sing N N 408 
VAL CG2 HG23 sing N N 409 
VAL OXT HXT  sing N N 410 
# 
_pdbx_deposit_group.group_id            G_1002080 
_pdbx_deposit_group.group_description   
;Human Brachyury screened against the DSI-poised Fragment Library by X-ray Crystallography at the XChem facility of Diamond Light Source beamline I04-1
;
_pdbx_deposit_group.group_title         'PanDDA analysis group deposition' 
_pdbx_deposit_group.group_type          'changed state' 
# 
_pdbx_entity_instance_feature.ordinal        1 
_pdbx_entity_instance_feature.comp_id        NUY 
_pdbx_entity_instance_feature.asym_id        ? 
_pdbx_entity_instance_feature.seq_num        ? 
_pdbx_entity_instance_feature.auth_comp_id   NUY 
_pdbx_entity_instance_feature.auth_asym_id   ? 
_pdbx_entity_instance_feature.auth_seq_num   ? 
_pdbx_entity_instance_feature.feature_type   'SUBJECT OF INVESTIGATION' 
_pdbx_entity_instance_feature.details        ? 
# 
_atom_sites.entry_id                    5QRI 
_atom_sites.fract_transf_matrix[1][1]   0.00171855 
_atom_sites.fract_transf_matrix[1][2]   0.01629626 
_atom_sites.fract_transf_matrix[1][3]   -0.00310929 
_atom_sites.fract_transf_matrix[2][1]   0.00206688 
_atom_sites.fract_transf_matrix[2][2]   -0.00331189 
_atom_sites.fract_transf_matrix[2][3]   -0.01621569 
_atom_sites.fract_transf_matrix[3][1]   -0.00895933 
_atom_sites.fract_transf_matrix[3][2]   0.00069967 
_atom_sites.fract_transf_matrix[3][3]   -0.00128487 
_atom_sites.fract_transf_vector[1]      0.344957 
_atom_sites.fract_transf_vector[2]      -0.019748 
_atom_sites.fract_transf_vector[3]      0.060530 
# 
loop_
_atom_type.symbol 
C  
CD 
N  
O  
S  
# 
loop_
_atom_site.group_PDB 
_atom_site.id 
_atom_site.type_symbol 
_atom_site.label_atom_id 
_atom_site.label_alt_id 
_atom_site.label_comp_id 
_atom_site.label_asym_id 
_atom_site.label_entity_id 
_atom_site.label_seq_id 
_atom_site.pdbx_PDB_ins_code 
_atom_site.Cartn_x 
_atom_site.Cartn_y 
_atom_site.Cartn_z 
_atom_site.occupancy 
_atom_site.B_iso_or_equiv 
_atom_site.pdbx_formal_charge 
_atom_site.auth_seq_id 
_atom_site.auth_comp_id 
_atom_site.auth_asym_id 
_atom_site.auth_atom_id 
_atom_site.pdbx_PDB_model_num 
ATOM   1    N  N   . GLU A 1 2   ? -7.796  21.381  9.244   1.00 75.56  ? 41  GLU A N   1 
ATOM   2    C  CA  . GLU A 1 2   ? -6.630  20.737  8.566   1.00 74.51  ? 41  GLU A CA  1 
ATOM   3    C  C   . GLU A 1 2   ? -6.980  19.253  8.324   1.00 66.16  ? 41  GLU A C   1 
ATOM   4    O  O   . GLU A 1 2   ? -7.370  18.541  9.281   1.00 61.27  ? 41  GLU A O   1 
ATOM   5    C  CB  . GLU A 1 2   ? -5.348  20.968  9.389   1.00 77.57  ? 41  GLU A CB  1 
ATOM   6    C  CG  . GLU A 1 2   ? -4.102  21.364  8.584   1.00 78.20  ? 41  GLU A CG  1 
ATOM   7    C  CD  . GLU A 1 2   ? -3.768  22.853  8.495   1.00 83.85  ? 41  GLU A CD  1 
ATOM   8    O  OE1 . GLU A 1 2   ? -2.642  23.257  8.883   1.00 81.29  ? 41  GLU A OE1 1 
ATOM   9    O  OE2 . GLU A 1 2   ? -4.618  23.610  8.002   1.00 84.32  ? 41  GLU A OE2 1 
ATOM   10   N  N   . LEU A 1 3   ? -6.903  18.820  7.067   1.00 56.70  ? 42  LEU A N   1 
ATOM   11   C  CA  . LEU A 1 3   ? -6.983  17.395  6.639   1.00 56.75  ? 42  LEU A CA  1 
ATOM   12   C  C   . LEU A 1 3   ? -5.902  16.574  7.360   1.00 52.52  ? 42  LEU A C   1 
ATOM   13   O  O   . LEU A 1 3   ? -4.724  16.872  7.161   1.00 55.75  ? 42  LEU A O   1 
ATOM   14   C  CB  . LEU A 1 3   ? -6.797  17.378  5.120   1.00 55.63  ? 42  LEU A CB  1 
ATOM   15   C  CG  . LEU A 1 3   ? -6.901  16.029  4.411   1.00 59.88  ? 42  LEU A CG  1 
ATOM   16   C  CD1 . LEU A 1 3   ? -7.777  15.045  5.172   1.00 63.51  ? 42  LEU A CD1 1 
ATOM   17   C  CD2 . LEU A 1 3   ? -7.426  16.232  2.993   1.00 62.83  ? 42  LEU A CD2 1 
ATOM   18   N  N   . ARG A 1 4   ? -6.296  15.633  8.219   1.00 46.69  ? 43  ARG A N   1 
ATOM   19   C  CA  . ARG A 1 4   ? -5.379  14.743  8.969   1.00 45.70  ? 43  ARG A CA  1 
ATOM   20   C  C   . ARG A 1 4   ? -5.529  13.331  8.396   1.00 48.04  ? 43  ARG A C   1 
ATOM   21   O  O   . ARG A 1 4   ? -6.687  12.834  8.353   1.00 47.10  ? 43  ARG A O   1 
ATOM   22   C  CB  . ARG A 1 4   ? -5.711  14.774  10.465  1.00 44.57  ? 43  ARG A CB  1 
ATOM   23   N  N   . VAL A 1 5   ? -4.429  12.720  7.941   1.00 47.96  ? 44  VAL A N   1 
ATOM   24   C  CA  . VAL A 1 5   ? -4.396  11.283  7.522   1.00 47.19  ? 44  VAL A CA  1 
ATOM   25   C  C   . VAL A 1 5   ? -3.543  10.503  8.521   1.00 48.51  ? 44  VAL A C   1 
ATOM   26   O  O   . VAL A 1 5   ? -2.359  10.857  8.636   1.00 48.77  ? 44  VAL A O   1 
ATOM   27   C  CB  . VAL A 1 5   ? -3.838  11.115  6.096   1.00 48.97  ? 44  VAL A CB  1 
ATOM   28   C  CG1 . VAL A 1 5   ? -3.718  9.638   5.718   1.00 44.67  ? 44  VAL A CG1 1 
ATOM   29   C  CG2 . VAL A 1 5   ? -4.665  11.872  5.070   1.00 47.18  ? 44  VAL A CG2 1 
ATOM   30   N  N   . GLY A 1 6   ? -4.098  9.454   9.143   1.00 47.28  ? 45  GLY A N   1 
ATOM   31   C  CA  . GLY A 1 6   ? -3.398  8.569   10.096  1.00 47.41  ? 45  GLY A CA  1 
ATOM   32   C  C   . GLY A 1 6   ? -3.550  7.084   9.770   1.00 48.44  ? 45  GLY A C   1 
ATOM   33   O  O   . GLY A 1 6   ? -4.564  6.683   9.166   1.00 45.09  ? 45  GLY A O   1 
ATOM   34   N  N   . LEU A 1 7   ? -2.590  6.267   10.201  1.00 46.12  ? 46  LEU A N   1 
ATOM   35   C  CA  . LEU A 1 7   ? -2.588  4.803   9.964   1.00 43.02  ? 46  LEU A CA  1 
ATOM   36   C  C   . LEU A 1 7   ? -3.310  4.085   11.106  1.00 44.55  ? 46  LEU A C   1 
ATOM   37   O  O   . LEU A 1 7   ? -2.886  4.249   12.246  1.00 49.80  ? 46  LEU A O   1 
ATOM   38   C  CB  . LEU A 1 7   ? -1.131  4.353   9.845   1.00 44.11  ? 46  LEU A CB  1 
ATOM   39   C  CG  . LEU A 1 7   ? -0.934  2.856   9.668   1.00 38.12  ? 46  LEU A CG  1 
ATOM   40   C  CD1 . LEU A 1 7   ? -1.630  2.364   8.420   1.00 37.04  ? 46  LEU A CD1 1 
ATOM   41   C  CD2 . LEU A 1 7   ? 0.533   2.517   9.623   1.00 36.17  ? 46  LEU A CD2 1 
ATOM   42   N  N   . GLU A 1 8   ? -4.353  3.294   10.810  1.00 42.38  ? 47  GLU A N   1 
ATOM   43   C  CA  . GLU A 1 8   ? -5.073  2.476   11.820  1.00 42.40  ? 47  GLU A CA  1 
ATOM   44   C  C   . GLU A 1 8   ? -4.188  1.247   12.060  1.00 45.97  ? 47  GLU A C   1 
ATOM   45   O  O   . GLU A 1 8   ? -3.511  0.823   11.096  1.00 39.74  ? 47  GLU A O   1 
ATOM   46   C  CB  . GLU A 1 8   ? -6.511  2.186   11.351  1.00 47.66  ? 47  GLU A CB  1 
ATOM   47   C  CG  . GLU A 1 8   ? -7.289  1.198   12.227  1.00 56.53  ? 47  GLU A CG  1 
ATOM   48   C  CD  . GLU A 1 8   ? -7.925  1.749   13.502  1.00 60.55  ? 47  GLU A CD  1 
ATOM   49   O  OE1 . GLU A 1 8   ? -7.617  2.891   13.852  1.00 61.64  ? 47  GLU A OE1 1 
ATOM   50   O  OE2 . GLU A 1 8   ? -8.741  1.025   14.147  1.00 71.51  ? 47  GLU A OE2 1 
ATOM   51   N  N   . GLU A 1 9   ? -4.121  0.765   13.307  1.00 44.44  ? 48  GLU A N   1 
ATOM   52   C  CA  . GLU A 1 9   ? -3.314  -0.421  13.718  1.00 46.68  ? 48  GLU A CA  1 
ATOM   53   C  C   . GLU A 1 9   ? -1.835  -0.236  13.353  1.00 45.37  ? 48  GLU A C   1 
ATOM   54   O  O   . GLU A 1 9   ? -1.232  -1.204  12.845  1.00 44.47  ? 48  GLU A O   1 
ATOM   55   C  CB  . GLU A 1 9   ? -3.817  -1.696  13.033  1.00 50.86  ? 48  GLU A CB  1 
ATOM   56   C  CG  . GLU A 1 9   ? -5.294  -1.968  13.243  1.00 57.36  ? 48  GLU A CG  1 
ATOM   57   C  CD  . GLU A 1 9   ? -5.773  -3.286  12.658  1.00 60.49  ? 48  GLU A CD  1 
ATOM   58   O  OE1 . GLU A 1 9   ? -5.128  -4.315  12.925  1.00 62.96  ? 48  GLU A OE1 1 
ATOM   59   O  OE2 . GLU A 1 9   ? -6.770  -3.276  11.920  1.00 65.25  ? 48  GLU A OE2 1 
ATOM   60   N  N   . SER A 1 10  ? -1.228  0.923   13.631  1.00 39.17  ? 49  SER A N   1 
ATOM   61   C  CA  . SER A 1 10  ? 0.232   1.104   13.410  1.00 41.85  ? 49  SER A CA  1 
ATOM   62   C  C   . SER A 1 10  ? 1.026   0.133   14.298  1.00 38.34  ? 49  SER A C   1 
ATOM   63   O  O   . SER A 1 10  ? 2.064   -0.331  13.817  1.00 43.44  ? 49  SER A O   1 
ATOM   64   C  CB  . SER A 1 10  ? 0.679   2.546   13.581  1.00 44.49  ? 49  SER A CB  1 
ATOM   65   O  OG  . SER A 1 10  ? 0.185   3.064   14.804  1.00 51.97  ? 49  SER A OG  1 
ATOM   66   N  N   . GLU A 1 11  ? 0.569   -0.160  15.523  1.00 41.48  ? 50  GLU A N   1 
ATOM   67   C  CA  . GLU A 1 11  ? 1.202   -1.143  16.460  1.00 51.35  ? 50  GLU A CA  1 
ATOM   68   C  C   . GLU A 1 11  ? 1.523   -2.433  15.685  1.00 46.85  ? 50  GLU A C   1 
ATOM   69   O  O   . GLU A 1 11  ? 2.656   -2.936  15.812  1.00 51.80  ? 50  GLU A O   1 
ATOM   70   C  CB  . GLU A 1 11  ? 0.324   -1.429  17.694  1.00 51.33  ? 50  GLU A CB  1 
ATOM   71   C  CG  . GLU A 1 11  ? -0.190  -2.873  17.831  1.00 62.47  ? 50  GLU A CG  1 
ATOM   72   C  CD  . GLU A 1 11  ? 0.610   -3.846  18.697  1.00 61.93  ? 50  GLU A CD  1 
ATOM   73   O  OE1 . GLU A 1 11  ? 0.178   -5.014  18.810  1.00 80.14  ? 50  GLU A OE1 1 
ATOM   74   O  OE2 . GLU A 1 11  ? 1.634   -3.451  19.280  1.00 70.72  ? 50  GLU A OE2 1 
ATOM   75   N  N   . LEU A 1 12  ? 0.576   -2.932  14.892  1.00 43.81  ? 51  LEU A N   1 
ATOM   76   C  CA  . LEU A 1 12  ? 0.698   -4.255  14.220  1.00 47.73  ? 51  LEU A CA  1 
ATOM   77   C  C   . LEU A 1 12  ? 1.642   -4.133  13.022  1.00 43.02  ? 51  LEU A C   1 
ATOM   78   O  O   . LEU A 1 12  ? 2.517   -4.994  12.833  1.00 38.02  ? 51  LEU A O   1 
ATOM   79   C  CB  . LEU A 1 12  ? -0.672  -4.753  13.755  1.00 48.97  ? 51  LEU A CB  1 
ATOM   80   C  CG  . LEU A 1 12  ? -0.624  -6.149  13.123  1.00 52.73  ? 51  LEU A CG  1 
ATOM   81   C  CD1 . LEU A 1 12  ? 0.129   -7.127  14.023  1.00 52.19  ? 51  LEU A CD1 1 
ATOM   82   C  CD2 . LEU A 1 12  ? -2.005  -6.670  12.799  1.00 52.93  ? 51  LEU A CD2 1 
ATOM   83   N  N   . TRP A 1 13  ? 1.455   -3.094  12.217  1.00 38.32  ? 52  TRP A N   1 
ATOM   84   C  CA  . TRP A 1 13  ? 2.365   -2.795  11.091  1.00 36.32  ? 52  TRP A CA  1 
ATOM   85   C  C   . TRP A 1 13  ? 3.809   -2.726  11.578  1.00 38.66  ? 52  TRP A C   1 
ATOM   86   O  O   . TRP A 1 13  ? 4.679   -3.210  10.826  1.00 38.38  ? 52  TRP A O   1 
ATOM   87   C  CB  . TRP A 1 13  ? 1.990   -1.499  10.387  1.00 32.12  ? 52  TRP A CB  1 
ATOM   88   C  CG  . TRP A 1 13  ? 0.868   -1.660  9.427   1.00 29.61  ? 52  TRP A CG  1 
ATOM   89   C  CD1 . TRP A 1 13  ? -0.420  -1.275  9.635   1.00 29.06  ? 52  TRP A CD1 1 
ATOM   90   C  CD2 . TRP A 1 13  ? 0.918   -2.216  8.094   1.00 28.93  ? 52  TRP A CD2 1 
ATOM   91   N  NE1 . TRP A 1 13  ? -1.186  -1.582  8.549   1.00 30.03  ? 52  TRP A NE1 1 
ATOM   92   C  CE2 . TRP A 1 13  ? -0.392  -2.138  7.583   1.00 27.16  ? 52  TRP A CE2 1 
ATOM   93   C  CE3 . TRP A 1 13  ? 1.916   -2.817  7.307   1.00 28.01  ? 52  TRP A CE3 1 
ATOM   94   C  CZ2 . TRP A 1 13  ? -0.717  -2.576  6.305   1.00 29.67  ? 52  TRP A CZ2 1 
ATOM   95   C  CZ3 . TRP A 1 13  ? 1.600   -3.228  6.032   1.00 30.15  ? 52  TRP A CZ3 1 
ATOM   96   C  CH2 . TRP A 1 13  ? 0.287   -3.137  5.550   1.00 29.23  ? 52  TRP A CH2 1 
ATOM   97   N  N   . LEU A 1 14  ? 4.058   -2.111  12.739  1.00 40.58  ? 53  LEU A N   1 
ATOM   98   C  CA  . LEU A 1 14  ? 5.447   -1.904  13.244  1.00 42.73  ? 53  LEU A CA  1 
ATOM   99   C  C   . LEU A 1 14  ? 6.089   -3.253  13.613  1.00 42.52  ? 53  LEU A C   1 
ATOM   100  O  O   . LEU A 1 14  ? 7.331   -3.394  13.430  1.00 41.98  ? 53  LEU A O   1 
ATOM   101  C  CB  . LEU A 1 14  ? 5.423   -0.908  14.408  1.00 46.43  ? 53  LEU A CB  1 
ATOM   102  C  CG  . LEU A 1 14  ? 5.747   0.555   14.062  1.00 51.49  ? 53  LEU A CG  1 
ATOM   103  C  CD1 . LEU A 1 14  ? 5.570   0.874   12.582  1.00 56.94  ? 53  LEU A CD1 1 
ATOM   104  C  CD2 . LEU A 1 14  ? 4.926   1.518   14.900  1.00 53.69  ? 53  LEU A CD2 1 
ATOM   105  N  N   . ARG A 1 15  ? 5.291   -4.234  14.056  1.00 45.59  ? 54  ARG A N   1 
ATOM   106  C  CA  . ARG A 1 15  ? 5.786   -5.616  14.275  1.00 48.86  ? 54  ARG A CA  1 
ATOM   107  C  C   . ARG A 1 15  ? 6.340   -6.162  12.947  1.00 42.46  ? 54  ARG A C   1 
ATOM   108  O  O   . ARG A 1 15  ? 7.419   -6.784  12.970  1.00 45.94  ? 54  ARG A O   1 
ATOM   109  C  CB  . ARG A 1 15  ? 4.690   -6.547  14.801  1.00 56.63  ? 54  ARG A CB  1 
ATOM   110  C  CG  . ARG A 1 15  ? 3.926   -6.008  16.004  1.00 66.10  ? 54  ARG A CG  1 
ATOM   111  C  CD  . ARG A 1 15  ? 4.533   -6.419  17.323  1.00 68.62  ? 54  ARG A CD  1 
ATOM   112  N  NE  . ARG A 1 15  ? 4.286   -7.830  17.564  1.00 71.10  ? 54  ARG A NE  1 
ATOM   113  C  CZ  . ARG A 1 15  ? 3.141   -8.336  18.005  1.00 73.14  ? 54  ARG A CZ  1 
ATOM   114  N  NH1 . ARG A 1 15  ? 2.102   -7.552  18.253  1.00 76.26  ? 54  ARG A NH1 1 
ATOM   115  N  NH2 . ARG A 1 15  ? 3.041   -9.638  18.183  1.00 75.20  ? 54  ARG A NH2 1 
ATOM   116  N  N   . PHE A 1 16  ? 5.619   -5.977  11.842  1.00 34.95  ? 55  PHE A N   1 
ATOM   117  C  CA  . PHE A 1 16  ? 6.004   -6.492  10.501  1.00 35.99  ? 55  PHE A CA  1 
ATOM   118  C  C   . PHE A 1 16  ? 7.229   -5.734  10.031  1.00 37.87  ? 55  PHE A C   1 
ATOM   119  O  O   . PHE A 1 16  ? 8.216   -6.365  9.542   1.00 35.20  ? 55  PHE A O   1 
ATOM   120  C  CB  . PHE A 1 16  ? 4.868   -6.385  9.479   1.00 35.20  ? 55  PHE A CB  1 
ATOM   121  C  CG  . PHE A 1 16  ? 3.823   -7.451  9.657   1.00 36.72  ? 55  PHE A CG  1 
ATOM   122  C  CD1 . PHE A 1 16  ? 3.995   -8.710  9.099   1.00 37.03  ? 55  PHE A CD1 1 
ATOM   123  C  CD2 . PHE A 1 16  ? 2.723   -7.234  10.458  1.00 34.92  ? 55  PHE A CD2 1 
ATOM   124  C  CE1 . PHE A 1 16  ? 3.036   -9.697  9.274   1.00 38.39  ? 55  PHE A CE1 1 
ATOM   125  C  CE2 . PHE A 1 16  ? 1.769   -8.224  10.643  1.00 35.59  ? 55  PHE A CE2 1 
ATOM   126  C  CZ  . PHE A 1 16  ? 1.949   -9.460  10.083  1.00 37.35  ? 55  PHE A CZ  1 
ATOM   127  N  N   . LYS A 1 17  ? 7.161   -4.398  10.174  1.00 35.24  ? 56  LYS A N   1 
ATOM   128  C  CA  . LYS A 1 17  ? 8.253   -3.511  9.716   1.00 37.10  ? 56  LYS A CA  1 
ATOM   129  C  C   . LYS A 1 17  ? 9.544   -3.904  10.431  1.00 33.48  ? 56  LYS A C   1 
ATOM   130  O  O   . LYS A 1 17  ? 10.561  -3.964  9.737   1.00 34.46  ? 56  LYS A O   1 
ATOM   131  C  CB  . LYS A 1 17  ? 7.981   -2.007  9.912   1.00 36.54  ? 56  LYS A CB  1 
ATOM   132  C  CG  . LYS A 1 17  ? 9.152   -1.159  9.448   1.00 40.09  ? 56  LYS A CG  1 
ATOM   133  C  CD  . LYS A 1 17  ? 8.829   0.183   8.875   1.00 44.77  ? 56  LYS A CD  1 
ATOM   134  C  CE  . LYS A 1 17  ? 10.085  0.884   8.417   1.00 44.30  ? 56  LYS A CE  1 
ATOM   135  N  NZ  . LYS A 1 17  ? 9.753   2.213   7.871   1.00 53.60  ? 56  LYS A NZ  1 
ATOM   136  N  N   . GLU A 1 18  ? 9.542   -4.138  11.743  1.00 40.12  ? 57  GLU A N   1 
ATOM   137  C  CA  . GLU A 1 18  ? 10.832  -4.370  12.458  1.00 44.17  ? 57  GLU A CA  1 
ATOM   138  C  C   . GLU A 1 18  ? 11.486  -5.683  11.985  1.00 44.51  ? 57  GLU A C   1 
ATOM   139  O  O   . GLU A 1 18  ? 12.712  -5.785  12.154  1.00 46.46  ? 57  GLU A O   1 
ATOM   140  C  CB  . GLU A 1 18  ? 10.690  -4.220  13.974  1.00 52.05  ? 57  GLU A CB  1 
ATOM   141  C  CG  . GLU A 1 18  ? 9.719   -5.155  14.651  1.00 60.66  ? 57  GLU A CG  1 
ATOM   142  C  CD  . GLU A 1 18  ? 9.390   -4.743  16.083  1.00 72.37  ? 57  GLU A CD  1 
ATOM   143  O  OE1 . GLU A 1 18  ? 9.703   -3.584  16.449  1.00 81.81  ? 57  GLU A OE1 1 
ATOM   144  O  OE2 . GLU A 1 18  ? 8.816   -5.573  16.841  1.00 61.38  ? 57  GLU A OE2 1 
ATOM   145  N  N   . LEU A 1 19  ? 10.767  -6.592  11.298  1.00 46.59  ? 58  LEU A N   1 
ATOM   146  C  CA  . LEU A 1 19  ? 11.340  -7.851  10.704  1.00 44.49  ? 58  LEU A CA  1 
ATOM   147  C  C   . LEU A 1 19  ? 11.634  -7.718  9.213   1.00 39.18  ? 58  LEU A C   1 
ATOM   148  O  O   . LEU A 1 19  ? 12.080  -8.718  8.603   1.00 37.97  ? 58  LEU A O   1 
ATOM   149  C  CB  . LEU A 1 19  ? 10.351  -9.006  10.882  1.00 42.53  ? 58  LEU A CB  1 
ATOM   150  C  CG  . LEU A 1 19  ? 9.736   -9.164  12.270  1.00 46.00  ? 58  LEU A CG  1 
ATOM   151  C  CD1 . LEU A 1 19  ? 8.584   -10.169 12.231  1.00 48.83  ? 58  LEU A CD1 1 
ATOM   152  C  CD2 . LEU A 1 19  ? 10.782  -9.566  13.294  1.00 44.30  ? 58  LEU A CD2 1 
ATOM   153  N  N   . THR A 1 20  ? 11.328  -6.571  8.607   1.00 36.38  ? 59  THR A N   1 
ATOM   154  C  CA  . THR A 1 20  ? 11.249  -6.392  7.133   1.00 32.78  ? 59  THR A CA  1 
ATOM   155  C  C   . THR A 1 20  ? 10.015  -7.112  6.566   1.00 37.57  ? 59  THR A C   1 
ATOM   156  O  O   . THR A 1 20  ? 10.026  -8.369  6.352   1.00 35.72  ? 59  THR A O   1 
ATOM   157  C  CB  . THR A 1 20  ? 12.515  -6.847  6.413   1.00 36.83  ? 59  THR A CB  1 
ATOM   158  O  OG1 . THR A 1 20  ? 13.642  -6.274  7.071   1.00 41.61  ? 59  THR A OG1 1 
ATOM   159  C  CG2 . THR A 1 20  ? 12.496  -6.485  4.950   1.00 37.07  ? 59  THR A CG2 1 
ATOM   160  N  N   . ASN A 1 21  ? 8.991   -6.337  6.248   1.00 33.38  ? 60  ASN A N   1 
ATOM   161  C  CA  . ASN A 1 21  ? 7.680   -6.869  5.826   1.00 34.78  ? 60  ASN A CA  1 
ATOM   162  C  C   . ASN A 1 21  ? 7.824   -7.398  4.389   1.00 35.14  ? 60  ASN A C   1 
ATOM   163  O  O   . ASN A 1 21  ? 8.665   -6.895  3.609   1.00 32.46  ? 60  ASN A O   1 
ATOM   164  C  CB  . ASN A 1 21  ? 6.587   -5.816  6.049   1.00 33.41  ? 60  ASN A CB  1 
ATOM   165  C  CG  . ASN A 1 21  ? 5.192   -6.398  5.997   1.00 40.99  ? 60  ASN A CG  1 
ATOM   166  O  OD1 . ASN A 1 21  ? 5.025   -7.627  5.868   1.00 34.12  ? 60  ASN A OD1 1 
ATOM   167  N  ND2 . ASN A 1 21  ? 4.197   -5.535  6.168   1.00 33.85  ? 60  ASN A ND2 1 
ATOM   168  N  N   . GLU A 1 22  ? 7.070   -8.436  4.057   1.00 34.15  ? 61  GLU A N   1 
ATOM   169  C  CA  . GLU A 1 22  ? 7.010   -9.008  2.689   1.00 31.58  ? 61  GLU A CA  1 
ATOM   170  C  C   . GLU A 1 22  ? 5.550   -9.122  2.293   1.00 32.85  ? 61  GLU A C   1 
ATOM   171  O  O   . GLU A 1 22  ? 4.735   -9.457  3.180   1.00 38.76  ? 61  GLU A O   1 
ATOM   172  C  CB  . GLU A 1 22  ? 7.635   -10.416 2.627   1.00 35.35  ? 61  GLU A CB  1 
ATOM   173  C  CG  . GLU A 1 22  ? 8.958   -10.556 3.351   1.00 34.37  ? 61  GLU A CG  1 
ATOM   174  C  CD  . GLU A 1 22  ? 9.612   -11.936 3.366   1.00 31.60  ? 61  GLU A CD  1 
ATOM   175  O  OE1 . GLU A 1 22  ? 10.516  -12.144 4.190   1.00 33.26  ? 61  GLU A OE1 1 
ATOM   176  O  OE2 . GLU A 1 22  ? 9.263   -12.762 2.516   1.00 38.45  ? 61  GLU A OE2 1 
ATOM   177  N  N   . MET A 1 23  ? 5.232   -8.914  1.019   1.00 32.02  ? 62  MET A N   1 
ATOM   178  C  CA  . MET A 1 23  ? 3.868   -9.071  0.493   1.00 35.17  ? 62  MET A CA  1 
ATOM   179  C  C   . MET A 1 23  ? 3.958   -10.011 -0.687  1.00 34.57  ? 62  MET A C   1 
ATOM   180  O  O   . MET A 1 23  ? 4.849   -9.831  -1.528  1.00 32.95  ? 62  MET A O   1 
ATOM   181  C  CB  . MET A 1 23  ? 3.213   -7.755  0.033   1.00 32.84  ? 62  MET A CB  1 
ATOM   182  C  CG  . MET A 1 23  ? 2.832   -6.876  1.178   1.00 36.90  ? 62  MET A CG  1 
ATOM   183  S  SD  . MET A 1 23  ? 1.459   -7.488  2.206   1.00 35.08  ? 62  MET A SD  1 
ATOM   184  C  CE  . MET A 1 23  ? 1.598   -6.290  3.529   1.00 33.20  ? 62  MET A CE  1 
ATOM   185  N  N   . ILE A 1 24  ? 3.077   -11.010 -0.722  1.00 33.58  ? 63  ILE A N   1 
ATOM   186  C  CA  . ILE A 1 24  ? 3.082   -11.967 -1.854  1.00 34.05  ? 63  ILE A CA  1 
ATOM   187  C  C   . ILE A 1 24  ? 2.445   -11.322 -3.064  1.00 33.23  ? 63  ILE A C   1 
ATOM   188  O  O   . ILE A 1 24  ? 1.394   -10.688 -2.917  1.00 35.09  ? 63  ILE A O   1 
ATOM   189  C  CB  . ILE A 1 24  ? 2.315   -13.256 -1.531  1.00 39.50  ? 63  ILE A CB  1 
ATOM   190  C  CG1 . ILE A 1 24  ? 2.812   -13.899 -0.243  1.00 41.03  ? 63  ILE A CG1 1 
ATOM   191  C  CG2 . ILE A 1 24  ? 2.416   -14.176 -2.742  1.00 40.19  ? 63  ILE A CG2 1 
ATOM   192  C  CD1 . ILE A 1 24  ? 4.120   -14.588 -0.394  1.00 42.71  ? 63  ILE A CD1 1 
ATOM   193  N  N   . VAL A 1 25  ? 3.065   -11.543 -4.215  1.00 34.60  ? 64  VAL A N   1 
ATOM   194  C  CA  . VAL A 1 25  ? 2.526   -11.189 -5.548  1.00 37.92  ? 64  VAL A CA  1 
ATOM   195  C  C   . VAL A 1 25  ? 2.372   -12.486 -6.363  1.00 39.96  ? 64  VAL A C   1 
ATOM   196  O  O   . VAL A 1 25  ? 3.218   -13.375 -6.241  1.00 41.88  ? 64  VAL A O   1 
ATOM   197  C  CB  . VAL A 1 25  ? 3.464   -10.166 -6.186  1.00 39.19  ? 64  VAL A CB  1 
ATOM   198  C  CG1 . VAL A 1 25  ? 3.618   -8.962  -5.265  1.00 41.53  ? 64  VAL A CG1 1 
ATOM   199  C  CG2 . VAL A 1 25  ? 4.817   -10.765 -6.505  1.00 40.42  ? 64  VAL A CG2 1 
ATOM   200  N  N   . THR A 1 26  ? 1.280   -12.618 -7.103  1.00 41.86  ? 65  THR A N   1 
ATOM   201  C  CA  . THR A 1 26  ? 0.932   -13.840 -7.875  1.00 46.93  ? 65  THR A CA  1 
ATOM   202  C  C   . THR A 1 26  ? 0.531   -13.356 -9.263  1.00 51.83  ? 65  THR A C   1 
ATOM   203  O  O   . THR A 1 26  ? 0.347   -12.125 -9.414  1.00 45.59  ? 65  THR A O   1 
ATOM   204  C  CB  . THR A 1 26  ? -0.209  -14.641 -7.234  1.00 39.70  ? 65  THR A CB  1 
ATOM   205  O  OG1 . THR A 1 26  ? -1.379  -13.834 -7.342  1.00 40.99  ? 65  THR A OG1 1 
ATOM   206  C  CG2 . THR A 1 26  ? 0.036   -15.044 -5.795  1.00 40.36  ? 65  THR A CG2 1 
ATOM   207  N  N   . LYS A 1 27  ? 0.397   -14.260 -10.229 1.00 51.86  ? 66  LYS A N   1 
ATOM   208  C  CA  . LYS A 1 27  ? 0.003   -13.884 -11.613 1.00 54.07  ? 66  LYS A CA  1 
ATOM   209  C  C   . LYS A 1 27  ? -1.411  -13.297 -11.577 1.00 49.96  ? 66  LYS A C   1 
ATOM   210  O  O   . LYS A 1 27  ? -1.673  -12.337 -12.332 1.00 50.44  ? 66  LYS A O   1 
ATOM   211  C  CB  . LYS A 1 27  ? 0.078   -15.085 -12.563 1.00 63.20  ? 66  LYS A CB  1 
ATOM   212  C  CG  . LYS A 1 27  ? -0.537  -14.852 -13.939 1.00 63.15  ? 66  LYS A CG  1 
ATOM   213  C  CD  . LYS A 1 27  ? 0.001   -15.766 -15.037 1.00 77.65  ? 66  LYS A CD  1 
ATOM   214  C  CE  . LYS A 1 27  ? -0.227  -15.224 -16.441 1.00 80.29  ? 66  LYS A CE  1 
ATOM   215  N  NZ  . LYS A 1 27  ? -1.614  -15.456 -16.913 1.00 83.59  ? 66  LYS A NZ  1 
ATOM   216  N  N   . ASN A 1 28  ? -2.282  -13.858 -10.729 1.00 51.29  ? 67  ASN A N   1 
ATOM   217  C  CA  . ASN A 1 28  ? -3.721  -13.494 -10.636 1.00 57.85  ? 67  ASN A CA  1 
ATOM   218  C  C   . ASN A 1 28  ? -3.922  -12.337 -9.647  1.00 56.69  ? 67  ASN A C   1 
ATOM   219  O  O   . ASN A 1 28  ? -4.955  -11.637 -9.748  1.00 46.73  ? 67  ASN A O   1 
ATOM   220  C  CB  . ASN A 1 28  ? -4.574  -14.705 -10.256 1.00 63.53  ? 67  ASN A CB  1 
ATOM   221  C  CG  . ASN A 1 28  ? -5.061  -15.482 -11.462 1.00 71.25  ? 67  ASN A CG  1 
ATOM   222  O  OD1 . ASN A 1 28  ? -4.579  -15.290 -12.579 1.00 63.56  ? 67  ASN A OD1 1 
ATOM   223  N  ND2 . ASN A 1 28  ? -6.038  -16.348 -11.240 1.00 81.15  ? 67  ASN A ND2 1 
ATOM   224  N  N   . GLY A 1 29  ? -2.980  -12.140 -8.723  1.00 56.97  ? 68  GLY A N   1 
ATOM   225  C  CA  . GLY A 1 29  ? -3.046  -11.048 -7.732  1.00 47.60  ? 68  GLY A CA  1 
ATOM   226  C  C   . GLY A 1 29  ? -3.423  -11.608 -6.386  1.00 45.93  ? 68  GLY A C   1 
ATOM   227  O  O   . GLY A 1 29  ? -4.312  -12.485 -6.352  1.00 53.01  ? 68  GLY A O   1 
ATOM   228  N  N   . ARG A 1 30  ? -2.732  -11.161 -5.335  1.00 39.33  ? 69  ARG A N   1 
ATOM   229  C  CA  . ARG A 1 30  ? -2.904  -11.606 -3.932  1.00 40.63  ? 69  ARG A CA  1 
ATOM   230  C  C   . ARG A 1 30  ? -3.268  -10.384 -3.098  1.00 38.87  ? 69  ARG A C   1 
ATOM   231  O  O   . ARG A 1 30  ? -2.590  -9.355  -3.234  1.00 35.54  ? 69  ARG A O   1 
ATOM   232  C  CB  . ARG A 1 30  ? -1.627  -12.247 -3.388  1.00 40.94  ? 69  ARG A CB  1 
ATOM   233  C  CG  . ARG A 1 30  ? -1.746  -12.791 -1.975  1.00 44.18  ? 69  ARG A CG  1 
ATOM   234  C  CD  . ARG A 1 30  ? -2.699  -13.981 -1.888  1.00 48.76  ? 69  ARG A CD  1 
ATOM   235  N  NE  . ARG A 1 30  ? -2.203  -15.135 -2.627  1.00 52.80  ? 69  ARG A NE  1 
ATOM   236  C  CZ  . ARG A 1 30  ? -1.273  -15.981 -2.170  1.00 54.83  ? 69  ARG A CZ  1 
ATOM   237  N  NH1 . ARG A 1 30  ? -0.883  -17.002 -2.917  1.00 59.26  ? 69  ARG A NH1 1 
ATOM   238  N  NH2 . ARG A 1 30  ? -0.707  -15.789 -0.989  1.00 53.35  ? 69  ARG A NH2 1 
ATOM   239  N  N   . ARG A 1 31  ? -4.307  -10.492 -2.278  1.00 35.46  ? 70  ARG A N   1 
ATOM   240  C  CA  . ARG A 1 31  ? -4.688  -9.405  -1.353  1.00 39.72  ? 70  ARG A CA  1 
ATOM   241  C  C   . ARG A 1 31  ? -3.600  -9.277  -0.285  1.00 36.47  ? 70  ARG A C   1 
ATOM   242  O  O   . ARG A 1 31  ? -2.854  -10.235 -0.068  1.00 36.63  ? 70  ARG A O   1 
ATOM   243  C  CB  . ARG A 1 31  ? -6.082  -9.632  -0.764  1.00 43.37  ? 70  ARG A CB  1 
ATOM   244  C  CG  . ARG A 1 31  ? -7.167  -9.036  -1.647  1.00 49.48  ? 70  ARG A CG  1 
ATOM   245  C  CD  . ARG A 1 31  ? -8.331  -9.957  -1.923  1.00 59.17  ? 70  ARG A CD  1 
ATOM   246  N  NE  . ARG A 1 31  ? -9.356  -9.924  -0.894  1.00 65.55  ? 70  ARG A NE  1 
ATOM   247  C  CZ  . ARG A 1 31  ? -10.305 -10.854 -0.744  1.00 72.66  ? 70  ARG A CZ  1 
ATOM   248  N  NH1 . ARG A 1 31  ? -10.348 -11.915 -1.543  1.00 82.10  ? 70  ARG A NH1 1 
ATOM   249  N  NH2 . ARG A 1 31  ? -11.208 -10.722 0.212   1.00 64.29  ? 70  ARG A NH2 1 
ATOM   250  N  N   . MET A 1 32  ? -3.532  -8.099  0.326   1.00 34.02  ? 71  MET A N   1 
ATOM   251  C  CA  . MET A 1 32  ? -2.495  -7.700  1.298   1.00 33.89  ? 71  MET A CA  1 
ATOM   252  C  C   . MET A 1 32  ? -2.944  -8.114  2.697   1.00 32.72  ? 71  MET A C   1 
ATOM   253  O  O   . MET A 1 32  ? -4.156  -7.998  3.034   1.00 35.79  ? 71  MET A O   1 
ATOM   254  C  CB  . MET A 1 32  ? -2.311  -6.172  1.299   1.00 33.94  ? 71  MET A CB  1 
ATOM   255  C  CG  . MET A 1 32  ? -1.630  -5.620  0.060   1.00 37.08  ? 71  MET A CG  1 
ATOM   256  S  SD  . MET A 1 32  ? -1.607  -3.806  0.108   1.00 33.21  ? 71  MET A SD  1 
ATOM   257  C  CE  . MET A 1 32  ? -0.516  -3.479  1.485   1.00 33.11  ? 71  MET A CE  1 
ATOM   258  N  N   . PHE A 1 33  ? -1.983  -8.511  3.507   1.00 33.82  ? 72  PHE A N   1 
ATOM   259  C  CA  . PHE A 1 33  ? -2.122  -8.624  4.978   1.00 35.53  ? 72  PHE A CA  1 
ATOM   260  C  C   . PHE A 1 33  ? -0.801  -8.192  5.579   1.00 36.47  ? 72  PHE A C   1 
ATOM   261  O  O   . PHE A 1 33  ? 0.254   -8.723  5.209   1.00 38.14  ? 72  PHE A O   1 
ATOM   262  C  CB  . PHE A 1 33  ? -2.457  -10.049 5.450   1.00 36.06  ? 72  PHE A CB  1 
ATOM   263  C  CG  . PHE A 1 33  ? -2.725  -10.053 6.935   1.00 37.08  ? 72  PHE A CG  1 
ATOM   264  C  CD1 . PHE A 1 33  ? -3.963  -9.646  7.429   1.00 37.32  ? 72  PHE A CD1 1 
ATOM   265  C  CD2 . PHE A 1 33  ? -1.696  -10.263 7.835   1.00 37.22  ? 72  PHE A CD2 1 
ATOM   266  C  CE1 . PHE A 1 33  ? -4.178  -9.532  8.796   1.00 36.99  ? 72  PHE A CE1 1 
ATOM   267  C  CE2 . PHE A 1 33  ? -1.915  -10.161 9.207   1.00 42.66  ? 72  PHE A CE2 1 
ATOM   268  C  CZ  . PHE A 1 33  ? -3.163  -9.821  9.686   1.00 42.28  ? 72  PHE A CZ  1 
ATOM   269  N  N   . PRO A 1 34  ? -0.798  -7.261  6.548   1.00 35.37  ? 73  PRO A N   1 
ATOM   270  C  CA  . PRO A 1 34  ? -1.995  -6.519  6.940   1.00 36.99  ? 73  PRO A CA  1 
ATOM   271  C  C   . PRO A 1 34  ? -2.609  -5.673  5.807   1.00 31.87  ? 73  PRO A C   1 
ATOM   272  O  O   . PRO A 1 34  ? -1.970  -5.396  4.833   1.00 33.61  ? 73  PRO A O   1 
ATOM   273  C  CB  . PRO A 1 34  ? -1.517  -5.606  8.071   1.00 39.30  ? 73  PRO A CB  1 
ATOM   274  C  CG  . PRO A 1 34  ? -0.196  -6.193  8.521   1.00 38.09  ? 73  PRO A CG  1 
ATOM   275  C  CD  . PRO A 1 34  ? 0.387   -6.911  7.335   1.00 36.77  ? 73  PRO A CD  1 
ATOM   276  N  N   . VAL A 1 35  ? -3.880  -5.342  5.956   1.00 32.44  ? 74  VAL A N   1 
ATOM   277  C  CA  . VAL A 1 35  ? -4.609  -4.393  5.083   1.00 33.42  ? 74  VAL A CA  1 
ATOM   278  C  C   . VAL A 1 35  ? -4.275  -2.964  5.535   1.00 32.49  ? 74  VAL A C   1 
ATOM   279  O  O   . VAL A 1 35  ? -4.313  -2.682  6.750   1.00 30.46  ? 74  VAL A O   1 
ATOM   280  C  CB  . VAL A 1 35  ? -6.121  -4.658  5.147   1.00 36.01  ? 74  VAL A CB  1 
ATOM   281  C  CG1 . VAL A 1 35  ? -6.927  -3.510  4.574   1.00 38.92  ? 74  VAL A CG1 1 
ATOM   282  C  CG2 . VAL A 1 35  ? -6.476  -5.965  4.452   1.00 40.63  ? 74  VAL A CG2 1 
ATOM   283  N  N   . LEU A 1 36  ? -4.029  -2.102  4.570   1.00 34.04  ? 75  LEU A N   1 
ATOM   284  C  CA  . LEU A 1 36  ? -3.869  -0.642  4.790   1.00 34.46  ? 75  LEU A CA  1 
ATOM   285  C  C   . LEU A 1 36  ? -5.233  -0.060  5.189   1.00 35.45  ? 75  LEU A C   1 
ATOM   286  O  O   . LEU A 1 36  ? -6.182  -0.100  4.381   1.00 30.98  ? 75  LEU A O   1 
ATOM   287  C  CB  . LEU A 1 36  ? -3.354  0.007   3.515   1.00 36.25  ? 75  LEU A CB  1 
ATOM   288  C  CG  . LEU A 1 36  ? -3.156  1.523   3.601   1.00 39.63  ? 75  LEU A CG  1 
ATOM   289  C  CD1 . LEU A 1 36  ? -2.094  1.872   4.616   1.00 40.10  ? 75  LEU A CD1 1 
ATOM   290  C  CD2 . LEU A 1 36  ? -2.796  2.095   2.243   1.00 39.53  ? 75  LEU A CD2 1 
ATOM   291  N  N   . LYS A 1 37  ? -5.340  0.440   6.410   1.00 34.83  ? 76  LYS A N   1 
ATOM   292  C  CA  . LYS A 1 37  ? -6.564  1.135   6.890   1.00 37.61  ? 76  LYS A CA  1 
ATOM   293  C  C   . LYS A 1 37  ? -6.155  2.537   7.329   1.00 35.22  ? 76  LYS A C   1 
ATOM   294  O  O   . LYS A 1 37  ? -5.177  2.630   8.123   1.00 35.91  ? 76  LYS A O   1 
ATOM   295  C  CB  . LYS A 1 37  ? -7.184  0.380   8.061   1.00 43.39  ? 76  LYS A CB  1 
ATOM   296  C  CG  . LYS A 1 37  ? -7.772  -0.953  7.644   1.00 45.83  ? 76  LYS A CG  1 
ATOM   297  C  CD  . LYS A 1 37  ? -8.093  -1.865  8.773   1.00 50.42  ? 76  LYS A CD  1 
ATOM   298  C  CE  . LYS A 1 37  ? -8.410  -3.247  8.247   1.00 57.00  ? 76  LYS A CE  1 
ATOM   299  N  NZ  . LYS A 1 37  ? -8.880  -4.135  9.334   1.00 67.09  ? 76  LYS A NZ  1 
ATOM   300  N  N   . VAL A 1 38  ? -6.867  3.557   6.858   1.00 38.92  ? 77  VAL A N   1 
ATOM   301  C  CA  . VAL A 1 38  ? -6.461  4.970   7.095   1.00 43.00  ? 77  VAL A CA  1 
ATOM   302  C  C   . VAL A 1 38  ? -7.591  5.706   7.813   1.00 42.69  ? 77  VAL A C   1 
ATOM   303  O  O   . VAL A 1 38  ? -8.769  5.564   7.420   1.00 38.76  ? 77  VAL A O   1 
ATOM   304  C  CB  . VAL A 1 38  ? -6.053  5.674   5.791   1.00 47.11  ? 77  VAL A CB  1 
ATOM   305  C  CG1 . VAL A 1 38  ? -5.005  4.872   5.035   1.00 50.22  ? 77  VAL A CG1 1 
ATOM   306  C  CG2 . VAL A 1 38  ? -7.244  5.928   4.902   1.00 52.98  ? 77  VAL A CG2 1 
ATOM   307  N  N   . ASN A 1 39  ? -7.203  6.481   8.816   1.00 40.33  ? 78  ASN A N   1 
ATOM   308  C  CA  . ASN A 1 39  ? -8.081  7.366   9.605   1.00 41.22  ? 78  ASN A CA  1 
ATOM   309  C  C   . ASN A 1 39  ? -7.975  8.747   8.971   1.00 41.34  ? 78  ASN A C   1 
ATOM   310  O  O   . ASN A 1 39  ? -6.847  9.236   8.776   1.00 38.37  ? 78  ASN A O   1 
ATOM   311  C  CB  . ASN A 1 39  ? -7.679  7.317   11.080  1.00 47.15  ? 78  ASN A CB  1 
ATOM   312  C  CG  . ASN A 1 39  ? -7.919  5.946   11.671  1.00 51.90  ? 78  ASN A CG  1 
ATOM   313  O  OD1 . ASN A 1 39  ? -9.021  5.408   11.578  1.00 56.12  ? 78  ASN A OD1 1 
ATOM   314  N  ND2 . ASN A 1 39  ? -6.895  5.367   12.274  1.00 56.18  ? 78  ASN A ND2 1 
ATOM   315  N  N   . VAL A 1 40  ? -9.107  9.309   8.573   1.00 40.77  ? 79  VAL A N   1 
ATOM   316  C  CA  . VAL A 1 40  ? -9.144  10.597  7.836   1.00 41.70  ? 79  VAL A CA  1 
ATOM   317  C  C   . VAL A 1 40  ? -10.096 11.501  8.599   1.00 44.83  ? 79  VAL A C   1 
ATOM   318  O  O   . VAL A 1 40  ? -11.227 11.063  8.830   1.00 45.02  ? 79  VAL A O   1 
ATOM   319  C  CB  . VAL A 1 40  ? -9.613  10.396  6.391   1.00 45.07  ? 79  VAL A CB  1 
ATOM   320  C  CG1 . VAL A 1 40  ? -9.883  11.713  5.703   1.00 46.48  ? 79  VAL A CG1 1 
ATOM   321  C  CG2 . VAL A 1 40  ? -8.596  9.574   5.606   1.00 44.93  ? 79  VAL A CG2 1 
ATOM   322  N  N   . SER A 1 41  ? -9.617  12.676  8.993   1.00 46.12  ? 80  SER A N   1 
ATOM   323  C  CA  . SER A 1 41  ? -10.452 13.758  9.569   1.00 47.18  ? 80  SER A CA  1 
ATOM   324  C  C   . SER A 1 41  ? -10.141 15.043  8.815   1.00 44.15  ? 80  SER A C   1 
ATOM   325  O  O   . SER A 1 41  ? -9.114  15.100  8.133   1.00 50.50  ? 80  SER A O   1 
ATOM   326  C  CB  . SER A 1 41  ? -10.260 13.882  11.056  1.00 50.73  ? 80  SER A CB  1 
ATOM   327  O  OG  . SER A 1 41  ? -8.931  14.218  11.401  1.00 51.09  ? 80  SER A OG  1 
ATOM   328  N  N   . GLY A 1 42  ? -11.029 16.028  8.899   1.00 51.52  ? 81  GLY A N   1 
ATOM   329  C  CA  . GLY A 1 42  ? -10.789 17.369  8.336   1.00 42.35  ? 81  GLY A CA  1 
ATOM   330  C  C   . GLY A 1 42  ? -11.241 17.462  6.901   1.00 46.27  ? 81  GLY A C   1 
ATOM   331  O  O   . GLY A 1 42  ? -10.908 18.458  6.259   1.00 45.84  ? 81  GLY A O   1 
ATOM   332  N  N   . LEU A 1 43  ? -11.963 16.463  6.379   1.00 45.29  ? 82  LEU A N   1 
ATOM   333  C  CA  . LEU A 1 43  ? -12.617 16.632  5.053   1.00 44.71  ? 82  LEU A CA  1 
ATOM   334  C  C   . LEU A 1 43  ? -13.866 17.517  5.225   1.00 44.84  ? 82  LEU A C   1 
ATOM   335  O  O   . LEU A 1 43  ? -14.370 17.650  6.353   1.00 53.34  ? 82  LEU A O   1 
ATOM   336  C  CB  . LEU A 1 43  ? -12.985 15.267  4.462   1.00 46.72  ? 82  LEU A CB  1 
ATOM   337  C  CG  . LEU A 1 43  ? -11.808 14.372  4.059   1.00 48.53  ? 82  LEU A CG  1 
ATOM   338  C  CD1 . LEU A 1 43  ? -12.314 13.065  3.470   1.00 49.47  ? 82  LEU A CD1 1 
ATOM   339  C  CD2 . LEU A 1 43  ? -10.895 15.073  3.064   1.00 47.04  ? 82  LEU A CD2 1 
ATOM   340  N  N   . ASP A 1 44  ? -14.340 18.113  4.136   1.00 47.41  ? 83  ASP A N   1 
ATOM   341  C  CA  . ASP A 1 44  ? -15.693 18.728  4.057   1.00 49.24  ? 83  ASP A CA  1 
ATOM   342  C  C   . ASP A 1 44  ? -16.713 17.594  3.946   1.00 49.66  ? 83  ASP A C   1 
ATOM   343  O  O   . ASP A 1 44  ? -16.725 16.860  2.960   1.00 48.88  ? 83  ASP A O   1 
ATOM   344  C  CB  . ASP A 1 44  ? -15.734 19.739  2.914   1.00 52.54  ? 83  ASP A CB  1 
ATOM   345  C  CG  . ASP A 1 44  ? -17.053 20.483  2.787   1.00 49.32  ? 83  ASP A CG  1 
ATOM   346  O  OD1 . ASP A 1 44  ? -18.074 19.969  3.285   1.00 51.54  ? 83  ASP A OD1 1 
ATOM   347  O  OD2 . ASP A 1 44  ? -17.042 21.525  2.130   1.00 52.05  ? 83  ASP A OD2 1 
ATOM   348  N  N   . PRO A 1 45  ? -17.558 17.357  4.976   1.00 48.75  ? 84  PRO A N   1 
ATOM   349  C  CA  . PRO A 1 45  ? -18.473 16.223  4.963   1.00 45.67  ? 84  PRO A CA  1 
ATOM   350  C  C   . PRO A 1 45  ? -19.321 16.177  3.692   1.00 48.36  ? 84  PRO A C   1 
ATOM   351  O  O   . PRO A 1 45  ? -19.786 15.113  3.341   1.00 46.64  ? 84  PRO A O   1 
ATOM   352  C  CB  . PRO A 1 45  ? -19.380 16.440  6.184   1.00 49.24  ? 84  PRO A CB  1 
ATOM   353  C  CG  . PRO A 1 45  ? -18.559 17.313  7.113   1.00 50.51  ? 84  PRO A CG  1 
ATOM   354  C  CD  . PRO A 1 45  ? -17.654 18.138  6.221   1.00 52.88  ? 84  PRO A CD  1 
ATOM   355  N  N   . ASN A 1 46  ? -19.484 17.331  3.043   1.00 52.39  ? 85  ASN A N   1 
ATOM   356  C  CA  . ASN A 1 46  ? -20.442 17.529  1.928   1.00 48.72  ? 85  ASN A CA  1 
ATOM   357  C  C   . ASN A 1 46  ? -19.720 17.516  0.586   1.00 45.97  ? 85  ASN A C   1 
ATOM   358  O  O   . ASN A 1 46  ? -20.423 17.440  -0.441  1.00 48.66  ? 85  ASN A O   1 
ATOM   359  C  CB  . ASN A 1 46  ? -21.251 18.807  2.162   1.00 49.22  ? 85  ASN A CB  1 
ATOM   360  C  CG  . ASN A 1 46  ? -22.205 18.592  3.315   1.00 48.93  ? 85  ASN A CG  1 
ATOM   361  O  OD1 . ASN A 1 46  ? -22.998 17.655  3.283   1.00 52.75  ? 85  ASN A OD1 1 
ATOM   362  N  ND2 . ASN A 1 46  ? -22.109 19.414  4.343   1.00 54.86  ? 85  ASN A ND2 1 
ATOM   363  N  N   . ALA A 1 47  ? -18.386 17.610  0.587   1.00 45.67  ? 86  ALA A N   1 
ATOM   364  C  CA  . ALA A 1 47  ? -17.562 17.641  -0.640  1.00 42.15  ? 86  ALA A CA  1 
ATOM   365  C  C   . ALA A 1 47  ? -17.372 16.204  -1.106  1.00 39.68  ? 86  ALA A C   1 
ATOM   366  O  O   . ALA A 1 47  ? -17.635 15.280  -0.350  1.00 40.16  ? 86  ALA A O   1 
ATOM   367  C  CB  . ALA A 1 47  ? -16.234 18.322  -0.420  1.00 48.39  ? 86  ALA A CB  1 
ATOM   368  N  N   . MET A 1 48  ? -16.982 16.038  -2.359  1.00 45.43  ? 87  MET A N   1 
ATOM   369  C  CA  . MET A 1 48  ? -16.862 14.698  -2.965  1.00 42.65  ? 87  MET A CA  1 
ATOM   370  C  C   . MET A 1 48  ? -15.379 14.387  -3.182  1.00 39.54  ? 87  MET A C   1 
ATOM   371  O  O   . MET A 1 48  ? -14.661 15.292  -3.600  1.00 41.29  ? 87  MET A O   1 
ATOM   372  C  CB  . MET A 1 48  ? -17.629 14.715  -4.278  1.00 47.36  ? 87  MET A CB  1 
ATOM   373  C  CG  . MET A 1 48  ? -19.099 15.069  -4.039  1.00 57.14  ? 87  MET A CG  1 
ATOM   374  S  SD  . MET A 1 48  ? -20.182 13.801  -4.663  1.00 63.17  ? 87  MET A SD  1 
ATOM   375  C  CE  . MET A 1 48  ? -19.287 12.383  -4.034  1.00 51.28  ? 87  MET A CE  1 
ATOM   376  N  N   . TYR A 1 49  ? -14.982 13.138  -2.926  1.00 37.80  ? 88  TYR A N   1 
ATOM   377  C  CA  . TYR A 1 49  ? -13.575 12.687  -2.934  1.00 39.42  ? 88  TYR A CA  1 
ATOM   378  C  C   . TYR A 1 49  ? -13.494 11.256  -3.470  1.00 39.34  ? 88  TYR A C   1 
ATOM   379  O  O   . TYR A 1 49  ? -14.394 10.459  -3.203  1.00 37.25  ? 88  TYR A O   1 
ATOM   380  C  CB  . TYR A 1 49  ? -12.972 12.698  -1.525  1.00 38.60  ? 88  TYR A CB  1 
ATOM   381  C  CG  . TYR A 1 49  ? -13.011 14.021  -0.798  1.00 42.98  ? 88  TYR A CG  1 
ATOM   382  C  CD1 . TYR A 1 49  ? -11.951 14.919  -0.850  1.00 45.96  ? 88  TYR A CD1 1 
ATOM   383  C  CD2 . TYR A 1 49  ? -14.113 14.375  -0.032  1.00 43.03  ? 88  TYR A CD2 1 
ATOM   384  C  CE1 . TYR A 1 49  ? -11.985 16.129  -0.173  1.00 46.68  ? 88  TYR A CE1 1 
ATOM   385  C  CE2 . TYR A 1 49  ? -14.168 15.589  0.640   1.00 45.08  ? 88  TYR A CE2 1 
ATOM   386  C  CZ  . TYR A 1 49  ? -13.104 16.470  0.574   1.00 46.11  ? 88  TYR A CZ  1 
ATOM   387  O  OH  . TYR A 1 49  ? -13.167 17.643  1.268   1.00 43.47  ? 88  TYR A OH  1 
ATOM   388  N  N   . SER A 1 50  ? -12.405 10.936  -4.171  1.00 33.18  ? 89  SER A N   1 
ATOM   389  C  CA  . SER A 1 50  ? -11.993 9.544   -4.453  1.00 31.61  ? 89  SER A CA  1 
ATOM   390  C  C   . SER A 1 50  ? -10.686 9.248   -3.724  1.00 36.20  ? 89  SER A C   1 
ATOM   391  O  O   . SER A 1 50  ? -9.864  10.165  -3.652  1.00 33.79  ? 89  SER A O   1 
ATOM   392  C  CB  . SER A 1 50  ? -11.838 9.344   -5.905  1.00 31.99  ? 89  SER A CB  1 
ATOM   393  O  OG  . SER A 1 50  ? -13.054 9.653   -6.533  1.00 33.19  ? 89  SER A OG  1 
ATOM   394  N  N   . PHE A 1 51  ? -10.561 8.049   -3.153  1.00 32.15  ? 90  PHE A N   1 
ATOM   395  C  CA  . PHE A 1 51  ? -9.317  7.572   -2.499  1.00 32.90  ? 90  PHE A CA  1 
ATOM   396  C  C   . PHE A 1 51  ? -8.577  6.635   -3.439  1.00 36.57  ? 90  PHE A C   1 
ATOM   397  O  O   . PHE A 1 51  ? -9.151  5.612   -3.978  1.00 30.13  ? 90  PHE A O   1 
ATOM   398  C  CB  . PHE A 1 51  ? -9.598  6.875   -1.178  1.00 32.35  ? 90  PHE A CB  1 
ATOM   399  C  CG  . PHE A 1 51  ? -9.756  7.827   -0.029  1.00 33.30  ? 90  PHE A CG  1 
ATOM   400  C  CD1 . PHE A 1 51  ? -8.946  7.734   1.080   1.00 35.05  ? 90  PHE A CD1 1 
ATOM   401  C  CD2 . PHE A 1 51  ? -10.729 8.816   -0.058  1.00 34.59  ? 90  PHE A CD2 1 
ATOM   402  C  CE1 . PHE A 1 51  ? -9.144  8.584   2.157   1.00 35.15  ? 90  PHE A CE1 1 
ATOM   403  C  CE2 . PHE A 1 51  ? -10.915 9.673   1.009   1.00 37.83  ? 90  PHE A CE2 1 
ATOM   404  C  CZ  . PHE A 1 51  ? -10.098 9.576   2.106   1.00 34.61  ? 90  PHE A CZ  1 
ATOM   405  N  N   . LEU A 1 52  ? -7.304  6.970   -3.631  1.00 36.02  ? 91  LEU A N   1 
ATOM   406  C  CA  . LEU A 1 52  ? -6.392  6.316   -4.601  1.00 33.42  ? 91  LEU A CA  1 
ATOM   407  C  C   . LEU A 1 52  ? -5.241  5.708   -3.793  1.00 33.79  ? 91  LEU A C   1 
ATOM   408  O  O   . LEU A 1 52  ? -4.876  6.294   -2.763  1.00 31.39  ? 91  LEU A O   1 
ATOM   409  C  CB  . LEU A 1 52  ? -5.898  7.375   -5.585  1.00 35.57  ? 91  LEU A CB  1 
ATOM   410  C  CG  . LEU A 1 52  ? -6.681  7.521   -6.887  1.00 37.87  ? 91  LEU A CG  1 
ATOM   411  C  CD1 . LEU A 1 52  ? -8.164  7.678   -6.639  1.00 40.53  ? 91  LEU A CD1 1 
ATOM   412  C  CD2 . LEU A 1 52  ? -6.136  8.694   -7.701  1.00 36.69  ? 91  LEU A CD2 1 
ATOM   413  N  N   . LEU A 1 53  ? -4.744  4.544   -4.206  1.00 28.21  ? 92  LEU A N   1 
ATOM   414  C  CA  . LEU A 1 53  ? -3.632  3.850   -3.537  1.00 29.42  ? 92  LEU A CA  1 
ATOM   415  C  C   . LEU A 1 53  ? -2.592  3.565   -4.612  1.00 27.20  ? 92  LEU A C   1 
ATOM   416  O  O   . LEU A 1 53  ? -2.962  3.135   -5.713  1.00 32.77  ? 92  LEU A O   1 
ATOM   417  C  CB  . LEU A 1 53  ? -4.149  2.582   -2.848  1.00 31.12  ? 92  LEU A CB  1 
ATOM   418  C  CG  . LEU A 1 53  ? -3.065  1.629   -2.351  1.00 30.16  ? 92  LEU A CG  1 
ATOM   419  C  CD1 . LEU A 1 53  ? -2.246  2.248   -1.241  1.00 28.86  ? 92  LEU A CD1 1 
ATOM   420  C  CD2 . LEU A 1 53  ? -3.664  0.316   -1.866  1.00 32.68  ? 92  LEU A CD2 1 
ATOM   421  N  N   . ASP A 1 54  ? -1.321  3.885   -4.349  1.00 31.46  ? 93  ASP A N   1 
ATOM   422  C  CA  . ASP A 1 54  ? -0.232  3.441   -5.256  1.00 25.31  ? 93  ASP A CA  1 
ATOM   423  C  C   . ASP A 1 54  ? 0.946   3.019   -4.384  1.00 25.21  ? 93  ASP A C   1 
ATOM   424  O  O   . ASP A 1 54  ? 0.880   3.099   -3.163  1.00 26.47  ? 93  ASP A O   1 
ATOM   425  C  CB  . ASP A 1 54  ? 0.090   4.484   -6.337  1.00 29.12  ? 93  ASP A CB  1 
ATOM   426  C  CG  . ASP A 1 54  ? 0.567   5.834   -5.819  1.00 28.73  ? 93  ASP A CG  1 
ATOM   427  O  OD1 . ASP A 1 54  ? 0.904   5.944   -4.604  1.00 28.71  ? 93  ASP A OD1 1 
ATOM   428  O  OD2 . ASP A 1 54  ? 0.590   6.769   -6.645  1.00 31.03  ? 93  ASP A OD2 1 
ATOM   429  N  N   . PHE A 1 55  ? 1.959   2.474   -5.023  1.00 29.66  ? 94  PHE A N   1 
ATOM   430  C  CA  . PHE A 1 55  ? 3.148   1.929   -4.339  1.00 28.89  ? 94  PHE A CA  1 
ATOM   431  C  C   . PHE A 1 55  ? 4.377   2.611   -4.959  1.00 26.11  ? 94  PHE A C   1 
ATOM   432  O  O   . PHE A 1 55  ? 4.655   2.443   -6.159  1.00 30.44  ? 94  PHE A O   1 
ATOM   433  C  CB  . PHE A 1 55  ? 3.127   0.410   -4.457  1.00 29.32  ? 94  PHE A CB  1 
ATOM   434  C  CG  . PHE A 1 55  ? 1.889   -0.206  -3.873  1.00 28.29  ? 94  PHE A CG  1 
ATOM   435  C  CD1 . PHE A 1 55  ? 1.874   -0.620  -2.556  1.00 30.43  ? 94  PHE A CD1 1 
ATOM   436  C  CD2 . PHE A 1 55  ? 0.722   -0.286  -4.609  1.00 30.04  ? 94  PHE A CD2 1 
ATOM   437  C  CE1 . PHE A 1 55  ? 0.732   -1.172  -2.000  1.00 30.86  ? 94  PHE A CE1 1 
ATOM   438  C  CE2 . PHE A 1 55  ? -0.414  -0.846  -4.056  1.00 29.31  ? 94  PHE A CE2 1 
ATOM   439  C  CZ  . PHE A 1 55  ? -0.419  -1.245  -2.739  1.00 29.58  ? 94  PHE A CZ  1 
ATOM   440  N  N   . VAL A 1 56  ? 5.114   3.321   -4.122  1.00 30.95  ? 95  VAL A N   1 
ATOM   441  C  CA  . VAL A 1 56  ? 6.383   3.978   -4.542  1.00 31.60  ? 95  VAL A CA  1 
ATOM   442  C  C   . VAL A 1 56  ? 7.490   2.965   -4.345  1.00 26.15  ? 95  VAL A C   1 
ATOM   443  O  O   . VAL A 1 56  ? 7.653   2.506   -3.199  1.00 29.39  ? 95  VAL A O   1 
ATOM   444  C  CB  . VAL A 1 56  ? 6.661   5.232   -3.683  1.00 29.42  ? 95  VAL A CB  1 
ATOM   445  C  CG1 . VAL A 1 56  ? 8.006   5.863   -4.055  1.00 26.80  ? 95  VAL A CG1 1 
ATOM   446  C  CG2 . VAL A 1 56  ? 5.517   6.224   -3.787  1.00 32.56  ? 95  VAL A CG2 1 
ATOM   447  N  N   . ALA A 1 57  ? 8.338   2.777   -5.345  1.00 29.54  ? 96  ALA A N   1 
ATOM   448  C  CA  . ALA A 1 57  ? 9.603   2.025   -5.203  1.00 28.78  ? 96  ALA A CA  1 
ATOM   449  C  C   . ALA A 1 57  ? 10.488  2.817   -4.256  1.00 27.36  ? 96  ALA A C   1 
ATOM   450  O  O   . ALA A 1 57  ? 10.816  3.964   -4.654  1.00 28.43  ? 96  ALA A O   1 
ATOM   451  C  CB  . ALA A 1 57  ? 10.233  1.838   -6.577  1.00 28.73  ? 96  ALA A CB  1 
ATOM   452  N  N   . ALA A 1 58  ? 10.764  2.308   -3.037  1.00 27.77  ? 97  ALA A N   1 
ATOM   453  C  CA  . ALA A 1 58  ? 11.451  3.032   -1.937  1.00 27.27  ? 97  ALA A CA  1 
ATOM   454  C  C   . ALA A 1 58  ? 12.930  3.291   -2.290  1.00 29.92  ? 97  ALA A C   1 
ATOM   455  O  O   . ALA A 1 58  ? 13.527  4.249   -1.747  1.00 29.50  ? 97  ALA A O   1 
ATOM   456  C  CB  . ALA A 1 58  ? 11.350  2.290   -0.635  1.00 29.36  ? 97  ALA A CB  1 
ATOM   457  N  N   . ASP A 1 59  ? 13.487  2.434   -3.126  1.00 30.71  ? 98  ASP A N   1 
ATOM   458  C  CA  . ASP A 1 59  ? 14.859  2.544   -3.673  1.00 32.50  ? 98  ASP A CA  1 
ATOM   459  C  C   . ASP A 1 59  ? 14.815  1.891   -5.037  1.00 33.62  ? 98  ASP A C   1 
ATOM   460  O  O   . ASP A 1 59  ? 13.747  1.351   -5.407  1.00 38.70  ? 98  ASP A O   1 
ATOM   461  C  CB  . ASP A 1 59  ? 15.874  1.925   -2.730  1.00 33.40  ? 98  ASP A CB  1 
ATOM   462  C  CG  . ASP A 1 59  ? 15.602  0.432   -2.479  1.00 34.98  ? 98  ASP A CG  1 
ATOM   463  O  OD1 . ASP A 1 59  ? 15.734  -0.335  -3.423  1.00 37.81  ? 98  ASP A OD1 1 
ATOM   464  O  OD2 . ASP A 1 59  ? 15.239  0.095   -1.362  1.00 34.45  ? 98  ASP A OD2 1 
ATOM   465  N  N   . ASN A 1 60  ? 15.919  1.998   -5.761  1.00 35.32  ? 99  ASN A N   1 
ATOM   466  C  CA  . ASN A 1 60  ? 16.013  1.607   -7.175  1.00 37.11  ? 99  ASN A CA  1 
ATOM   467  C  C   . ASN A 1 60  ? 16.643  0.218   -7.286  1.00 37.70  ? 99  ASN A C   1 
ATOM   468  O  O   . ASN A 1 60  ? 17.048  -0.121  -8.384  1.00 38.58  ? 99  ASN A O   1 
ATOM   469  C  CB  . ASN A 1 60  ? 16.824  2.643   -7.957  1.00 39.70  ? 99  ASN A CB  1 
ATOM   470  C  CG  . ASN A 1 60  ? 16.082  3.951   -8.130  1.00 41.47  ? 99  ASN A CG  1 
ATOM   471  O  OD1 . ASN A 1 60  ? 16.708  5.003   -8.111  1.00 46.59  ? 99  ASN A OD1 1 
ATOM   472  N  ND2 . ASN A 1 60  ? 14.774  3.898   -8.297  1.00 38.59  ? 99  ASN A ND2 1 
ATOM   473  N  N   . HIS A 1 61  ? 16.672  -0.572  -6.211  1.00 39.02  ? 100 HIS A N   1 
ATOM   474  C  CA  . HIS A 1 61  ? 17.463  -1.827  -6.187  1.00 37.60  ? 100 HIS A CA  1 
ATOM   475  C  C   . HIS A 1 61  ? 16.557  -3.073  -6.149  1.00 44.58  ? 100 HIS A C   1 
ATOM   476  O  O   . HIS A 1 61  ? 15.398  -3.018  -5.647  1.00 37.95  ? 100 HIS A O   1 
ATOM   477  C  CB  . HIS A 1 61  ? 18.441  -1.770  -5.012  1.00 37.36  ? 100 HIS A CB  1 
ATOM   478  C  CG  . HIS A 1 61  ? 19.520  -0.742  -5.117  1.00 42.26  ? 100 HIS A CG  1 
ATOM   479  N  ND1 . HIS A 1 61  ? 20.826  -1.089  -5.427  1.00 42.57  ? 100 HIS A ND1 1 
ATOM   480  C  CD2 . HIS A 1 61  ? 19.517  0.604   -4.908  1.00 40.97  ? 100 HIS A CD2 1 
ATOM   481  C  CE1 . HIS A 1 61  ? 21.579  0.000   -5.415  1.00 52.27  ? 100 HIS A CE1 1 
ATOM   482  N  NE2 . HIS A 1 61  ? 20.799  1.055   -5.110  1.00 45.68  ? 100 HIS A NE2 1 
ATOM   483  N  N   . ARG A 1 62  ? 17.109  -4.177  -6.647  1.00 45.99  ? 101 ARG A N   1 
ATOM   484  C  CA  . ARG A 1 62  ? 16.625  -5.559  -6.438  1.00 44.88  ? 101 ARG A CA  1 
ATOM   485  C  C   . ARG A 1 62  ? 17.183  -6.050  -5.093  1.00 45.97  ? 101 ARG A C   1 
ATOM   486  O  O   . ARG A 1 62  ? 18.385  -5.825  -4.812  1.00 48.67  ? 101 ARG A O   1 
ATOM   487  C  CB  . ARG A 1 62  ? 17.083  -6.384  -7.647  1.00 59.16  ? 101 ARG A CB  1 
ATOM   488  C  CG  . ARG A 1 62  ? 17.140  -7.894  -7.442  1.00 68.63  ? 101 ARG A CG  1 
ATOM   489  C  CD  . ARG A 1 62  ? 17.273  -8.643  -8.761  1.00 75.21  ? 101 ARG A CD  1 
ATOM   490  N  NE  . ARG A 1 62  ? 16.185  -8.272  -9.653  1.00 85.72  ? 101 ARG A NE  1 
ATOM   491  C  CZ  . ARG A 1 62  ? 14.938  -8.732  -9.574  1.00 94.91  ? 101 ARG A CZ  1 
ATOM   492  N  NH1 . ARG A 1 62  ? 14.605  -9.625  -8.652  1.00 92.64  ? 101 ARG A NH1 1 
ATOM   493  N  NH2 . ARG A 1 62  ? 14.026  -8.305  -10.432 1.00 97.16  ? 101 ARG A NH2 1 
ATOM   494  N  N   . TRP A 1 63  ? 16.335  -6.663  -4.265  1.00 40.00  ? 102 TRP A N   1 
ATOM   495  C  CA  . TRP A 1 63  ? 16.707  -7.195  -2.934  1.00 40.88  ? 102 TRP A CA  1 
ATOM   496  C  C   . TRP A 1 63  ? 16.728  -8.733  -2.992  1.00 48.41  ? 102 TRP A C   1 
ATOM   497  O  O   . TRP A 1 63  ? 16.019  -9.300  -3.826  1.00 52.23  ? 102 TRP A O   1 
ATOM   498  C  CB  . TRP A 1 63  ? 15.736  -6.674  -1.878  1.00 39.50  ? 102 TRP A CB  1 
ATOM   499  C  CG  . TRP A 1 63  ? 15.851  -5.201  -1.633  1.00 38.18  ? 102 TRP A CG  1 
ATOM   500  C  CD1 . TRP A 1 63  ? 15.432  -4.187  -2.449  1.00 36.87  ? 102 TRP A CD1 1 
ATOM   501  C  CD2 . TRP A 1 63  ? 16.437  -4.576  -0.487  1.00 36.38  ? 102 TRP A CD2 1 
ATOM   502  N  NE1 . TRP A 1 63  ? 15.680  -2.975  -1.860  1.00 35.24  ? 102 TRP A NE1 1 
ATOM   503  C  CE2 . TRP A 1 63  ? 16.329  -3.180  -0.676  1.00 35.02  ? 102 TRP A CE2 1 
ATOM   504  C  CE3 . TRP A 1 63  ? 17.051  -5.060  0.666   1.00 34.43  ? 102 TRP A CE3 1 
ATOM   505  C  CZ2 . TRP A 1 63  ? 16.801  -2.273  0.256   1.00 33.39  ? 102 TRP A CZ2 1 
ATOM   506  C  CZ3 . TRP A 1 63  ? 17.501  -4.161  1.602   1.00 34.93  ? 102 TRP A CZ3 1 
ATOM   507  C  CH2 . TRP A 1 63  ? 17.381  -2.786  1.392   1.00 35.41  ? 102 TRP A CH2 1 
ATOM   508  N  N   . LYS A 1 64  ? 17.511  -9.378  -2.133  1.00 47.94  ? 103 LYS A N   1 
ATOM   509  C  CA  . LYS A 1 64  ? 17.634  -10.860 -2.079  1.00 54.11  ? 103 LYS A CA  1 
ATOM   510  C  C   . LYS A 1 64  ? 17.831  -11.248 -0.608  1.00 50.70  ? 103 LYS A C   1 
ATOM   511  O  O   . LYS A 1 64  ? 18.438  -10.457 0.125   1.00 44.95  ? 103 LYS A O   1 
ATOM   512  C  CB  . LYS A 1 64  ? 18.747  -11.312 -3.032  1.00 61.45  ? 103 LYS A CB  1 
ATOM   513  C  CG  . LYS A 1 64  ? 19.774  -10.234 -3.356  1.00 75.92  ? 103 LYS A CG  1 
ATOM   514  C  CD  . LYS A 1 64  ? 21.144  -10.751 -3.746  1.00 84.07  ? 103 LYS A CD  1 
ATOM   515  C  CE  . LYS A 1 64  ? 22.195  -9.658  -3.741  1.00 86.59  ? 103 LYS A CE  1 
ATOM   516  N  NZ  . LYS A 1 64  ? 23.534  -10.182 -3.384  1.00 86.75  ? 103 LYS A NZ  1 
ATOM   517  N  N   . TYR A 1 65  ? 17.229  -12.356 -0.161  1.00 52.57  ? 104 TYR A N   1 
ATOM   518  C  CA  . TYR A 1 65  ? 17.331  -12.835 1.243   1.00 48.92  ? 104 TYR A CA  1 
ATOM   519  C  C   . TYR A 1 65  ? 18.583  -13.715 1.264   1.00 52.07  ? 104 TYR A C   1 
ATOM   520  O  O   . TYR A 1 65  ? 18.513  -14.795 0.701   1.00 51.98  ? 104 TYR A O   1 
ATOM   521  C  CB  . TYR A 1 65  ? 16.047  -13.550 1.689   1.00 44.37  ? 104 TYR A CB  1 
ATOM   522  C  CG  . TYR A 1 65  ? 15.854  -13.716 3.185   1.00 44.63  ? 104 TYR A CG  1 
ATOM   523  C  CD1 . TYR A 1 65  ? 15.711  -12.625 4.022   1.00 46.04  ? 104 TYR A CD1 1 
ATOM   524  C  CD2 . TYR A 1 65  ? 15.777  -14.978 3.773   1.00 45.78  ? 104 TYR A CD2 1 
ATOM   525  C  CE1 . TYR A 1 65  ? 15.513  -12.771 5.390   1.00 47.64  ? 104 TYR A CE1 1 
ATOM   526  C  CE2 . TYR A 1 65  ? 15.565  -15.134 5.139   1.00 40.92  ? 104 TYR A CE2 1 
ATOM   527  C  CZ  . TYR A 1 65  ? 15.423  -14.038 5.953   1.00 45.93  ? 104 TYR A CZ  1 
ATOM   528  O  OH  . TYR A 1 65  ? 15.226  -14.206 7.300   1.00 50.58  ? 104 TYR A OH  1 
ATOM   529  N  N   . VAL A 1 66  ? 19.708  -13.180 1.734   1.00 55.89  ? 105 VAL A N   1 
ATOM   530  C  CA  . VAL A 1 66  ? 21.031  -13.873 1.740   1.00 58.54  ? 105 VAL A CA  1 
ATOM   531  C  C   . VAL A 1 66  ? 21.357  -14.182 3.194   1.00 54.71  ? 105 VAL A C   1 
ATOM   532  O  O   . VAL A 1 66  ? 21.340  -13.248 4.018   1.00 52.90  ? 105 VAL A O   1 
ATOM   533  C  CB  . VAL A 1 66  ? 22.143  -13.034 1.079   1.00 60.70  ? 105 VAL A CB  1 
ATOM   534  C  CG1 . VAL A 1 66  ? 23.525  -13.649 1.277   1.00 63.02  ? 105 VAL A CG1 1 
ATOM   535  C  CG2 . VAL A 1 66  ? 21.874  -12.818 -0.400  1.00 59.01  ? 105 VAL A CG2 1 
ATOM   536  N  N   . ASN A 1 67  ? 21.601  -15.453 3.495   1.00 55.96  ? 106 ASN A N   1 
ATOM   537  C  CA  . ASN A 1 67  ? 22.005  -15.905 4.846   1.00 57.90  ? 106 ASN A CA  1 
ATOM   538  C  C   . ASN A 1 67  ? 21.093  -15.270 5.889   1.00 55.34  ? 106 ASN A C   1 
ATOM   539  O  O   . ASN A 1 67  ? 21.625  -14.697 6.850   1.00 46.31  ? 106 ASN A O   1 
ATOM   540  C  CB  . ASN A 1 67  ? 23.476  -15.577 5.103   1.00 64.92  ? 106 ASN A CB  1 
ATOM   541  C  CG  . ASN A 1 67  ? 24.373  -16.454 4.262   1.00 67.16  ? 106 ASN A CG  1 
ATOM   542  O  OD1 . ASN A 1 67  ? 24.214  -17.673 4.267   1.00 70.03  ? 106 ASN A OD1 1 
ATOM   543  N  ND2 . ASN A 1 67  ? 25.272  -15.847 3.509   1.00 60.66  ? 106 ASN A ND2 1 
ATOM   544  N  N   . GLY A 1 68  ? 19.775  -15.364 5.681   1.00 56.15  ? 107 GLY A N   1 
ATOM   545  C  CA  . GLY A 1 68  ? 18.751  -14.925 6.651   1.00 55.32  ? 107 GLY A CA  1 
ATOM   546  C  C   . GLY A 1 68  ? 18.641  -13.413 6.773   1.00 49.30  ? 107 GLY A C   1 
ATOM   547  O  O   . GLY A 1 68  ? 18.060  -12.955 7.752   1.00 54.03  ? 107 GLY A O   1 
ATOM   548  N  N   . GLU A 1 69  ? 19.146  -12.653 5.811   1.00 47.76  ? 108 GLU A N   1 
ATOM   549  C  CA  . GLU A 1 69  ? 19.074  -11.169 5.867   1.00 53.58  ? 108 GLU A CA  1 
ATOM   550  C  C   . GLU A 1 69  ? 18.778  -10.644 4.458   1.00 47.33  ? 108 GLU A C   1 
ATOM   551  O  O   . GLU A 1 69  ? 19.290  -11.215 3.494   1.00 48.45  ? 108 GLU A O   1 
ATOM   552  C  CB  . GLU A 1 69  ? 20.328  -10.604 6.551   1.00 59.26  ? 108 GLU A CB  1 
ATOM   553  C  CG  . GLU A 1 69  ? 21.553  -10.462 5.648   1.00 70.90  ? 108 GLU A CG  1 
ATOM   554  C  CD  . GLU A 1 69  ? 22.723  -9.645  6.202   1.00 82.14  ? 108 GLU A CD  1 
ATOM   555  O  OE1 . GLU A 1 69  ? 22.771  -9.401  7.433   1.00 80.56  ? 108 GLU A OE1 1 
ATOM   556  O  OE2 . GLU A 1 69  ? 23.599  -9.251  5.394   1.00 86.16  ? 108 GLU A OE2 1 
ATOM   557  N  N   . TRP A 1 70  ? 17.925  -9.617  4.355   1.00 47.98  ? 109 TRP A N   1 
ATOM   558  C  CA  . TRP A 1 70  ? 17.605  -8.908  3.089   1.00 42.07  ? 109 TRP A CA  1 
ATOM   559  C  C   . TRP A 1 70  ? 18.767  -7.966  2.726   1.00 42.92  ? 109 TRP A C   1 
ATOM   560  O  O   . TRP A 1 70  ? 19.205  -7.217  3.610   1.00 43.95  ? 109 TRP A O   1 
ATOM   561  C  CB  . TRP A 1 70  ? 16.282  -8.128  3.232   1.00 43.79  ? 109 TRP A CB  1 
ATOM   562  C  CG  . TRP A 1 70  ? 15.069  -9.000  3.133   1.00 38.09  ? 109 TRP A CG  1 
ATOM   563  C  CD1 . TRP A 1 70  ? 14.232  -9.389  4.145   1.00 38.61  ? 109 TRP A CD1 1 
ATOM   564  C  CD2 . TRP A 1 70  ? 14.568  -9.610  1.936   1.00 34.37  ? 109 TRP A CD2 1 
ATOM   565  N  NE1 . TRP A 1 70  ? 13.260  -10.225 3.658   1.00 40.02  ? 109 TRP A NE1 1 
ATOM   566  C  CE2 . TRP A 1 70  ? 13.439  -10.376 2.308   1.00 35.85  ? 109 TRP A CE2 1 
ATOM   567  C  CE3 . TRP A 1 70  ? 14.956  -9.597  0.594   1.00 36.31  ? 109 TRP A CE3 1 
ATOM   568  C  CZ2 . TRP A 1 70  ? 12.697  -11.089 1.373   1.00 39.27  ? 109 TRP A CZ2 1 
ATOM   569  C  CZ3 . TRP A 1 70  ? 14.233  -10.319 -0.322  1.00 38.68  ? 109 TRP A CZ3 1 
ATOM   570  C  CH2 . TRP A 1 70  ? 13.104  -11.043 0.061   1.00 37.18  ? 109 TRP A CH2 1 
ATOM   571  N  N   . VAL A 1 71  ? 19.260  -8.013  1.491   1.00 43.45  ? 110 VAL A N   1 
ATOM   572  C  CA  . VAL A 1 71  ? 20.422  -7.176  1.055   1.00 44.27  ? 110 VAL A CA  1 
ATOM   573  C  C   . VAL A 1 71  ? 20.159  -6.689  -0.358  1.00 41.00  ? 110 VAL A C   1 
ATOM   574  O  O   . VAL A 1 71  ? 19.682  -7.423  -1.218  1.00 39.52  ? 110 VAL A O   1 
ATOM   575  C  CB  . VAL A 1 71  ? 21.781  -7.901  1.178   1.00 46.82  ? 110 VAL A CB  1 
ATOM   576  C  CG1 . VAL A 1 71  ? 22.139  -8.167  2.633   1.00 52.07  ? 110 VAL A CG1 1 
ATOM   577  C  CG2 . VAL A 1 71  ? 21.817  -9.183  0.381   1.00 54.78  ? 110 VAL A CG2 1 
ATOM   578  N  N   . PRO A 1 72  ? 20.429  -5.397  -0.611  1.00 45.36  ? 111 PRO A N   1 
ATOM   579  C  CA  . PRO A 1 72  ? 20.212  -4.809  -1.920  1.00 47.02  ? 111 PRO A CA  1 
ATOM   580  C  C   . PRO A 1 72  ? 21.274  -5.226  -2.936  1.00 45.33  ? 111 PRO A C   1 
ATOM   581  O  O   . PRO A 1 72  ? 22.404  -5.276  -2.565  1.00 49.42  ? 111 PRO A O   1 
ATOM   582  C  CB  . PRO A 1 72  ? 20.306  -3.296  -1.700  1.00 47.02  ? 111 PRO A CB  1 
ATOM   583  C  CG  . PRO A 1 72  ? 20.913  -3.090  -0.337  1.00 45.67  ? 111 PRO A CG  1 
ATOM   584  C  CD  . PRO A 1 72  ? 20.908  -4.427  0.376   1.00 49.69  ? 111 PRO A CD  1 
ATOM   585  N  N   . GLY A 1 73  ? 20.855  -5.473  -4.178  1.00 46.44  ? 112 GLY A N   1 
ATOM   586  C  CA  . GLY A 1 73  ? 21.758  -5.661  -5.323  1.00 49.73  ? 112 GLY A CA  1 
ATOM   587  C  C   . GLY A 1 73  ? 22.692  -4.466  -5.466  1.00 56.90  ? 112 GLY A C   1 
ATOM   588  O  O   . GLY A 1 73  ? 22.560  -3.471  -4.703  1.00 51.69  ? 112 GLY A O   1 
ATOM   589  N  N   . GLY A 1 74  ? 23.637  -4.562  -6.394  1.00 57.59  ? 113 GLY A N   1 
ATOM   590  C  CA  . GLY A 1 74  ? 24.604  -3.491  -6.665  1.00 60.72  ? 113 GLY A CA  1 
ATOM   591  C  C   . GLY A 1 74  ? 24.153  -2.643  -7.834  1.00 63.50  ? 113 GLY A C   1 
ATOM   592  O  O   . GLY A 1 74  ? 24.735  -1.562  -8.001  1.00 77.39  ? 113 GLY A O   1 
ATOM   593  N  N   . LYS A 1 75  ? 23.155  -3.094  -8.606  1.00 57.57  ? 114 LYS A N   1 
ATOM   594  C  CA  . LYS A 1 75  ? 22.885  -2.536  -9.958  1.00 64.26  ? 114 LYS A CA  1 
ATOM   595  C  C   . LYS A 1 75  ? 21.531  -1.839  -10.027 1.00 58.15  ? 114 LYS A C   1 
ATOM   596  O  O   . LYS A 1 75  ? 20.633  -2.261  -10.750 1.00 51.90  ? 114 LYS A O   1 
ATOM   597  C  CB  . LYS A 1 75  ? 22.989  -3.620  -11.030 1.00 73.30  ? 114 LYS A CB  1 
ATOM   598  C  CG  . LYS A 1 75  ? 23.487  -3.089  -12.367 1.00 82.38  ? 114 LYS A CG  1 
ATOM   599  C  CD  . LYS A 1 75  ? 24.737  -2.217  -12.237 1.00 84.71  ? 114 LYS A CD  1 
ATOM   600  C  CE  . LYS A 1 75  ? 25.599  -2.184  -13.482 1.00 90.41  ? 114 LYS A CE  1 
ATOM   601  N  NZ  . LYS A 1 75  ? 24.804  -1.864  -14.690 1.00 99.51  ? 114 LYS A NZ  1 
ATOM   602  N  N   . PRO A 1 76  ? 21.390  -0.664  -9.387  1.00 60.02  ? 115 PRO A N   1 
ATOM   603  C  CA  . PRO A 1 76  ? 20.118  0.053   -9.392  1.00 61.67  ? 115 PRO A CA  1 
ATOM   604  C  C   . PRO A 1 76  ? 19.600  0.290   -10.819 1.00 64.00  ? 115 PRO A C   1 
ATOM   605  O  O   . PRO A 1 76  ? 20.396  0.449   -11.733 1.00 63.08  ? 115 PRO A O   1 
ATOM   606  C  CB  . PRO A 1 76  ? 20.410  1.388   -8.682  1.00 62.73  ? 115 PRO A CB  1 
ATOM   607  C  CG  . PRO A 1 76  ? 21.926  1.522   -8.722  1.00 66.77  ? 115 PRO A CG  1 
ATOM   608  C  CD  . PRO A 1 76  ? 22.455  0.096   -8.718  1.00 66.27  ? 115 PRO A CD  1 
ATOM   609  N  N   . GLU A 1 77  ? 18.275  0.293   -10.969 1.00 56.59  ? 116 GLU A N   1 
ATOM   610  C  CA  . GLU A 1 77  ? 17.585  0.694   -12.219 1.00 64.22  ? 116 GLU A CA  1 
ATOM   611  C  C   . GLU A 1 77  ? 16.419  1.607   -11.865 1.00 62.43  ? 116 GLU A C   1 
ATOM   612  O  O   . GLU A 1 77  ? 15.814  1.464   -10.810 1.00 71.23  ? 116 GLU A O   1 
ATOM   613  C  CB  . GLU A 1 77  ? 17.094  -0.545  -12.958 1.00 63.76  ? 116 GLU A CB  1 
ATOM   614  C  CG  . GLU A 1 77  ? 18.202  -1.523  -13.284 1.00 67.42  ? 116 GLU A CG  1 
ATOM   615  C  CD  . GLU A 1 77  ? 17.683  -2.762  -13.990 1.00 70.37  ? 116 GLU A CD  1 
ATOM   616  O  OE1 . GLU A 1 77  ? 16.632  -2.656  -14.657 1.00 73.21  ? 116 GLU A OE1 1 
ATOM   617  O  OE2 . GLU A 1 77  ? 18.299  -3.836  -13.841 1.00 71.38  ? 116 GLU A OE2 1 
ATOM   618  N  N   . PRO A 1 78  ? 16.042  2.543   -12.741 1.00 63.31  ? 117 PRO A N   1 
ATOM   619  C  CA  . PRO A 1 78  ? 14.932  3.420   -12.454 1.00 63.65  ? 117 PRO A CA  1 
ATOM   620  C  C   . PRO A 1 78  ? 13.674  2.565   -12.289 1.00 63.09  ? 117 PRO A C   1 
ATOM   621  O  O   . PRO A 1 78  ? 13.509  1.623   -12.998 1.00 53.81  ? 117 PRO A O   1 
ATOM   622  C  CB  . PRO A 1 78  ? 14.772  4.196   -13.755 1.00 63.37  ? 117 PRO A CB  1 
ATOM   623  C  CG  . PRO A 1 78  ? 16.146  4.167   -14.350 1.00 66.33  ? 117 PRO A CG  1 
ATOM   624  C  CD  . PRO A 1 78  ? 16.666  2.790   -14.019 1.00 64.95  ? 117 PRO A CD  1 
ATOM   625  N  N   . GLN A 1 79  ? 12.835  2.928   -11.329 1.00 67.94  ? 118 GLN A N   1 
ATOM   626  C  CA  . GLN A 1 79  ? 11.592  2.154   -11.131 1.00 74.93  ? 118 GLN A CA  1 
ATOM   627  C  C   . GLN A 1 79  ? 10.421  3.033   -11.549 1.00 79.03  ? 118 GLN A C   1 
ATOM   628  O  O   . GLN A 1 79  ? 10.148  4.011   -10.859 1.00 75.24  ? 118 GLN A O   1 
ATOM   629  C  CB  . GLN A 1 79  ? 11.447  1.769   -9.664  1.00 70.79  ? 118 GLN A CB  1 
ATOM   630  C  CG  . GLN A 1 79  ? 12.655  1.051   -9.099  1.00 75.16  ? 118 GLN A CG  1 
ATOM   631  C  CD  . GLN A 1 79  ? 12.827  -0.305  -9.731  1.00 71.68  ? 118 GLN A CD  1 
ATOM   632  O  OE1 . GLN A 1 79  ? 11.865  -1.005  -10.025 1.00 69.49  ? 118 GLN A OE1 1 
ATOM   633  N  NE2 . GLN A 1 79  ? 14.070  -0.674  -9.970  1.00 73.93  ? 118 GLN A NE2 1 
ATOM   634  N  N   . ALA A 1 80  ? 9.726   2.634   -12.609 1.00 95.51  ? 119 ALA A N   1 
ATOM   635  C  CA  . ALA A 1 80  ? 8.547   3.401   -13.065 1.00 93.13  ? 119 ALA A CA  1 
ATOM   636  C  C   . ALA A 1 80  ? 7.508   3.318   -11.956 1.00 82.43  ? 119 ALA A C   1 
ATOM   637  O  O   . ALA A 1 80  ? 7.313   2.234   -11.411 1.00 74.82  ? 119 ALA A O   1 
ATOM   638  C  CB  . ALA A 1 80  ? 7.999   2.831   -14.347 1.00 97.07  ? 119 ALA A CB  1 
ATOM   639  N  N   . PRO A 1 81  ? 6.710   4.368   -11.711 1.00 70.53  ? 120 PRO A N   1 
ATOM   640  C  CA  . PRO A 1 81  ? 5.735   4.342   -10.634 1.00 66.97  ? 120 PRO A CA  1 
ATOM   641  C  C   . PRO A 1 81  ? 4.654   3.283   -10.883 1.00 54.28  ? 120 PRO A C   1 
ATOM   642  O  O   . PRO A 1 81  ? 4.341   2.970   -12.020 1.00 54.92  ? 120 PRO A O   1 
ATOM   643  C  CB  . PRO A 1 81  ? 5.074   5.713   -10.780 1.00 30.00  ? 120 PRO A CB  1 
ATOM   644  C  CG  . PRO A 1 81  ? 5.212   6.009   -12.246 1.00 30.00  ? 120 PRO A CG  1 
ATOM   645  C  CD  . PRO A 1 81  ? 6.621   5.555   -12.533 1.00 30.00  ? 120 PRO A CD  1 
ATOM   646  N  N   . SER A 1 82  ? 4.069   2.775   -9.802  1.00 46.37  ? 121 SER A N   1 
ATOM   647  C  CA  . SER A 1 82  ? 3.005   1.749   -9.911  1.00 40.57  ? 121 SER A CA  1 
ATOM   648  C  C   . SER A 1 82  ? 1.711   2.368   -10.412 1.00 37.45  ? 121 SER A C   1 
ATOM   649  O  O   . SER A 1 82  ? 1.533   3.566   -10.315 1.00 43.24  ? 121 SER A O   1 
ATOM   650  C  CB  . SER A 1 82  ? 2.746   1.037   -8.619  1.00 30.00  ? 121 SER A CB  1 
ATOM   651  O  OG  . SER A 1 82  ? 1.691   1.641   -7.892  1.00 30.00  ? 121 SER A OG  1 
ATOM   652  N  N   . CYS A 1 83  ? 0.854   1.518   -10.945 1.00 38.46  ? 122 CYS A N   1 
ATOM   653  C  CA  . CYS A 1 83  ? -0.486  1.984   -11.336 1.00 37.62  ? 122 CYS A CA  1 
ATOM   654  C  C   . CYS A 1 83  ? -1.289  2.313   -10.070 1.00 33.60  ? 122 CYS A C   1 
ATOM   655  O  O   . CYS A 1 83  ? -0.937  1.912   -8.969  1.00 32.03  ? 122 CYS A O   1 
ATOM   656  C  CB  . CYS A 1 83  ? -1.184  0.988   -12.248 1.00 40.76  ? 122 CYS A CB  1 
ATOM   657  S  SG  . CYS A 1 83  ? -0.559  1.060   -13.943 1.00 48.17  ? 122 CYS A SG  1 
ATOM   658  N  N   . VAL A 1 84  ? -2.354  3.064   -10.244 1.00 35.20  ? 123 VAL A N   1 
ATOM   659  C  CA  . VAL A 1 84  ? -3.150  3.506   -9.076  1.00 35.78  ? 123 VAL A CA  1 
ATOM   660  C  C   . VAL A 1 84  ? -4.389  2.630   -8.903  1.00 32.25  ? 123 VAL A C   1 
ATOM   661  O  O   . VAL A 1 84  ? -4.981  2.260   -9.880  1.00 31.83  ? 123 VAL A O   1 
ATOM   662  C  CB  . VAL A 1 84  ? -3.543  4.972   -9.272  1.00 39.29  ? 123 VAL A CB  1 
ATOM   663  C  CG1 . VAL A 1 84  ? -4.449  5.110   -10.468 1.00 42.48  ? 123 VAL A CG1 1 
ATOM   664  C  CG2 . VAL A 1 84  ? -4.199  5.526   -8.033  1.00 45.50  ? 123 VAL A CG2 1 
ATOM   665  N  N   . TYR A 1 85  ? -4.721  2.316   -7.661  1.00 33.26  ? 124 TYR A N   1 
ATOM   666  C  CA  . TYR A 1 85  ? -5.930  1.525   -7.343  1.00 31.38  ? 124 TYR A CA  1 
ATOM   667  C  C   . TYR A 1 85  ? -6.962  2.475   -6.746  1.00 30.81  ? 124 TYR A C   1 
ATOM   668  O  O   . TYR A 1 85  ? -6.647  3.136   -5.785  1.00 29.25  ? 124 TYR A O   1 
ATOM   669  C  CB  . TYR A 1 85  ? -5.612  0.460   -6.296  1.00 34.66  ? 124 TYR A CB  1 
ATOM   670  C  CG  . TYR A 1 85  ? -6.802  -0.251  -5.704  1.00 37.18  ? 124 TYR A CG  1 
ATOM   671  C  CD1 . TYR A 1 85  ? -7.410  -1.298  -6.367  1.00 36.12  ? 124 TYR A CD1 1 
ATOM   672  C  CD2 . TYR A 1 85  ? -7.316  0.104   -4.476  1.00 32.44  ? 124 TYR A CD2 1 
ATOM   673  C  CE1 . TYR A 1 85  ? -8.503  -1.954  -5.844  1.00 34.04  ? 124 TYR A CE1 1 
ATOM   674  C  CE2 . TYR A 1 85  ? -8.401  -0.552  -3.926  1.00 35.43  ? 124 TYR A CE2 1 
ATOM   675  C  CZ  . TYR A 1 85  ? -9.000  -1.584  -4.614  1.00 35.59  ? 124 TYR A CZ  1 
ATOM   676  O  OH  . TYR A 1 85  ? -10.065 -2.224  -4.086  1.00 32.44  ? 124 TYR A OH  1 
ATOM   677  N  N   . ILE A 1 86  ? -8.143  2.538   -7.342  1.00 27.62  ? 125 ILE A N   1 
ATOM   678  C  CA  . ILE A 1 86  ? -9.276  3.362   -6.838  1.00 30.93  ? 125 ILE A CA  1 
ATOM   679  C  C   . ILE A 1 86  ? -10.021 2.594   -5.746  1.00 32.58  ? 125 ILE A C   1 
ATOM   680  O  O   . ILE A 1 86  ? -10.554 1.511   -6.026  1.00 31.85  ? 125 ILE A O   1 
ATOM   681  C  CB  . ILE A 1 86  ? -10.183 3.777   -7.999  1.00 36.36  ? 125 ILE A CB  1 
ATOM   682  C  CG1 . ILE A 1 86  ? -9.353  4.406   -9.120  1.00 39.11  ? 125 ILE A CG1 1 
ATOM   683  C  CG2 . ILE A 1 86  ? -11.286 4.716   -7.510  1.00 36.03  ? 125 ILE A CG2 1 
ATOM   684  C  CD1 . ILE A 1 86  ? -10.126 4.601   -10.410 1.00 45.44  ? 125 ILE A CD1 1 
ATOM   685  N  N   . HIS A 1 87  ? -10.129 3.161   -4.547  1.00 32.92  ? 126 HIS A N   1 
ATOM   686  C  CA  . HIS A 1 87  ? -10.956 2.556   -3.481  1.00 31.65  ? 126 HIS A CA  1 
ATOM   687  C  C   . HIS A 1 87  ? -12.356 2.380   -4.060  1.00 30.82  ? 126 HIS A C   1 
ATOM   688  O  O   . HIS A 1 87  ? -12.940 3.322   -4.587  1.00 28.17  ? 126 HIS A O   1 
ATOM   689  C  CB  . HIS A 1 87  ? -10.956 3.352   -2.174  1.00 28.15  ? 126 HIS A CB  1 
ATOM   690  C  CG  . HIS A 1 87  ? -11.585 2.568   -1.069  1.00 34.86  ? 126 HIS A CG  1 
ATOM   691  N  ND1 . HIS A 1 87  ? -12.962 2.365   -0.996  1.00 35.71  ? 126 HIS A ND1 1 
ATOM   692  C  CD2 . HIS A 1 87  ? -11.048 1.874   -0.041  1.00 37.15  ? 126 HIS A CD2 1 
ATOM   693  C  CE1 . HIS A 1 87  ? -13.233 1.616   0.064   1.00 36.25  ? 126 HIS A CE1 1 
ATOM   694  N  NE2 . HIS A 1 87  ? -12.077 1.300   0.668   1.00 39.35  ? 126 HIS A NE2 1 
ATOM   695  N  N   . PRO A 1 88  ? -12.946 1.173   -3.969  1.00 33.54  ? 127 PRO A N   1 
ATOM   696  C  CA  . PRO A 1 88  ? -14.237 0.907   -4.627  1.00 35.28  ? 127 PRO A CA  1 
ATOM   697  C  C   . PRO A 1 88  ? -15.421 1.729   -4.090  1.00 35.52  ? 127 PRO A C   1 
ATOM   698  O  O   . PRO A 1 88  ? -16.398 1.913   -4.817  1.00 33.77  ? 127 PRO A O   1 
ATOM   699  C  CB  . PRO A 1 88  ? -14.407 -0.607  -4.426  1.00 34.64  ? 127 PRO A CB  1 
ATOM   700  C  CG  . PRO A 1 88  ? -13.624 -0.907  -3.176  1.00 36.91  ? 127 PRO A CG  1 
ATOM   701  C  CD  . PRO A 1 88  ? -12.402 -0.007  -3.289  1.00 32.55  ? 127 PRO A CD  1 
ATOM   702  N  N   . ASP A 1 89  ? -15.312 2.307   -2.891  1.00 33.25  ? 128 ASP A N   1 
ATOM   703  C  CA  . ASP A 1 89  ? -16.355 3.239   -2.395  1.00 35.38  ? 128 ASP A CA  1 
ATOM   704  C  C   . ASP A 1 89  ? -16.276 4.571   -3.141  1.00 33.64  ? 128 ASP A C   1 
ATOM   705  O  O   . ASP A 1 89  ? -17.168 5.366   -2.933  1.00 34.15  ? 128 ASP A O   1 
ATOM   706  C  CB  . ASP A 1 89  ? -16.248 3.547   -0.900  1.00 36.89  ? 128 ASP A CB  1 
ATOM   707  C  CG  . ASP A 1 89  ? -16.417 2.383   0.053   1.00 37.21  ? 128 ASP A CG  1 
ATOM   708  O  OD1 . ASP A 1 89  ? -16.524 1.255   -0.406  1.00 40.33  ? 128 ASP A OD1 1 
ATOM   709  O  OD2 . ASP A 1 89  ? -16.297 2.618   1.281   1.00 35.17  ? 128 ASP A OD2 1 
ATOM   710  N  N   . SER A 1 90  ? -15.223 4.855   -3.933  1.00 32.03  ? 129 SER A N   1 
ATOM   711  C  CA  . SER A 1 90  ? -15.057 6.151   -4.648  1.00 31.47  ? 129 SER A CA  1 
ATOM   712  C  C   . SER A 1 90  ? -16.063 6.250   -5.780  1.00 33.46  ? 129 SER A C   1 
ATOM   713  O  O   . SER A 1 90  ? -16.366 5.244   -6.374  1.00 36.52  ? 129 SER A O   1 
ATOM   714  C  CB  . SER A 1 90  ? -13.686 6.312   -5.237  1.00 33.09  ? 129 SER A CB  1 
ATOM   715  O  OG  . SER A 1 90  ? -12.699 5.957   -4.303  1.00 31.36  ? 129 SER A OG  1 
ATOM   716  N  N   . PRO A 1 91  ? -16.537 7.436   -6.203  1.00 33.18  ? 130 PRO A N   1 
ATOM   717  C  CA  . PRO A 1 91  ? -16.402 8.680   -5.462  1.00 32.38  ? 130 PRO A CA  1 
ATOM   718  C  C   . PRO A 1 91  ? -17.370 8.723   -4.288  1.00 35.51  ? 130 PRO A C   1 
ATOM   719  O  O   . PRO A 1 91  ? -18.409 8.061   -4.348  1.00 35.91  ? 130 PRO A O   1 
ATOM   720  C  CB  . PRO A 1 91  ? -16.746 9.751   -6.492  1.00 36.44  ? 130 PRO A CB  1 
ATOM   721  C  CG  . PRO A 1 91  ? -17.671 9.041   -7.449  1.00 38.73  ? 130 PRO A CG  1 
ATOM   722  C  CD  . PRO A 1 91  ? -17.171 7.623   -7.506  1.00 39.29  ? 130 PRO A CD  1 
ATOM   723  N  N   . ASN A 1 92  ? -17.074 9.493   -3.253  1.00 35.21  ? 131 ASN A N   1 
ATOM   724  C  CA  . ASN A 1 92  ? -17.997 9.502   -2.088  1.00 40.11  ? 131 ASN A CA  1 
ATOM   725  C  C   . ASN A 1 92  ? -17.845 10.794  -1.287  1.00 43.58  ? 131 ASN A C   1 
ATOM   726  O  O   . ASN A 1 92  ? -16.880 11.534  -1.522  1.00 39.88  ? 131 ASN A O   1 
ATOM   727  C  CB  . ASN A 1 92  ? -17.874 8.228   -1.244  1.00 40.30  ? 131 ASN A CB  1 
ATOM   728  C  CG  . ASN A 1 92  ? -19.235 7.660   -0.881  1.00 41.41  ? 131 ASN A CG  1 
ATOM   729  O  OD1 . ASN A 1 92  ? -20.107 8.396   -0.425  1.00 38.27  ? 131 ASN A OD1 1 
ATOM   730  N  ND2 . ASN A 1 92  ? -19.421 6.366   -1.084  1.00 35.84  ? 131 ASN A ND2 1 
ATOM   731  N  N   . PHE A 1 93  ? -18.842 11.086  -0.440  1.00 42.19  ? 132 PHE A N   1 
ATOM   732  C  CA  . PHE A 1 93  ? -18.893 12.317  0.388   1.00 46.42  ? 132 PHE A CA  1 
ATOM   733  C  C   . PHE A 1 93  ? -17.809 12.236  1.462   1.00 41.38  ? 132 PHE A C   1 
ATOM   734  O  O   . PHE A 1 93  ? -17.548 11.139  1.978   1.00 43.98  ? 132 PHE A O   1 
ATOM   735  C  CB  . PHE A 1 93  ? -20.281 12.501  1.015   1.00 51.18  ? 132 PHE A CB  1 
ATOM   736  C  CG  . PHE A 1 93  ? -21.304 12.875  -0.022  1.00 46.72  ? 132 PHE A CG  1 
ATOM   737  C  CD1 . PHE A 1 93  ? -21.325 14.155  -0.546  1.00 53.44  ? 132 PHE A CD1 1 
ATOM   738  C  CD2 . PHE A 1 93  ? -22.164 11.926  -0.547  1.00 48.73  ? 132 PHE A CD2 1 
ATOM   739  C  CE1 . PHE A 1 93  ? -22.208 14.499  -1.554  1.00 50.60  ? 132 PHE A CE1 1 
ATOM   740  C  CE2 . PHE A 1 93  ? -23.066 12.274  -1.542  1.00 47.70  ? 132 PHE A CE2 1 
ATOM   741  C  CZ  . PHE A 1 93  ? -23.072 13.554  -2.049  1.00 50.39  ? 132 PHE A CZ  1 
ATOM   742  N  N   . GLY A 1 94  ? -17.219 13.376  1.797   1.00 43.60  ? 133 GLY A N   1 
ATOM   743  C  CA  . GLY A 1 94  ? -16.371 13.499  2.993   1.00 44.39  ? 133 GLY A CA  1 
ATOM   744  C  C   . GLY A 1 94  ? -16.910 12.695  4.169   1.00 43.15  ? 133 GLY A C   1 
ATOM   745  O  O   . GLY A 1 94  ? -16.109 12.027  4.832   1.00 40.76  ? 133 GLY A O   1 
ATOM   746  N  N   . ALA A 1 95  ? -18.220 12.743  4.439   1.00 44.61  ? 134 ALA A N   1 
ATOM   747  C  CA  . ALA A 1 95  ? -18.841 12.100  5.625   1.00 43.20  ? 134 ALA A CA  1 
ATOM   748  C  C   . ALA A 1 95  ? -18.621 10.591  5.597   1.00 41.68  ? 134 ALA A C   1 
ATOM   749  O  O   . ALA A 1 95  ? -18.467 9.973   6.665   1.00 42.32  ? 134 ALA A O   1 
ATOM   750  C  CB  . ALA A 1 95  ? -20.321 12.398  5.658   1.00 46.82  ? 134 ALA A CB  1 
ATOM   751  N  N   . HIS A 1 96  ? -18.708 10.007  4.405   1.00 40.47  ? 135 HIS A N   1 
ATOM   752  C  CA  . HIS A 1 96  ? -18.609 8.548   4.185   1.00 40.34  ? 135 HIS A CA  1 
ATOM   753  C  C   . HIS A 1 96  ? -17.212 8.092   4.597   1.00 38.78  ? 135 HIS A C   1 
ATOM   754  O  O   . HIS A 1 96  ? -17.034 7.016   5.236   1.00 41.37  ? 135 HIS A O   1 
ATOM   755  C  CB  . HIS A 1 96  ? -18.859 8.223   2.703   1.00 41.26  ? 135 HIS A CB  1 
ATOM   756  C  CG  . HIS A 1 96  ? -18.644 6.781   2.417   1.00 41.00  ? 135 HIS A CG  1 
ATOM   757  N  ND1 . HIS A 1 96  ? -19.660 5.855   2.521   1.00 41.47  ? 135 HIS A ND1 1 
ATOM   758  C  CD2 . HIS A 1 96  ? -17.530 6.100   2.080   1.00 34.16  ? 135 HIS A CD2 1 
ATOM   759  C  CE1 . HIS A 1 96  ? -19.193 4.661   2.228   1.00 44.36  ? 135 HIS A CE1 1 
ATOM   760  N  NE2 . HIS A 1 96  ? -17.875 4.787   1.969   1.00 41.14  ? 135 HIS A NE2 1 
ATOM   761  N  N   . TRP A 1 97  ? -16.241 8.858   4.159   1.00 39.99  ? 136 TRP A N   1 
ATOM   762  C  CA  . TRP A 1 97  ? -14.811 8.528   4.344   1.00 40.34  ? 136 TRP A CA  1 
ATOM   763  C  C   . TRP A 1 97  ? -14.408 8.713   5.808   1.00 45.19  ? 136 TRP A C   1 
ATOM   764  O  O   . TRP A 1 97  ? -13.523 7.964   6.276   1.00 40.19  ? 136 TRP A O   1 
ATOM   765  C  CB  . TRP A 1 97  ? -13.996 9.440   3.449   1.00 36.65  ? 136 TRP A CB  1 
ATOM   766  C  CG  . TRP A 1 97  ? -14.194 9.233   1.988   1.00 34.86  ? 136 TRP A CG  1 
ATOM   767  C  CD1 . TRP A 1 97  ? -14.604 10.171  1.093   1.00 33.32  ? 136 TRP A CD1 1 
ATOM   768  C  CD2 . TRP A 1 97  ? -13.910 8.047   1.237   1.00 31.75  ? 136 TRP A CD2 1 
ATOM   769  N  NE1 . TRP A 1 97  ? -14.622 9.640   -0.164  1.00 34.26  ? 136 TRP A NE1 1 
ATOM   770  C  CE2 . TRP A 1 97  ? -14.241 8.330   -0.099  1.00 31.31  ? 136 TRP A CE2 1 
ATOM   771  C  CE3 . TRP A 1 97  ? -13.483 6.753   1.570   1.00 36.29  ? 136 TRP A CE3 1 
ATOM   772  C  CZ2 . TRP A 1 97  ? -14.050 7.410   -1.124  1.00 31.20  ? 136 TRP A CZ2 1 
ATOM   773  C  CZ3 . TRP A 1 97  ? -13.288 5.842   0.553   1.00 34.21  ? 136 TRP A CZ3 1 
ATOM   774  C  CH2 . TRP A 1 97  ? -13.590 6.161   -0.767  1.00 33.70  ? 136 TRP A CH2 1 
ATOM   775  N  N   . MET A 1 98  ? -15.033 9.669   6.505   1.00 44.43  ? 137 MET A N   1 
ATOM   776  C  CA  . MET A 1 98  ? -14.634 10.036  7.890   1.00 47.33  ? 137 MET A CA  1 
ATOM   777  C  C   . MET A 1 98  ? -15.413 9.224   8.925   1.00 47.53  ? 137 MET A C   1 
ATOM   778  O  O   . MET A 1 98  ? -15.003 9.300   10.072  1.00 47.77  ? 137 MET A O   1 
ATOM   779  C  CB  . MET A 1 98  ? -14.847 11.524  8.162   1.00 47.00  ? 137 MET A CB  1 
ATOM   780  C  CG  . MET A 1 98  ? -13.888 12.395  7.410   1.00 49.52  ? 137 MET A CG  1 
ATOM   781  S  SD  . MET A 1 98  ? -14.025 14.131  7.905   1.00 47.10  ? 137 MET A SD  1 
ATOM   782  C  CE  . MET A 1 98  ? -15.623 14.556  7.204   1.00 50.52  ? 137 MET A CE  1 
ATOM   783  N  N   . LYS A 1 99  ? -16.431 8.436   8.544   1.00 50.15  ? 138 LYS A N   1 
ATOM   784  C  CA  . LYS A 1 99  ? -17.293 7.697   9.516   1.00 49.24  ? 138 LYS A CA  1 
ATOM   785  C  C   . LYS A 1 99  ? -16.618 6.393   9.960   1.00 53.21  ? 138 LYS A C   1 
ATOM   786  O  O   . LYS A 1 99  ? -16.934 5.913   11.065  1.00 51.16  ? 138 LYS A O   1 
ATOM   787  C  CB  . LYS A 1 99  ? -18.722 7.489   8.983   1.00 52.15  ? 138 LYS A CB  1 
ATOM   788  C  CG  . LYS A 1 99  ? -18.916 6.524   7.814   1.00 55.03  ? 138 LYS A CG  1 
ATOM   789  C  CD  . LYS A 1 99  ? -20.360 6.523   7.260   1.00 63.50  ? 138 LYS A CD  1 
ATOM   790  C  CE  . LYS A 1 99  ? -20.644 5.502   6.166   1.00 64.19  ? 138 LYS A CE  1 
ATOM   791  N  NZ  . LYS A 1 99  ? -21.561 6.023   5.109   1.00 65.27  ? 138 LYS A NZ  1 
ATOM   792  N  N   . ALA A 1 100 ? -15.688 5.832   9.182   1.00 50.52  ? 139 ALA A N   1 
ATOM   793  C  CA  . ALA A 1 100 ? -14.918 4.646   9.613   1.00 47.12  ? 139 ALA A CA  1 
ATOM   794  C  C   . ALA A 1 100 ? -13.585 4.591   8.873   1.00 46.05  ? 139 ALA A C   1 
ATOM   795  O  O   . ALA A 1 100 ? -13.396 5.310   7.903   1.00 48.80  ? 139 ALA A O   1 
ATOM   796  C  CB  . ALA A 1 100 ? -15.740 3.401   9.394   1.00 51.79  ? 139 ALA A CB  1 
ATOM   797  N  N   . PRO A 1 101 ? -12.604 3.789   9.339   1.00 45.14  ? 140 PRO A N   1 
ATOM   798  C  CA  . PRO A 1 101 ? -11.305 3.725   8.676   1.00 41.29  ? 140 PRO A CA  1 
ATOM   799  C  C   . PRO A 1 101 ? -11.509 3.355   7.206   1.00 37.30  ? 140 PRO A C   1 
ATOM   800  O  O   . PRO A 1 101 ? -12.332 2.532   6.940   1.00 36.10  ? 140 PRO A O   1 
ATOM   801  C  CB  . PRO A 1 101 ? -10.557 2.636   9.455   1.00 43.74  ? 140 PRO A CB  1 
ATOM   802  C  CG  . PRO A 1 101 ? -11.199 2.642   10.829  1.00 45.25  ? 140 PRO A CG  1 
ATOM   803  C  CD  . PRO A 1 101 ? -12.656 2.956   10.557  1.00 47.02  ? 140 PRO A CD  1 
ATOM   804  N  N   . VAL A 1 102 ? -10.817 4.012   6.286   1.00 35.44  ? 141 VAL A N   1 
ATOM   805  C  CA  . VAL A 1 102 ? -10.851 3.638   4.839   1.00 35.92  ? 141 VAL A CA  1 
ATOM   806  C  C   . VAL A 1 102 ? -9.965  2.399   4.645   1.00 35.60  ? 141 VAL A C   1 
ATOM   807  O  O   . VAL A 1 102 ? -8.728  2.475   4.830   1.00 31.80  ? 141 VAL A O   1 
ATOM   808  C  CB  . VAL A 1 102 ? -10.437 4.806   3.939   1.00 34.55  ? 141 VAL A CB  1 
ATOM   809  C  CG1 . VAL A 1 102 ? -10.568 4.456   2.474   1.00 36.31  ? 141 VAL A CG1 1 
ATOM   810  C  CG2 . VAL A 1 102 ? -11.205 6.076   4.290   1.00 37.28  ? 141 VAL A CG2 1 
ATOM   811  N  N   . SER A 1 103 ? -10.569 1.269   4.301   1.00 33.34  ? 142 SER A N   1 
ATOM   812  C  CA  . SER A 1 103 ? -9.865  -0.038  4.275   1.00 35.35  ? 142 SER A CA  1 
ATOM   813  C  C   . SER A 1 103 ? -9.585  -0.469  2.831   1.00 35.49  ? 142 SER A C   1 
ATOM   814  O  O   . SER A 1 103 ? -10.542 -0.689  2.081   1.00 35.64  ? 142 SER A O   1 
ATOM   815  C  CB  . SER A 1 103 ? -10.686 -1.034  5.002   1.00 37.01  ? 142 SER A CB  1 
ATOM   816  O  OG  . SER A 1 103 ? -9.957  -2.219  5.191   1.00 41.79  ? 142 SER A OG  1 
ATOM   817  N  N   . PHE A 1 104 ? -8.313  -0.627  2.444   1.00 31.78  ? 143 PHE A N   1 
ATOM   818  C  CA  . PHE A 1 104 ? -7.961  -1.101  1.081   1.00 31.43  ? 143 PHE A CA  1 
ATOM   819  C  C   . PHE A 1 104 ? -7.883  -2.637  1.071   1.00 33.55  ? 143 PHE A C   1 
ATOM   820  O  O   . PHE A 1 104 ? -6.874  -3.209  0.672   1.00 33.01  ? 143 PHE A O   1 
ATOM   821  C  CB  . PHE A 1 104 ? -6.678  -0.402  0.619   1.00 32.35  ? 143 PHE A CB  1 
ATOM   822  C  CG  . PHE A 1 104 ? -6.879  1.083   0.426   1.00 32.04  ? 143 PHE A CG  1 
ATOM   823  C  CD1 . PHE A 1 104 ? -7.184  1.600   -0.819  1.00 31.13  ? 143 PHE A CD1 1 
ATOM   824  C  CD2 . PHE A 1 104 ? -6.777  1.957   1.499   1.00 35.95  ? 143 PHE A CD2 1 
ATOM   825  C  CE1 . PHE A 1 104 ? -7.332  2.962   -1.002  1.00 35.68  ? 143 PHE A CE1 1 
ATOM   826  C  CE2 . PHE A 1 104 ? -6.928  3.318   1.310   1.00 36.67  ? 143 PHE A CE2 1 
ATOM   827  C  CZ  . PHE A 1 104 ? -7.216  3.813   0.067   1.00 34.79  ? 143 PHE A CZ  1 
ATOM   828  N  N   . SER A 1 105 ? -8.949  -3.317  1.476   1.00 33.47  ? 144 SER A N   1 
ATOM   829  C  CA  . SER A 1 105 ? -8.926  -4.798  1.673   1.00 33.17  ? 144 SER A CA  1 
ATOM   830  C  C   . SER A 1 105 ? -8.988  -5.534  0.330   1.00 32.40  ? 144 SER A C   1 
ATOM   831  O  O   . SER A 1 105 ? -8.563  -6.704  0.299   1.00 36.83  ? 144 SER A O   1 
ATOM   832  C  CB  . SER A 1 105 ? -10.032 -5.238  2.567   1.00 33.92  ? 144 SER A CB  1 
ATOM   833  O  OG  . SER A 1 105 ? -11.245 -4.897  1.954   1.00 36.32  ? 144 SER A OG  1 
ATOM   834  N  N   . LYS A 1 106 ? -9.460  -4.903  -0.741  1.00 32.81  ? 145 LYS A N   1 
ATOM   835  C  CA  . LYS A 1 106 ? -9.693  -5.618  -2.035  1.00 32.59  ? 145 LYS A CA  1 
ATOM   836  C  C   . LYS A 1 106 ? -8.590  -5.367  -3.063  1.00 34.22  ? 145 LYS A C   1 
ATOM   837  O  O   . LYS A 1 106 ? -8.643  -5.943  -4.173  1.00 30.94  ? 145 LYS A O   1 
ATOM   838  C  CB  . LYS A 1 106 ? -11.034 -5.183  -2.608  1.00 36.16  ? 145 LYS A CB  1 
ATOM   839  C  CG  . LYS A 1 106 ? -12.212 -5.433  -1.688  1.00 37.24  ? 145 LYS A CG  1 
ATOM   840  C  CD  . LYS A 1 106 ? -12.260 -6.837  -1.190  1.00 39.75  ? 145 LYS A CD  1 
ATOM   841  C  CE  . LYS A 1 106 ? -13.631 -7.189  -0.650  1.00 38.14  ? 145 LYS A CE  1 
ATOM   842  N  NZ  . LYS A 1 106 ? -13.626 -8.607  -0.235  1.00 41.72  ? 145 LYS A NZ  1 
ATOM   843  N  N   . VAL A 1 107 ? -7.571  -4.578  -2.731  1.00 35.21  ? 146 VAL A N   1 
ATOM   844  C  CA  . VAL A 1 107 ? -6.457  -4.414  -3.702  1.00 33.97  ? 146 VAL A CA  1 
ATOM   845  C  C   . VAL A 1 107 ? -5.711  -5.745  -3.771  1.00 31.35  ? 146 VAL A C   1 
ATOM   846  O  O   . VAL A 1 107 ? -5.464  -6.342  -2.730  1.00 33.12  ? 146 VAL A O   1 
ATOM   847  C  CB  . VAL A 1 107 ? -5.518  -3.231  -3.377  1.00 31.83  ? 146 VAL A CB  1 
ATOM   848  C  CG1 . VAL A 1 107 ? -4.742  -3.435  -2.077  1.00 34.11  ? 146 VAL A CG1 1 
ATOM   849  C  CG2 . VAL A 1 107 ? -4.586  -2.997  -4.542  1.00 30.22  ? 146 VAL A CG2 1 
ATOM   850  N  N   . LYS A 1 108 ? -5.317  -6.133  -4.979  1.00 32.82  ? 147 LYS A N   1 
ATOM   851  C  CA  . LYS A 1 108 ? -4.555  -7.370  -5.268  1.00 34.03  ? 147 LYS A CA  1 
ATOM   852  C  C   . LYS A 1 108 ? -3.235  -6.986  -5.926  1.00 32.94  ? 147 LYS A C   1 
ATOM   853  O  O   . LYS A 1 108 ? -3.264  -6.224  -6.882  1.00 33.43  ? 147 LYS A O   1 
ATOM   854  C  CB  . LYS A 1 108 ? -5.351  -8.271  -6.209  1.00 38.78  ? 147 LYS A CB  1 
ATOM   855  C  CG  . LYS A 1 108 ? -6.552  -8.927  -5.553  1.00 46.22  ? 147 LYS A CG  1 
ATOM   856  C  CD  . LYS A 1 108 ? -7.608  -9.390  -6.525  1.00 52.29  ? 147 LYS A CD  1 
ATOM   857  C  CE  . LYS A 1 108 ? -7.456  -10.834 -6.926  1.00 54.96  ? 147 LYS A CE  1 
ATOM   858  N  NZ  . LYS A 1 108 ? -8.773  -11.426 -7.248  1.00 54.94  ? 147 LYS A NZ  1 
ATOM   859  N  N   . LEU A 1 109 ? -2.141  -7.529  -5.417  1.00 36.44  ? 148 LEU A N   1 
ATOM   860  C  CA  . LEU A 1 109 ? -0.755  -7.274  -5.895  1.00 34.72  ? 148 LEU A CA  1 
ATOM   861  C  C   . LEU A 1 109 ? -0.332  -8.421  -6.810  1.00 35.97  ? 148 LEU A C   1 
ATOM   862  O  O   . LEU A 1 109 ? -0.393  -9.595  -6.351  1.00 36.62  ? 148 LEU A O   1 
ATOM   863  C  CB  . LEU A 1 109 ? 0.150   -7.186  -4.668  1.00 30.62  ? 148 LEU A CB  1 
ATOM   864  C  CG  . LEU A 1 109 ? -0.275  -6.122  -3.652  1.00 31.39  ? 148 LEU A CG  1 
ATOM   865  C  CD1 . LEU A 1 109 ? 0.734   -6.004  -2.511  1.00 30.58  ? 148 LEU A CD1 1 
ATOM   866  C  CD2 . LEU A 1 109 ? -0.521  -4.790  -4.370  1.00 33.23  ? 148 LEU A CD2 1 
ATOM   867  N  N   . THR A 1 110 ? 0.104   -8.100  -8.023  1.00 35.66  ? 149 THR A N   1 
ATOM   868  C  CA  . THR A 1 110 ? 0.528   -9.092  -9.042  1.00 40.13  ? 149 THR A CA  1 
ATOM   869  C  C   . THR A 1 110 ? 1.964   -8.808  -9.487  1.00 45.52  ? 149 THR A C   1 
ATOM   870  O  O   . THR A 1 110 ? 2.483   -7.682  -9.212  1.00 42.20  ? 149 THR A O   1 
ATOM   871  C  CB  . THR A 1 110 ? -0.451  -9.137  -10.230 1.00 42.27  ? 149 THR A CB  1 
ATOM   872  O  OG1 . THR A 1 110 ? 0.040   -10.138 -11.123 1.00 42.77  ? 149 THR A OG1 1 
ATOM   873  C  CG2 . THR A 1 110 ? -0.611  -7.831  -10.984 1.00 40.06  ? 149 THR A CG2 1 
ATOM   874  N  N   . ASN A 1 111 ? 2.562   -9.788  -10.179 1.00 42.35  ? 150 ASN A N   1 
ATOM   875  C  CA  . ASN A 1 111 ? 3.869   -9.647  -10.875 1.00 45.66  ? 150 ASN A CA  1 
ATOM   876  C  C   . ASN A 1 111 ? 3.680   -9.666  -12.399 1.00 48.09  ? 150 ASN A C   1 
ATOM   877  O  O   . ASN A 1 111 ? 4.694   -9.632  -13.086 1.00 53.06  ? 150 ASN A O   1 
ATOM   878  C  CB  . ASN A 1 111 ? 4.894   -10.687 -10.405 1.00 45.08  ? 150 ASN A CB  1 
ATOM   879  C  CG  . ASN A 1 111 ? 4.408   -12.126 -10.366 1.00 42.73  ? 150 ASN A CG  1 
ATOM   880  O  OD1 . ASN A 1 111 ? 5.143   -12.992 -9.910  1.00 57.80  ? 150 ASN A OD1 1 
ATOM   881  N  ND2 . ASN A 1 111 ? 3.191   -12.402 -10.791 1.00 46.24  ? 150 ASN A ND2 1 
ATOM   882  N  N   . LYS A 1 112 ? 2.446   -9.662  -12.916 1.00 54.93  ? 151 LYS A N   1 
ATOM   883  C  CA  . LYS A 1 112 ? 2.161   -9.747  -14.379 1.00 61.36  ? 151 LYS A CA  1 
ATOM   884  C  C   . LYS A 1 112 ? 1.174   -8.647  -14.779 1.00 69.05  ? 151 LYS A C   1 
ATOM   885  O  O   . LYS A 1 112 ? 0.183   -8.471  -14.056 1.00 70.14  ? 151 LYS A O   1 
ATOM   886  C  CB  . LYS A 1 112 ? 1.585   -11.122 -14.745 1.00 66.23  ? 151 LYS A CB  1 
ATOM   887  C  CG  . LYS A 1 112 ? 2.417   -12.325 -14.306 1.00 70.00  ? 151 LYS A CG  1 
ATOM   888  C  CD  . LYS A 1 112 ? 3.666   -12.581 -15.143 1.00 70.08  ? 151 LYS A CD  1 
ATOM   889  C  CE  . LYS A 1 112 ? 4.525   -13.701 -14.590 1.00 67.93  ? 151 LYS A CE  1 
ATOM   890  N  NZ  . LYS A 1 112 ? 5.747   -13.916 -15.402 1.00 70.14  ? 151 LYS A NZ  1 
ATOM   891  N  N   . LEU A 1 113 ? 1.445   -7.932  -15.879 1.00 79.61  ? 152 LEU A N   1 
ATOM   892  C  CA  . LEU A 1 113 ? 0.451   -7.049  -16.554 1.00 86.01  ? 152 LEU A CA  1 
ATOM   893  C  C   . LEU A 1 113 ? -0.827  -7.869  -16.778 1.00 93.12  ? 152 LEU A C   1 
ATOM   894  O  O   . LEU A 1 113 ? -0.728  -8.994  -17.304 1.00 91.12  ? 152 LEU A O   1 
ATOM   895  C  CB  . LEU A 1 113 ? 0.994   -6.444  -17.861 1.00 88.61  ? 152 LEU A CB  1 
ATOM   896  C  CG  . LEU A 1 113 ? 2.007   -7.230  -18.706 1.00 92.48  ? 152 LEU A CG  1 
ATOM   897  C  CD1 . LEU A 1 113 ? 3.442   -6.972  -18.257 1.00 93.09  ? 152 LEU A CD1 1 
ATOM   898  C  CD2 . LEU A 1 113 ? 1.713   -8.727  -18.779 1.00 95.63  ? 152 LEU A CD2 1 
ATOM   899  N  N   . ASN A 1 114 ? -1.973  -7.351  -16.328 1.00 100.07 ? 153 ASN A N   1 
ATOM   900  C  CA  . ASN A 1 114 ? -3.224  -8.141  -16.173 1.00 106.54 ? 153 ASN A CA  1 
ATOM   901  C  C   . ASN A 1 114 ? -4.435  -7.261  -16.491 1.00 107.52 ? 153 ASN A C   1 
ATOM   902  O  O   . ASN A 1 114 ? -4.319  -6.025  -16.340 1.00 111.44 ? 153 ASN A O   1 
ATOM   903  C  CB  . ASN A 1 114 ? -3.327  -8.740  -14.766 1.00 110.97 ? 153 ASN A CB  1 
ATOM   904  C  CG  . ASN A 1 114 ? -2.375  -9.897  -14.533 1.00 113.82 ? 153 ASN A CG  1 
ATOM   905  O  OD1 . ASN A 1 114 ? -2.160  -10.728 -15.415 1.00 111.89 ? 153 ASN A OD1 1 
ATOM   906  N  ND2 . ASN A 1 114 ? -1.801  -9.961  -13.343 1.00 108.04 ? 153 ASN A ND2 1 
ATOM   907  N  N   . GLY A 1 115 ? -5.542  -7.897  -16.900 1.00 105.40 ? 154 GLY A N   1 
ATOM   908  C  CA  . GLY A 1 115 ? -6.824  -7.258  -17.263 1.00 102.54 ? 154 GLY A CA  1 
ATOM   909  C  C   . GLY A 1 115 ? -7.009  -5.912  -16.587 1.00 93.09  ? 154 GLY A C   1 
ATOM   910  O  O   . GLY A 1 115 ? -6.755  -4.884  -17.233 1.00 89.99  ? 154 GLY A O   1 
ATOM   911  N  N   . GLY A 1 116 ? -7.422  -5.916  -15.323 1.00 89.68  ? 155 GLY A N   1 
ATOM   912  C  CA  . GLY A 1 116 ? -7.651  -4.681  -14.552 1.00 86.47  ? 155 GLY A CA  1 
ATOM   913  C  C   . GLY A 1 116 ? -7.882  -4.980  -13.088 1.00 77.04  ? 155 GLY A C   1 
ATOM   914  O  O   . GLY A 1 116 ? -8.037  -6.155  -12.738 1.00 82.79  ? 155 GLY A O   1 
ATOM   915  N  N   . GLY A 1 117 ? -7.940  -3.941  -12.269 1.00 75.55  ? 156 GLY A N   1 
ATOM   916  C  CA  . GLY A 1 117 ? -7.975  -4.055  -10.803 1.00 72.77  ? 156 GLY A CA  1 
ATOM   917  C  C   . GLY A 1 117 ? -6.572  -4.241  -10.260 1.00 63.68  ? 156 GLY A C   1 
ATOM   918  O  O   . GLY A 1 117 ? -6.050  -3.286  -9.670  1.00 67.76  ? 156 GLY A O   1 
ATOM   919  N  N   . GLN A 1 118 ? -5.976  -5.415  -10.492 1.00 56.08  ? 157 GLN A N   1 
ATOM   920  C  CA  . GLN A 1 118 ? -4.674  -5.826  -9.899  1.00 53.66  ? 157 GLN A CA  1 
ATOM   921  C  C   . GLN A 1 118 ? -3.627  -4.744  -10.152 1.00 45.13  ? 157 GLN A C   1 
ATOM   922  O  O   . GLN A 1 118 ? -3.622  -4.182  -11.240 1.00 47.05  ? 157 GLN A O   1 
ATOM   923  C  CB  . GLN A 1 118 ? -4.115  -7.104  -10.525 1.00 55.22  ? 157 GLN A CB  1 
ATOM   924  C  CG  . GLN A 1 118 ? -4.995  -8.318  -10.341 1.00 64.19  ? 157 GLN A CG  1 
ATOM   925  C  CD  . GLN A 1 118 ? -5.435  -8.833  -11.684 1.00 66.25  ? 157 GLN A CD  1 
ATOM   926  O  OE1 . GLN A 1 118 ? -4.974  -9.875  -12.141 1.00 79.20  ? 157 GLN A OE1 1 
ATOM   927  N  NE2 . GLN A 1 118 ? -6.298  -8.082  -12.347 1.00 60.98  ? 157 GLN A NE2 1 
ATOM   928  N  N   . ILE A 1 119 ? -2.755  -4.514  -9.182  1.00 39.76  ? 158 ILE A N   1 
ATOM   929  C  CA  . ILE A 1 119 ? -1.606  -3.582  -9.326  1.00 38.73  ? 158 ILE A CA  1 
ATOM   930  C  C   . ILE A 1 119 ? -0.347  -4.431  -9.486  1.00 36.02  ? 158 ILE A C   1 
ATOM   931  O  O   . ILE A 1 119 ? -0.075  -5.269  -8.605  1.00 34.92  ? 158 ILE A O   1 
ATOM   932  C  CB  . ILE A 1 119 ? -1.551  -2.636  -8.121  1.00 36.50  ? 158 ILE A CB  1 
ATOM   933  C  CG1 . ILE A 1 119 ? -2.843  -1.822  -8.009  1.00 33.85  ? 158 ILE A CG1 1 
ATOM   934  C  CG2 . ILE A 1 119 ? -0.294  -1.789  -8.140  1.00 37.13  ? 158 ILE A CG2 1 
ATOM   935  C  CD1 . ILE A 1 119 ? -3.175  -0.925  -9.219  1.00 36.20  ? 158 ILE A CD1 1 
ATOM   936  N  N   . MET A 1 120 ? 0.364   -4.209  -10.590 1.00 36.98  ? 159 MET A N   1 
ATOM   937  C  CA  . MET A 1 120 ? 1.623   -4.914  -10.926 1.00 42.69  ? 159 MET A CA  1 
ATOM   938  C  C   . MET A 1 120 ? 2.768   -4.239  -10.185 1.00 38.72  ? 159 MET A C   1 
ATOM   939  O  O   . MET A 1 120 ? 2.912   -3.012  -10.298 1.00 38.05  ? 159 MET A O   1 
ATOM   940  C  CB  . MET A 1 120 ? 1.927   -4.902  -12.425 1.00 48.18  ? 159 MET A CB  1 
ATOM   941  C  CG  . MET A 1 120 ? 3.135   -5.763  -12.786 1.00 52.78  ? 159 MET A CG  1 
ATOM   942  S  SD  . MET A 1 120 ? 3.450   -5.761  -14.553 1.00 69.48  ? 159 MET A SD  1 
ATOM   943  C  CE  . MET A 1 120 ? 4.400   -4.245  -14.715 1.00 69.64  ? 159 MET A CE  1 
ATOM   944  N  N   . LEU A 1 121 ? 3.485   -5.024  -9.390  1.00 37.88  ? 160 LEU A N   1 
ATOM   945  C  CA  . LEU A 1 121 ? 4.746   -4.635  -8.729  1.00 34.07  ? 160 LEU A CA  1 
ATOM   946  C  C   . LEU A 1 121 ? 5.855   -5.519  -9.282  1.00 40.71  ? 160 LEU A C   1 
ATOM   947  O  O   . LEU A 1 121 ? 5.540   -6.646  -9.709  1.00 38.98  ? 160 LEU A O   1 
ATOM   948  C  CB  . LEU A 1 121 ? 4.605   -4.834  -7.224  1.00 37.26  ? 160 LEU A CB  1 
ATOM   949  C  CG  . LEU A 1 121 ? 3.452   -4.100  -6.558  1.00 31.31  ? 160 LEU A CG  1 
ATOM   950  C  CD1 . LEU A 1 121 ? 3.450   -4.363  -5.067  1.00 31.10  ? 160 LEU A CD1 1 
ATOM   951  C  CD2 . LEU A 1 121 ? 3.534   -2.591  -6.850  1.00 33.36  ? 160 LEU A CD2 1 
ATOM   952  N  N   . ASN A 1 122 ? 7.095   -5.035  -9.200  1.00 44.39  ? 161 ASN A N   1 
ATOM   953  C  CA  . ASN A 1 122 ? 8.330   -5.819  -9.444  1.00 43.87  ? 161 ASN A CA  1 
ATOM   954  C  C   . ASN A 1 122 ? 8.680   -6.641  -8.210  1.00 49.35  ? 161 ASN A C   1 
ATOM   955  O  O   . ASN A 1 122 ? 8.940   -6.062  -7.102  1.00 39.53  ? 161 ASN A O   1 
ATOM   956  C  CB  . ASN A 1 122 ? 9.521   -4.932  -9.788  1.00 50.63  ? 161 ASN A CB  1 
ATOM   957  C  CG  . ASN A 1 122 ? 9.295   -4.156  -11.058 1.00 50.85  ? 161 ASN A CG  1 
ATOM   958  O  OD1 . ASN A 1 122 ? 8.778   -4.709  -12.021 1.00 55.15  ? 161 ASN A OD1 1 
ATOM   959  N  ND2 . ASN A 1 122 ? 9.655   -2.878  -11.055 1.00 57.78  ? 161 ASN A ND2 1 
ATOM   960  N  N   . SER A 1 123 ? 8.748   -7.954  -8.397  1.00 40.23  ? 162 SER A N   1 
ATOM   961  C  CA  . SER A 1 123 ? 9.207   -8.881  -7.348  1.00 45.75  ? 162 SER A CA  1 
ATOM   962  C  C   . SER A 1 123 ? 10.590  -8.432  -6.857  1.00 38.20  ? 162 SER A C   1 
ATOM   963  O  O   . SER A 1 123 ? 11.366  -7.933  -7.680  1.00 39.67  ? 162 SER A O   1 
ATOM   964  C  CB  . SER A 1 123 ? 9.209   -10.301 -7.870  1.00 47.63  ? 162 SER A CB  1 
ATOM   965  O  OG  . SER A 1 123 ? 9.229   -11.192 -6.771  1.00 58.66  ? 162 SER A OG  1 
ATOM   966  N  N   . LEU A 1 124 ? 10.854  -8.590  -5.560  1.00 37.25  ? 163 LEU A N   1 
ATOM   967  C  CA  . LEU A 1 124 ? 12.131  -8.284  -4.860  1.00 39.60  ? 163 LEU A CA  1 
ATOM   968  C  C   . LEU A 1 124 ? 12.495  -6.787  -4.961  1.00 40.06  ? 163 LEU A C   1 
ATOM   969  O  O   . LEU A 1 124 ? 13.678  -6.455  -4.750  1.00 39.40  ? 163 LEU A O   1 
ATOM   970  C  CB  . LEU A 1 124 ? 13.236  -9.191  -5.410  1.00 42.71  ? 163 LEU A CB  1 
ATOM   971  C  CG  . LEU A 1 124 ? 12.950  -10.695 -5.273  1.00 45.70  ? 163 LEU A CG  1 
ATOM   972  C  CD1 . LEU A 1 124 ? 14.041  -11.534 -5.922  1.00 47.82  ? 163 LEU A CD1 1 
ATOM   973  C  CD2 . LEU A 1 124 ? 12.776  -11.090 -3.810  1.00 43.07  ? 163 LEU A CD2 1 
ATOM   974  N  N   . HIS A 1 125 ? 11.518  -5.914  -5.210  1.00 35.10  ? 164 HIS A N   1 
ATOM   975  C  CA  . HIS A 1 125 ? 11.647  -4.449  -4.987  1.00 36.37  ? 164 HIS A CA  1 
ATOM   976  C  C   . HIS A 1 125 ? 10.895  -4.079  -3.711  1.00 37.82  ? 164 HIS A C   1 
ATOM   977  O  O   . HIS A 1 125 ? 9.875   -4.766  -3.339  1.00 32.87  ? 164 HIS A O   1 
ATOM   978  C  CB  . HIS A 1 125 ? 11.215  -3.660  -6.218  1.00 40.20  ? 164 HIS A CB  1 
ATOM   979  C  CG  . HIS A 1 125 ? 12.184  -3.849  -7.330  1.00 46.96  ? 164 HIS A CG  1 
ATOM   980  N  ND1 . HIS A 1 125 ? 12.390  -5.091  -7.923  1.00 50.73  ? 164 HIS A ND1 1 
ATOM   981  C  CD2 . HIS A 1 125 ? 13.057  -2.999  -7.912  1.00 48.03  ? 164 HIS A CD2 1 
ATOM   982  C  CE1 . HIS A 1 125 ? 13.340  -4.987  -8.844  1.00 47.68  ? 164 HIS A CE1 1 
ATOM   983  N  NE2 . HIS A 1 125 ? 13.756  -3.714  -8.868  1.00 48.55  ? 164 HIS A NE2 1 
ATOM   984  N  N   . LYS A 1 126 ? 11.410  -3.061  -3.037  1.00 32.10  ? 165 LYS A N   1 
ATOM   985  C  CA  . LYS A 1 126 ? 10.859  -2.542  -1.779  1.00 35.40  ? 165 LYS A CA  1 
ATOM   986  C  C   . LYS A 1 126 ? 9.898   -1.390  -2.114  1.00 35.26  ? 165 LYS A C   1 
ATOM   987  O  O   . LYS A 1 126 ? 10.278  -0.495  -2.887  1.00 30.39  ? 165 LYS A O   1 
ATOM   988  C  CB  . LYS A 1 126 ? 12.011  -2.161  -0.869  1.00 34.60  ? 165 LYS A CB  1 
ATOM   989  C  CG  . LYS A 1 126 ? 11.602  -1.599  0.476   1.00 40.69  ? 165 LYS A CG  1 
ATOM   990  C  CD  . LYS A 1 126 ? 12.778  -1.336  1.365   1.00 41.07  ? 165 LYS A CD  1 
ATOM   991  C  CE  . LYS A 1 126 ? 13.306  -2.599  2.010   1.00 49.11  ? 165 LYS A CE  1 
ATOM   992  N  NZ  . LYS A 1 126 ? 14.003  -2.317  3.291   1.00 47.53  ? 165 LYS A NZ  1 
ATOM   993  N  N   . TYR A 1 127 ? 8.739   -1.371  -1.470  1.00 29.13  ? 166 TYR A N   1 
ATOM   994  C  CA  . TYR A 1 127 ? 7.613   -0.469  -1.832  1.00 26.12  ? 166 TYR A CA  1 
ATOM   995  C  C   . TYR A 1 127 ? 7.146   0.253   -0.580  1.00 26.79  ? 166 TYR A C   1 
ATOM   996  O  O   . TYR A 1 127 ? 7.130   -0.354  0.520   1.00 27.70  ? 166 TYR A O   1 
ATOM   997  C  CB  . TYR A 1 127 ? 6.489   -1.227  -2.535  1.00 28.12  ? 166 TYR A CB  1 
ATOM   998  C  CG  . TYR A 1 127 ? 6.830   -1.624  -3.945  1.00 28.69  ? 166 TYR A CG  1 
ATOM   999  C  CD1 . TYR A 1 127 ? 6.796   -0.706  -4.971  1.00 29.76  ? 166 TYR A CD1 1 
ATOM   1000 C  CD2 . TYR A 1 127 ? 7.273   -2.903  -4.240  1.00 30.16  ? 166 TYR A CD2 1 
ATOM   1001 C  CE1 . TYR A 1 127 ? 7.133   -1.057  -6.268  1.00 30.03  ? 166 TYR A CE1 1 
ATOM   1002 C  CE2 . TYR A 1 127 ? 7.635   -3.262  -5.526  1.00 30.38  ? 166 TYR A CE2 1 
ATOM   1003 C  CZ  . TYR A 1 127 ? 7.567   -2.340  -6.544  1.00 34.42  ? 166 TYR A CZ  1 
ATOM   1004 O  OH  . TYR A 1 127 ? 7.929   -2.697  -7.819  1.00 39.38  ? 166 TYR A OH  1 
ATOM   1005 N  N   . GLU A 1 128 ? 6.722   1.505   -0.769  1.00 27.43  ? 167 GLU A N   1 
ATOM   1006 C  CA  . GLU A 1 128 ? 6.090   2.345   0.278   1.00 27.29  ? 167 GLU A CA  1 
ATOM   1007 C  C   . GLU A 1 128 ? 4.695   2.712   -0.200  1.00 27.28  ? 167 GLU A C   1 
ATOM   1008 O  O   . GLU A 1 128 ? 4.540   3.487   -1.143  1.00 28.91  ? 167 GLU A O   1 
ATOM   1009 C  CB  . GLU A 1 128 ? 6.861   3.654   0.516   1.00 27.88  ? 167 GLU A CB  1 
ATOM   1010 C  CG  . GLU A 1 128 ? 6.337   4.404   1.715   1.00 27.44  ? 167 GLU A CG  1 
ATOM   1011 C  CD  . GLU A 1 128 ? 7.328   5.443   2.223   1.00 26.94  ? 167 GLU A CD  1 
ATOM   1012 O  OE1 . GLU A 1 128 ? 7.415   6.485   1.587   1.00 28.20  ? 167 GLU A OE1 1 
ATOM   1013 O  OE2 . GLU A 1 128 ? 7.992   5.155   3.193   1.00 26.04  ? 167 GLU A OE2 1 
ATOM   1014 N  N   . PRO A 1 129 ? 3.644   2.089   0.368   1.00 26.44  ? 168 PRO A N   1 
ATOM   1015 C  CA  . PRO A 1 129 ? 2.289   2.503   0.062   1.00 28.10  ? 168 PRO A CA  1 
ATOM   1016 C  C   . PRO A 1 129 ? 2.050   4.019   0.260   1.00 26.90  ? 168 PRO A C   1 
ATOM   1017 O  O   . PRO A 1 129 ? 2.568   4.625   1.189   1.00 27.18  ? 168 PRO A O   1 
ATOM   1018 C  CB  . PRO A 1 129 ? 1.446   1.706   1.058   1.00 28.31  ? 168 PRO A CB  1 
ATOM   1019 C  CG  . PRO A 1 129 ? 2.299   0.406   1.253   1.00 28.34  ? 168 PRO A CG  1 
ATOM   1020 C  CD  . PRO A 1 129 ? 3.730   0.923   1.274   1.00 28.30  ? 168 PRO A CD  1 
ATOM   1021 N  N   . ARG A 1 130 ? 1.188   4.542   -0.592  1.00 26.95  ? 169 ARG A N   1 
ATOM   1022 C  CA  . ARG A 1 130 ? 0.879   5.983   -0.655  1.00 28.11  ? 169 ARG A CA  1 
ATOM   1023 C  C   . ARG A 1 130 ? -0.572  6.119   -1.090  1.00 26.99  ? 169 ARG A C   1 
ATOM   1024 O  O   . ARG A 1 130 ? -0.988  5.493   -2.070  1.00 27.41  ? 169 ARG A O   1 
ATOM   1025 C  CB  . ARG A 1 130 ? 1.875   6.685   -1.586  1.00 30.40  ? 169 ARG A CB  1 
ATOM   1026 C  CG  . ARG A 1 130 ? 1.679   8.193   -1.712  1.00 31.77  ? 169 ARG A CG  1 
ATOM   1027 C  CD  . ARG A 1 130 ? 2.756   8.718   -2.628  1.00 27.92  ? 169 ARG A CD  1 
ATOM   1028 N  NE  . ARG A 1 130 ? 2.501   8.317   -3.996  1.00 28.77  ? 169 ARG A NE  1 
ATOM   1029 C  CZ  . ARG A 1 130 ? 3.222   8.642   -5.034  1.00 28.03  ? 169 ARG A CZ  1 
ATOM   1030 N  NH1 . ARG A 1 130 ? 4.291   9.420   -4.878  1.00 32.10  ? 169 ARG A NH1 1 
ATOM   1031 N  NH2 . ARG A 1 130 ? 2.838   8.247   -6.241  1.00 27.70  ? 169 ARG A NH2 1 
ATOM   1032 N  N   . ILE A 1 131 ? -1.304  6.990   -0.432  1.00 26.72  ? 170 ILE A N   1 
ATOM   1033 C  CA  . ILE A 1 131 ? -2.655  7.322   -0.926  1.00 29.51  ? 170 ILE A CA  1 
ATOM   1034 C  C   . ILE A 1 131 ? -2.655  8.757   -1.452  1.00 32.57  ? 170 ILE A C   1 
ATOM   1035 O  O   . ILE A 1 131 ? -1.752  9.573   -1.077  1.00 27.54  ? 170 ILE A O   1 
ATOM   1036 C  CB  . ILE A 1 131 ? -3.702  7.079   0.168   1.00 31.46  ? 170 ILE A CB  1 
ATOM   1037 C  CG1 . ILE A 1 131 ? -3.460  8.013   1.351   1.00 32.46  ? 170 ILE A CG1 1 
ATOM   1038 C  CG2 . ILE A 1 131 ? -3.720  5.611   0.585   1.00 31.15  ? 170 ILE A CG2 1 
ATOM   1039 C  CD1 . ILE A 1 131 ? -4.665  8.222   2.231   1.00 38.29  ? 170 ILE A CD1 1 
ATOM   1040 N  N   . HIS A 1 132 ? -3.635  9.002   -2.309  1.00 31.02  ? 171 HIS A N   1 
ATOM   1041 C  CA  . HIS A 1 132 ? -4.044  10.318  -2.821  1.00 31.07  ? 171 HIS A CA  1 
ATOM   1042 C  C   . HIS A 1 132 ? -5.526  10.488  -2.538  1.00 34.33  ? 171 HIS A C   1 
ATOM   1043 O  O   . HIS A 1 132 ? -6.321  9.550   -2.885  1.00 31.57  ? 171 HIS A O   1 
ATOM   1044 C  CB  . HIS A 1 132 ? -3.806  10.408  -4.299  1.00 30.71  ? 171 HIS A CB  1 
ATOM   1045 C  CG  . HIS A 1 132 ? -2.456  9.949   -4.700  1.00 37.33  ? 171 HIS A CG  1 
ATOM   1046 N  ND1 . HIS A 1 132 ? -1.341  10.747  -4.519  1.00 36.94  ? 171 HIS A ND1 1 
ATOM   1047 C  CD2 . HIS A 1 132 ? -2.043  8.823   -5.321  1.00 36.25  ? 171 HIS A CD2 1 
ATOM   1048 C  CE1 . HIS A 1 132 ? -0.291  10.122  -5.004  1.00 35.02  ? 171 HIS A CE1 1 
ATOM   1049 N  NE2 . HIS A 1 132 ? -0.694  8.923   -5.475  1.00 37.31  ? 171 HIS A NE2 1 
ATOM   1050 N  N   . ILE A 1 133 ? -5.863  11.599  -1.895  1.00 33.30  ? 172 ILE A N   1 
ATOM   1051 C  CA  . ILE A 1 133 ? -7.280  12.023  -1.670  1.00 34.30  ? 172 ILE A CA  1 
ATOM   1052 C  C   . ILE A 1 133 ? -7.570  13.113  -2.690  1.00 37.81  ? 172 ILE A C   1 
ATOM   1053 O  O   . ILE A 1 133 ? -6.871  14.190  -2.658  1.00 32.53  ? 172 ILE A O   1 
ATOM   1054 C  CB  . ILE A 1 133 ? -7.503  12.443  -0.213  1.00 36.84  ? 172 ILE A CB  1 
ATOM   1055 C  CG1 . ILE A 1 133 ? -7.087  11.324  0.736   1.00 36.11  ? 172 ILE A CG1 1 
ATOM   1056 C  CG2 . ILE A 1 133 ? -8.954  12.855  0.013   1.00 37.19  ? 172 ILE A CG2 1 
ATOM   1057 C  CD1 . ILE A 1 133 ? -7.138  11.694  2.205   1.00 35.87  ? 172 ILE A CD1 1 
ATOM   1058 N  N   . VAL A 1 134 ? -8.429  12.783  -3.667  1.00 37.71  ? 173 VAL A N   1 
ATOM   1059 C  CA  . VAL A 1 134 ? -8.737  13.667  -4.829  1.00 34.96  ? 173 VAL A CA  1 
ATOM   1060 C  C   . VAL A 1 134 ? -10.155 14.228  -4.618  1.00 38.26  ? 173 VAL A C   1 
ATOM   1061 O  O   . VAL A 1 134 ? -11.122 13.430  -4.587  1.00 38.49  ? 173 VAL A O   1 
ATOM   1062 C  CB  . VAL A 1 134 ? -8.565  12.951  -6.177  1.00 35.44  ? 173 VAL A CB  1 
ATOM   1063 C  CG1 . VAL A 1 134 ? -8.736  13.915  -7.356  1.00 36.01  ? 173 VAL A CG1 1 
ATOM   1064 C  CG2 . VAL A 1 134 ? -7.206  12.241  -6.274  1.00 37.28  ? 173 VAL A CG2 1 
ATOM   1065 N  N   . ARG A 1 135 ? -10.238 15.527  -4.341  1.00 38.56  ? 174 ARG A N   1 
ATOM   1066 C  CA  . ARG A 1 135 ? -11.517 16.285  -4.332  1.00 42.92  ? 174 ARG A CA  1 
ATOM   1067 C  C   . ARG A 1 135 ? -12.007 16.409  -5.766  1.00 41.19  ? 174 ARG A C   1 
ATOM   1068 O  O   . ARG A 1 135 ? -11.325 17.078  -6.563  1.00 45.88  ? 174 ARG A O   1 
ATOM   1069 C  CB  . ARG A 1 135 ? -11.339 17.669  -3.695  1.00 48.98  ? 174 ARG A CB  1 
ATOM   1070 C  CG  . ARG A 1 135 ? -12.656 18.322  -3.318  1.00 49.18  ? 174 ARG A CG  1 
ATOM   1071 C  CD  . ARG A 1 135 ? -12.462 19.591  -2.517  1.00 54.15  ? 174 ARG A CD  1 
ATOM   1072 N  NE  . ARG A 1 135 ? -13.761 20.240  -2.350  1.00 61.25  ? 174 ARG A NE  1 
ATOM   1073 C  CZ  . ARG A 1 135 ? -14.038 21.181  -1.448  1.00 58.78  ? 174 ARG A CZ  1 
ATOM   1074 N  NH1 . ARG A 1 135 ? -13.110 21.611  -0.611  1.00 57.61  ? 174 ARG A NH1 1 
ATOM   1075 N  NH2 . ARG A 1 135 ? -15.259 21.677  -1.372  1.00 61.05  ? 174 ARG A NH2 1 
ATOM   1076 N  N   . VAL A 1 136 ? -13.186 15.839  -6.036  1.00 46.05  ? 175 VAL A N   1 
ATOM   1077 C  CA  . VAL A 1 136 ? -13.775 15.640  -7.388  1.00 46.62  ? 175 VAL A CA  1 
ATOM   1078 C  C   . VAL A 1 136 ? -15.165 16.310  -7.449  1.00 55.29  ? 175 VAL A C   1 
ATOM   1079 O  O   . VAL A 1 136 ? -15.798 16.527  -6.378  1.00 50.31  ? 175 VAL A O   1 
ATOM   1080 C  CB  . VAL A 1 136 ? -13.874 14.128  -7.692  1.00 52.72  ? 175 VAL A CB  1 
ATOM   1081 C  CG1 . VAL A 1 136 ? -12.537 13.408  -7.564  1.00 56.52  ? 175 VAL A CG1 1 
ATOM   1082 C  CG2 . VAL A 1 136 ? -14.893 13.422  -6.810  1.00 50.80  ? 175 VAL A CG2 1 
ATOM   1083 N  N   . GLY A 1 137 ? -15.664 16.568  -8.658  1.00 62.23  ? 176 GLY A N   1 
ATOM   1084 C  CA  . GLY A 1 137 ? -17.034 17.063  -8.902  1.00 73.40  ? 176 GLY A CA  1 
ATOM   1085 C  C   . GLY A 1 137 ? -17.137 18.566  -8.700  1.00 80.89  ? 176 GLY A C   1 
ATOM   1086 O  O   . GLY A 1 137 ? -17.779 19.237  -9.546  1.00 88.73  ? 176 GLY A O   1 
ATOM   1087 N  N   . GLY A 1 138 ? -16.540 19.069  -7.613  1.00 77.87  ? 177 GLY A N   1 
ATOM   1088 C  CA  . GLY A 1 138 ? -16.389 20.505  -7.331  1.00 77.84  ? 177 GLY A CA  1 
ATOM   1089 C  C   . GLY A 1 138 ? -15.711 21.224  -8.492  1.00 77.86  ? 177 GLY A C   1 
ATOM   1090 O  O   . GLY A 1 138 ? -15.249 20.598  -9.446  1.00 67.41  ? 177 GLY A O   1 
ATOM   1091 N  N   . PRO A 1 139 ? -15.649 22.568  -8.444  1.00 86.24  ? 178 PRO A N   1 
ATOM   1092 C  CA  . PRO A 1 139 ? -14.976 23.340  -9.487  1.00 85.75  ? 178 PRO A CA  1 
ATOM   1093 C  C   . PRO A 1 139 ? -13.460 23.173  -9.319  1.00 89.03  ? 178 PRO A C   1 
ATOM   1094 O  O   . PRO A 1 139 ? -12.790 22.865  -10.300 1.00 79.89  ? 178 PRO A O   1 
ATOM   1095 C  CB  . PRO A 1 139 ? -15.439 24.782  -9.232  1.00 90.23  ? 178 PRO A CB  1 
ATOM   1096 C  CG  . PRO A 1 139 ? -15.817 24.822  -7.749  1.00 89.52  ? 178 PRO A CG  1 
ATOM   1097 C  CD  . PRO A 1 139 ? -16.196 23.405  -7.363  1.00 89.00  ? 178 PRO A CD  1 
ATOM   1098 N  N   . GLN A 1 140 ? -12.995 23.345  -8.072  1.00 91.73  ? 179 GLN A N   1 
ATOM   1099 C  CA  . GLN A 1 140 ? -11.573 23.295  -7.640  1.00 94.58  ? 179 GLN A CA  1 
ATOM   1100 C  C   . GLN A 1 140 ? -11.212 21.838  -7.326  1.00 79.98  ? 179 GLN A C   1 
ATOM   1101 O  O   . GLN A 1 140 ? -11.459 21.374  -6.195  1.00 78.12  ? 179 GLN A O   1 
ATOM   1102 C  CB  . GLN A 1 140 ? -11.330 24.248  -6.459  1.00 103.55 ? 179 GLN A CB  1 
ATOM   1103 C  CG  . GLN A 1 140 ? -11.883 23.763  -5.118  1.00 114.36 ? 179 GLN A CG  1 
ATOM   1104 C  CD  . GLN A 1 140 ? -12.422 24.867  -4.238  1.00 121.86 ? 179 GLN A CD  1 
ATOM   1105 O  OE1 . GLN A 1 140 ? -11.769 25.325  -3.299  1.00 120.99 ? 179 GLN A OE1 1 
ATOM   1106 N  NE2 . GLN A 1 140 ? -13.641 25.293  -4.529  1.00 124.73 ? 179 GLN A NE2 1 
ATOM   1107 N  N   . ARG A 1 141 ? -10.678 21.135  -8.323  1.00 67.83  ? 180 ARG A N   1 
ATOM   1108 C  CA  . ARG A 1 141 ? -9.893  19.887  -8.133  1.00 63.19  ? 180 ARG A CA  1 
ATOM   1109 C  C   . ARG A 1 141 ? -8.786  20.168  -7.100  1.00 59.91  ? 180 ARG A C   1 
ATOM   1110 O  O   . ARG A 1 141 ? -8.215  21.292  -7.149  1.00 52.04  ? 180 ARG A O   1 
ATOM   1111 C  CB  . ARG A 1 141 ? -9.360  19.452  -9.500  1.00 66.56  ? 180 ARG A CB  1 
ATOM   1112 C  CG  . ARG A 1 141 ? -8.299  18.363  -9.450  1.00 78.43  ? 180 ARG A CG  1 
ATOM   1113 C  CD  . ARG A 1 141 ? -8.587  17.281  -10.461 1.00 79.78  ? 180 ARG A CD  1 
ATOM   1114 N  NE  . ARG A 1 141 ? -9.790  16.580  -10.041 1.00 86.97  ? 180 ARG A NE  1 
ATOM   1115 C  CZ  . ARG A 1 141 ? -10.518 15.785  -10.812 1.00 88.95  ? 180 ARG A CZ  1 
ATOM   1116 N  NH1 . ARG A 1 141 ? -11.591 15.197  -10.314 1.00 91.50  ? 180 ARG A NH1 1 
ATOM   1117 N  NH2 . ARG A 1 141 ? -10.185 15.583  -12.075 1.00 97.68  ? 180 ARG A NH2 1 
ATOM   1118 N  N   . MET A 1 142 ? -8.546  19.229  -6.164  1.00 49.36  ? 181 MET A N   1 
ATOM   1119 C  CA  . MET A 1 142 ? -7.434  19.261  -5.175  1.00 46.05  ? 181 MET A CA  1 
ATOM   1120 C  C   . MET A 1 142 ? -6.972  17.829  -4.877  1.00 42.72  ? 181 MET A C   1 
ATOM   1121 O  O   . MET A 1 142 ? -7.808  16.916  -4.841  1.00 33.87  ? 181 MET A O   1 
ATOM   1122 C  CB  . MET A 1 142 ? -7.831  19.952  -3.867  1.00 44.26  ? 181 MET A CB  1 
ATOM   1123 C  CG  . MET A 1 142 ? -6.666  20.169  -2.882  1.00 48.95  ? 181 MET A CG  1 
ATOM   1124 S  SD  . MET A 1 142 ? -5.139  20.907  -3.576  1.00 46.24  ? 181 MET A SD  1 
ATOM   1125 C  CE  . MET A 1 142 ? -4.104  20.798  -2.117  1.00 51.87  ? 181 MET A CE  1 
ATOM   1126 N  N   . ILE A 1 143 ? -5.671  17.644  -4.672  1.00 37.93  ? 182 ILE A N   1 
ATOM   1127 C  CA  . ILE A 1 143 ? -5.096  16.326  -4.264  1.00 36.90  ? 182 ILE A CA  1 
ATOM   1128 C  C   . ILE A 1 143 ? -4.317  16.515  -2.963  1.00 38.07  ? 182 ILE A C   1 
ATOM   1129 O  O   . ILE A 1 143 ? -3.515  17.475  -2.876  1.00 37.34  ? 182 ILE A O   1 
ATOM   1130 C  CB  . ILE A 1 143 ? -4.219  15.753  -5.380  1.00 36.93  ? 182 ILE A CB  1 
ATOM   1131 C  CG1 . ILE A 1 143 ? -5.034  15.536  -6.644  1.00 36.66  ? 182 ILE A CG1 1 
ATOM   1132 C  CG2 . ILE A 1 143 ? -3.490  14.480  -4.923  1.00 36.88  ? 182 ILE A CG2 1 
ATOM   1133 C  CD1 . ILE A 1 143 ? -4.199  15.288  -7.852  1.00 41.06  ? 182 ILE A CD1 1 
ATOM   1134 N  N   . THR A 1 144 ? -4.519  15.630  -1.991  1.00 34.11  ? 183 THR A N   1 
ATOM   1135 C  CA  . THR A 1 144 ? -3.612  15.504  -0.825  1.00 38.71  ? 183 THR A CA  1 
ATOM   1136 C  C   . THR A 1 144 ? -3.047  14.079  -0.848  1.00 38.51  ? 183 THR A C   1 
ATOM   1137 O  O   . THR A 1 144 ? -3.840  13.128  -1.024  1.00 32.53  ? 183 THR A O   1 
ATOM   1138 C  CB  . THR A 1 144 ? -4.288  15.924  0.481   1.00 37.90  ? 183 THR A CB  1 
ATOM   1139 O  OG1 . THR A 1 144 ? -5.196  14.900  0.859   1.00 65.90  ? 183 THR A OG1 1 
ATOM   1140 C  CG2 . THR A 1 144 ? -5.061  17.216  0.363   1.00 38.96  ? 183 THR A CG2 1 
ATOM   1141 N  N   . SER A 1 145 ? -1.728  13.959  -0.723  1.00 36.77  ? 184 SER A N   1 
ATOM   1142 C  CA  . SER A 1 145 ? -1.014  12.661  -0.736  1.00 33.50  ? 184 SER A CA  1 
ATOM   1143 C  C   . SER A 1 145 ? -0.445  12.381  0.640   1.00 34.99  ? 184 SER A C   1 
ATOM   1144 O  O   . SER A 1 145 ? -0.021  13.299  1.342   1.00 37.44  ? 184 SER A O   1 
ATOM   1145 C  CB  . SER A 1 145 ? 0.006   12.646  -1.797  1.00 32.30  ? 184 SER A CB  1 
ATOM   1146 O  OG  . SER A 1 145 ? -0.644  12.787  -3.064  1.00 33.77  ? 184 SER A OG  1 
ATOM   1147 N  N   . HIS A 1 146 ? -0.377  11.113  1.001   1.00 32.05  ? 185 HIS A N   1 
ATOM   1148 C  CA  . HIS A 1 146 ? 0.219   10.678  2.271   1.00 28.69  ? 185 HIS A CA  1 
ATOM   1149 C  C   . HIS A 1 146 ? 0.891   9.318   2.067   1.00 29.37  ? 185 HIS A C   1 
ATOM   1150 O  O   . HIS A 1 146 ? 0.255   8.385   1.532   1.00 34.03  ? 185 HIS A O   1 
ATOM   1151 C  CB  . HIS A 1 146 ? -0.829  10.637  3.371   1.00 32.55  ? 185 HIS A CB  1 
ATOM   1152 C  CG  . HIS A 1 146 ? -0.223  10.724  4.728   1.00 35.81  ? 185 HIS A CG  1 
ATOM   1153 N  ND1 . HIS A 1 146 ? 0.250   9.611   5.402   1.00 42.82  ? 185 HIS A ND1 1 
ATOM   1154 C  CD2 . HIS A 1 146 ? 0.009   11.777  5.530   1.00 39.18  ? 185 HIS A CD2 1 
ATOM   1155 C  CE1 . HIS A 1 146 ? 0.737   9.980   6.565   1.00 41.65  ? 185 HIS A CE1 1 
ATOM   1156 N  NE2 . HIS A 1 146 ? 0.605   11.298  6.661   1.00 42.65  ? 185 HIS A NE2 1 
ATOM   1157 N  N   A CYS A 1 147 ? 2.137   9.236   2.536   0.25 30.85  ? 186 CYS A N   1 
ATOM   1158 N  N   B CYS A 1 147 ? 2.157   9.178   2.453   0.25 28.71  ? 186 CYS A N   1 
ATOM   1159 C  CA  A CYS A 1 147 ? 3.002   8.029   2.555   0.25 30.38  ? 186 CYS A CA  1 
ATOM   1160 C  CA  B CYS A 1 147 ? 2.864   7.867   2.371   0.25 26.39  ? 186 CYS A CA  1 
ATOM   1161 C  C   A CYS A 1 147 ? 2.822   7.288   3.870   0.25 29.58  ? 186 CYS A C   1 
ATOM   1162 C  C   B CYS A 1 147 ? 3.016   7.303   3.785   0.25 27.17  ? 186 CYS A C   1 
ATOM   1163 O  O   A CYS A 1 147 ? 2.452   7.944   4.864   0.25 28.01  ? 186 CYS A O   1 
ATOM   1164 O  O   B CYS A 1 147 ? 3.015   8.075   4.749   0.25 27.05  ? 186 CYS A O   1 
ATOM   1165 C  CB  A CYS A 1 147 ? 4.457   8.452   2.439   0.25 32.36  ? 186 CYS A CB  1 
ATOM   1166 C  CB  B CYS A 1 147 ? 4.168   7.994   1.589   0.25 25.65  ? 186 CYS A CB  1 
ATOM   1167 S  SG  A CYS A 1 147 ? 4.878   8.946   0.756   0.25 29.01  ? 186 CYS A SG  1 
ATOM   1168 S  SG  B CYS A 1 147 ? 5.353   9.180   2.281   0.25 21.35  ? 186 CYS A SG  1 
ATOM   1169 N  N   . PHE A 1 148 ? 3.076   5.974   3.889   1.00 31.49  ? 187 PHE A N   1 
ATOM   1170 C  CA  . PHE A 1 148 ? 3.002   5.224   5.159   1.00 29.98  ? 187 PHE A CA  1 
ATOM   1171 C  C   . PHE A 1 148 ? 4.285   4.416   5.308   1.00 34.43  ? 187 PHE A C   1 
ATOM   1172 O  O   . PHE A 1 148 ? 4.338   3.243   4.927   1.00 32.40  ? 187 PHE A O   1 
ATOM   1173 C  CB  . PHE A 1 148 ? 1.724   4.394   5.155   1.00 30.73  ? 187 PHE A CB  1 
ATOM   1174 C  CG  . PHE A 1 148 ? 0.460   5.208   5.094   1.00 30.82  ? 187 PHE A CG  1 
ATOM   1175 C  CD1 . PHE A 1 148 ? -0.093  5.749   6.256   1.00 35.07  ? 187 PHE A CD1 1 
ATOM   1176 C  CD2 . PHE A 1 148 ? -0.137  5.482   3.873   1.00 31.31  ? 187 PHE A CD2 1 
ATOM   1177 C  CE1 . PHE A 1 148 ? -1.267  6.492   6.196   1.00 36.40  ? 187 PHE A CE1 1 
ATOM   1178 C  CE2 . PHE A 1 148 ? -1.316  6.216   3.819   1.00 36.17  ? 187 PHE A CE2 1 
ATOM   1179 C  CZ  . PHE A 1 148 ? -1.871  6.729   4.974   1.00 36.77  ? 187 PHE A CZ  1 
ATOM   1180 N  N   . PRO A 1 149 ? 5.362   5.036   5.837   1.00 31.69  ? 188 PRO A N   1 
ATOM   1181 C  CA  . PRO A 1 149 ? 6.625   4.323   6.010   1.00 30.54  ? 188 PRO A CA  1 
ATOM   1182 C  C   . PRO A 1 149 ? 6.454   3.003   6.772   1.00 29.17  ? 188 PRO A C   1 
ATOM   1183 O  O   . PRO A 1 149 ? 7.193   2.106   6.509   1.00 28.08  ? 188 PRO A O   1 
ATOM   1184 C  CB  . PRO A 1 149 ? 7.478   5.307   6.828   1.00 32.30  ? 188 PRO A CB  1 
ATOM   1185 C  CG  . PRO A 1 149 ? 6.921   6.676   6.530   1.00 36.92  ? 188 PRO A CG  1 
ATOM   1186 C  CD  . PRO A 1 149 ? 5.473   6.472   6.128   1.00 34.89  ? 188 PRO A CD  1 
ATOM   1187 N  N   . GLU A 1 150 ? 5.551   2.993   7.761   1.00 31.20  ? 189 GLU A N   1 
ATOM   1188 C  CA  . GLU A 1 150 ? 5.301   1.849   8.678   1.00 34.59  ? 189 GLU A CA  1 
ATOM   1189 C  C   . GLU A 1 150 ? 4.878   0.609   7.874   1.00 30.92  ? 189 GLU A C   1 
ATOM   1190 O  O   . GLU A 1 150 ? 4.947   -0.503  8.440   1.00 31.26  ? 189 GLU A O   1 
ATOM   1191 C  CB  . GLU A 1 150 ? 4.265   2.279   9.718   1.00 38.70  ? 189 GLU A CB  1 
ATOM   1192 C  CG  . GLU A 1 150 ? 4.474   3.711   10.217  1.00 41.62  ? 189 GLU A CG  1 
ATOM   1193 C  CD  . GLU A 1 150 ? 3.494   4.794   9.754   1.00 42.73  ? 189 GLU A CD  1 
ATOM   1194 O  OE1 . GLU A 1 150 ? 2.897   5.416   10.674  1.00 54.53  ? 189 GLU A OE1 1 
ATOM   1195 O  OE2 . GLU A 1 150 ? 3.308   5.040   8.503   1.00 29.21  ? 189 GLU A OE2 1 
ATOM   1196 N  N   . THR A 1 151 ? 4.399   0.800   6.637   1.00 30.13  ? 190 THR A N   1 
ATOM   1197 C  CA  . THR A 1 151 ? 3.705   -0.219  5.800   1.00 30.71  ? 190 THR A CA  1 
ATOM   1198 C  C   . THR A 1 151 ? 4.625   -0.661  4.665   1.00 28.55  ? 190 THR A C   1 
ATOM   1199 O  O   . THR A 1 151 ? 4.147   -1.409  3.776   1.00 30.71  ? 190 THR A O   1 
ATOM   1200 C  CB  . THR A 1 151 ? 2.335   0.256   5.285   1.00 30.89  ? 190 THR A CB  1 
ATOM   1201 O  OG1 . THR A 1 151 ? 2.469   1.281   4.294   1.00 27.69  ? 190 THR A OG1 1 
ATOM   1202 C  CG2 . THR A 1 151 ? 1.453   0.727   6.424   1.00 31.43  ? 190 THR A CG2 1 
ATOM   1203 N  N   . GLN A 1 152 ? 5.890   -0.213  4.676   1.00 25.61  ? 191 GLN A N   1 
ATOM   1204 C  CA  . GLN A 1 152 ? 6.886   -0.655  3.673   1.00 25.88  ? 191 GLN A CA  1 
ATOM   1205 C  C   . GLN A 1 152 ? 6.980   -2.182  3.630   1.00 28.79  ? 191 GLN A C   1 
ATOM   1206 O  O   . GLN A 1 152 ? 6.865   -2.825  4.681   1.00 32.96  ? 191 GLN A O   1 
ATOM   1207 C  CB  . GLN A 1 152 ? 8.269   -0.091  3.995   1.00 31.03  ? 191 GLN A CB  1 
ATOM   1208 C  CG  . GLN A 1 152 ? 8.421   1.308   3.421   1.00 35.60  ? 191 GLN A CG  1 
ATOM   1209 C  CD  . GLN A 1 152 ? 9.783   1.866   3.735   1.00 44.50  ? 191 GLN A CD  1 
ATOM   1210 O  OE1 . GLN A 1 152 ? 10.542  1.235   4.474   1.00 47.30  ? 191 GLN A OE1 1 
ATOM   1211 N  NE2 . GLN A 1 152 ? 10.044  3.081   3.252   1.00 47.50  ? 191 GLN A NE2 1 
ATOM   1212 N  N   . PHE A 1 153 ? 7.210   -2.720  2.445   1.00 30.30  ? 192 PHE A N   1 
ATOM   1213 C  CA  . PHE A 1 153 ? 7.397   -4.174  2.274   1.00 30.07  ? 192 PHE A CA  1 
ATOM   1214 C  C   . PHE A 1 153 ? 8.209   -4.437  1.014   1.00 30.49  ? 192 PHE A C   1 
ATOM   1215 O  O   . PHE A 1 153 ? 8.313   -3.612  0.111   1.00 28.76  ? 192 PHE A O   1 
ATOM   1216 C  CB  . PHE A 1 153 ? 6.011   -4.847  2.194   1.00 29.07  ? 192 PHE A CB  1 
ATOM   1217 C  CG  . PHE A 1 153 ? 5.193   -4.444  1.006   1.00 26.28  ? 192 PHE A CG  1 
ATOM   1218 C  CD1 . PHE A 1 153 ? 5.421   -5.009  -0.231  1.00 28.97  ? 192 PHE A CD1 1 
ATOM   1219 C  CD2 . PHE A 1 153 ? 4.252   -3.428  1.101   1.00 26.90  ? 192 PHE A CD2 1 
ATOM   1220 C  CE1 . PHE A 1 153 ? 4.669   -4.630  -1.333  1.00 28.60  ? 192 PHE A CE1 1 
ATOM   1221 C  CE2 . PHE A 1 153 ? 3.527   -3.030  -0.010  1.00 25.95  ? 192 PHE A CE2 1 
ATOM   1222 C  CZ  . PHE A 1 153 ? 3.722   -3.642  -1.218  1.00 28.89  ? 192 PHE A CZ  1 
ATOM   1223 N  N   . ILE A 1 154 ? 8.752   -5.646  0.942   1.00 30.20  ? 193 ILE A N   1 
ATOM   1224 C  CA  . ILE A 1 154 ? 9.358   -6.199  -0.285  1.00 30.48  ? 193 ILE A CA  1 
ATOM   1225 C  C   . ILE A 1 154 ? 8.332   -7.147  -0.875  1.00 33.21  ? 193 ILE A C   1 
ATOM   1226 O  O   . ILE A 1 154 ? 7.776   -7.923  -0.066  1.00 34.94  ? 193 ILE A O   1 
ATOM   1227 C  CB  . ILE A 1 154 ? 10.679  -6.907  0.070   1.00 33.55  ? 193 ILE A CB  1 
ATOM   1228 C  CG1 . ILE A 1 154 ? 11.638  -5.929  0.762   1.00 39.29  ? 193 ILE A CG1 1 
ATOM   1229 C  CG2 . ILE A 1 154 ? 11.261  -7.556  -1.178  1.00 35.49  ? 193 ILE A CG2 1 
ATOM   1230 C  CD1 . ILE A 1 154 ? 12.913  -6.560  1.281   1.00 45.14  ? 193 ILE A CD1 1 
ATOM   1231 N  N   . ALA A 1 155 ? 8.070   -7.003  -2.175  1.00 31.84  ? 194 ALA A N   1 
ATOM   1232 C  CA  . ALA A 1 155 ? 7.193   -7.862  -2.986  1.00 35.99  ? 194 ALA A CA  1 
ATOM   1233 C  C   . ALA A 1 155 ? 7.952   -9.171  -3.245  1.00 37.58  ? 194 ALA A C   1 
ATOM   1234 O  O   . ALA A 1 155 ? 9.125   -9.097  -3.682  1.00 36.14  ? 194 ALA A O   1 
ATOM   1235 C  CB  . ALA A 1 155 ? 6.835   -7.144  -4.261  1.00 36.43  ? 194 ALA A CB  1 
ATOM   1236 N  N   . VAL A 1 156 ? 7.341   -10.304 -2.909  1.00 36.32  ? 195 VAL A N   1 
ATOM   1237 C  CA  . VAL A 1 156 ? 7.993   -11.656 -2.976  1.00 36.72  ? 195 VAL A CA  1 
ATOM   1238 C  C   . VAL A 1 156 ? 7.000   -12.641 -3.610  1.00 37.31  ? 195 VAL A C   1 
ATOM   1239 O  O   . VAL A 1 156 ? 5.791   -12.453 -3.455  1.00 33.23  ? 195 VAL A O   1 
ATOM   1240 C  CB  . VAL A 1 156 ? 8.479   -12.137 -1.591  1.00 35.02  ? 195 VAL A CB  1 
ATOM   1241 C  CG1 . VAL A 1 156 ? 9.552   -11.217 -1.000  1.00 35.54  ? 195 VAL A CG1 1 
ATOM   1242 C  CG2 . VAL A 1 156 ? 7.339   -12.339 -0.602  1.00 32.72  ? 195 VAL A CG2 1 
ATOM   1243 N  N   . THR A 1 157 ? 7.464   -13.658 -4.333  1.00 35.95  ? 196 THR A N   1 
ATOM   1244 C  CA  . THR A 1 157 ? 6.539   -14.702 -4.860  1.00 38.91  ? 196 THR A CA  1 
ATOM   1245 C  C   . THR A 1 157 ? 6.291   -15.784 -3.798  1.00 35.39  ? 196 THR A C   1 
ATOM   1246 O  O   . THR A 1 157 ? 5.282   -16.477 -3.956  1.00 34.51  ? 196 THR A O   1 
ATOM   1247 C  CB  . THR A 1 157 ? 7.044   -15.345 -6.156  1.00 39.48  ? 196 THR A CB  1 
ATOM   1248 O  OG1 . THR A 1 157 ? 8.318   -15.867 -5.812  1.00 40.46  ? 196 THR A OG1 1 
ATOM   1249 C  CG2 . THR A 1 157 ? 7.121   -14.376 -7.315  1.00 39.20  ? 196 THR A CG2 1 
ATOM   1250 N  N   . ALA A 1 158 ? 7.106   -15.855 -2.741  1.00 37.57  ? 197 ALA A N   1 
ATOM   1251 C  CA  . ALA A 1 158 ? 6.914   -16.701 -1.532  1.00 37.16  ? 197 ALA A CA  1 
ATOM   1252 C  C   . ALA A 1 158 ? 7.655   -16.071 -0.358  1.00 33.13  ? 197 ALA A C   1 
ATOM   1253 O  O   . ALA A 1 158 ? 8.673   -15.433 -0.615  1.00 37.30  ? 197 ALA A O   1 
ATOM   1254 C  CB  . ALA A 1 158 ? 7.427   -18.109 -1.781  1.00 37.06  ? 197 ALA A CB  1 
ATOM   1255 N  N   . TYR A 1 159 ? 7.204   -16.261 0.886   1.00 35.18  ? 198 TYR A N   1 
ATOM   1256 C  CA  . TYR A 1 159 ? 7.889   -15.696 2.065   1.00 32.86  ? 198 TYR A CA  1 
ATOM   1257 C  C   . TYR A 1 159 ? 9.308   -16.254 2.235   1.00 40.83  ? 198 TYR A C   1 
ATOM   1258 O  O   . TYR A 1 159 ? 9.550   -17.457 2.123   1.00 37.04  ? 198 TYR A O   1 
ATOM   1259 C  CB  . TYR A 1 159 ? 7.089   -15.869 3.350   1.00 37.06  ? 198 TYR A CB  1 
ATOM   1260 C  CG  . TYR A 1 159 ? 5.766   -15.160 3.325   1.00 36.37  ? 198 TYR A CG  1 
ATOM   1261 C  CD1 . TYR A 1 159 ? 5.694   -13.795 3.072   1.00 37.30  ? 198 TYR A CD1 1 
ATOM   1262 C  CD2 . TYR A 1 159 ? 4.589   -15.863 3.510   1.00 34.57  ? 198 TYR A CD2 1 
ATOM   1263 C  CE1 . TYR A 1 159 ? 4.478   -13.139 3.013   1.00 35.13  ? 198 TYR A CE1 1 
ATOM   1264 C  CE2 . TYR A 1 159 ? 3.363   -15.226 3.459   1.00 36.84  ? 198 TYR A CE2 1 
ATOM   1265 C  CZ  . TYR A 1 159 ? 3.317   -13.860 3.224   1.00 38.26  ? 198 TYR A CZ  1 
ATOM   1266 O  OH  . TYR A 1 159 ? 2.133   -13.226 3.209   1.00 36.87  ? 198 TYR A OH  1 
ATOM   1267 N  N   . GLN A 1 160 ? 10.250  -15.362 2.562   1.00 37.08  ? 199 GLN A N   1 
ATOM   1268 C  CA  . GLN A 1 160 ? 11.677  -15.705 2.798   1.00 35.71  ? 199 GLN A CA  1 
ATOM   1269 C  C   . GLN A 1 160 ? 11.944  -15.816 4.283   1.00 37.60  ? 199 GLN A C   1 
ATOM   1270 O  O   . GLN A 1 160 ? 12.570  -16.792 4.706   1.00 38.87  ? 199 GLN A O   1 
ATOM   1271 C  CB  . GLN A 1 160 ? 12.565  -14.626 2.185   1.00 37.95  ? 199 GLN A CB  1 
ATOM   1272 C  CG  . GLN A 1 160 ? 12.334  -14.478 0.696   1.00 41.65  ? 199 GLN A CG  1 
ATOM   1273 C  CD  . GLN A 1 160 ? 12.701  -15.748 -0.022  1.00 45.58  ? 199 GLN A CD  1 
ATOM   1274 O  OE1 . GLN A 1 160 ? 13.858  -16.157 -0.021  1.00 55.39  ? 199 GLN A OE1 1 
ATOM   1275 N  NE2 . GLN A 1 160 ? 11.712  -16.381 -0.624  1.00 44.40  ? 199 GLN A NE2 1 
ATOM   1276 N  N   . ASN A 1 161 ? 11.463  -14.834 5.044   1.00 35.02  ? 200 ASN A N   1 
ATOM   1277 C  CA  . ASN A 1 161 ? 11.673  -14.761 6.501   1.00 35.87  ? 200 ASN A CA  1 
ATOM   1278 C  C   . ASN A 1 161 ? 10.509  -15.497 7.166   1.00 38.34  ? 200 ASN A C   1 
ATOM   1279 O  O   . ASN A 1 161 ? 9.397   -15.007 7.096   1.00 33.82  ? 200 ASN A O   1 
ATOM   1280 C  CB  . ASN A 1 161 ? 11.776  -13.311 6.952   1.00 37.71  ? 200 ASN A CB  1 
ATOM   1281 C  CG  . ASN A 1 161 ? 12.103  -13.176 8.412   1.00 37.00  ? 200 ASN A CG  1 
ATOM   1282 O  OD1 . ASN A 1 161 ? 12.245  -14.167 9.122   1.00 36.29  ? 200 ASN A OD1 1 
ATOM   1283 N  ND2 . ASN A 1 161 ? 12.199  -11.944 8.879   1.00 39.41  ? 200 ASN A ND2 1 
ATOM   1284 N  N   . GLU A 1 162 ? 10.769  -16.639 7.813   1.00 39.35  ? 201 GLU A N   1 
ATOM   1285 C  CA  . GLU A 1 162 ? 9.690   -17.445 8.445   1.00 34.53  ? 201 GLU A CA  1 
ATOM   1286 C  C   . GLU A 1 162 ? 9.064   -16.621 9.584   1.00 31.96  ? 201 GLU A C   1 
ATOM   1287 O  O   . GLU A 1 162 ? 7.913   -16.819 9.894   1.00 36.58  ? 201 GLU A O   1 
ATOM   1288 C  CB  . GLU A 1 162 ? 10.265  -18.791 8.909   1.00 39.21  ? 201 GLU A CB  1 
ATOM   1289 C  CG  . GLU A 1 162 ? 10.818  -18.733 10.316  1.00 49.61  ? 201 GLU A CG  1 
ATOM   1290 C  CD  . GLU A 1 162 ? 12.042  -19.576 10.642  1.00 64.26  ? 201 GLU A CD  1 
ATOM   1291 O  OE1 . GLU A 1 162 ? 11.976  -20.375 11.623  1.00 56.67  ? 201 GLU A OE1 1 
ATOM   1292 O  OE2 . GLU A 1 162 ? 13.087  -19.368 9.977   1.00 81.65  ? 201 GLU A OE2 1 
ATOM   1293 N  N   . GLU A 1 163 ? 9.814   -15.716 10.203  1.00 35.79  ? 202 GLU A N   1 
ATOM   1294 C  CA  . GLU A 1 163 ? 9.274   -14.844 11.274  1.00 38.61  ? 202 GLU A CA  1 
ATOM   1295 C  C   . GLU A 1 163 ? 8.065   -14.066 10.726  1.00 32.09  ? 202 GLU A C   1 
ATOM   1296 O  O   . GLU A 1 163 ? 7.137   -13.801 11.511  1.00 34.18  ? 202 GLU A O   1 
ATOM   1297 C  CB  . GLU A 1 163 ? 10.359  -13.912 11.814  1.00 38.50  ? 202 GLU A CB  1 
ATOM   1298 C  CG  . GLU A 1 163 ? 11.375  -14.567 12.730  1.00 45.15  ? 202 GLU A CG  1 
ATOM   1299 C  CD  . GLU A 1 163 ? 12.500  -13.609 13.094  1.00 55.11  ? 202 GLU A CD  1 
ATOM   1300 O  OE1 . GLU A 1 163 ? 12.775  -13.423 14.309  1.00 60.53  ? 202 GLU A OE1 1 
ATOM   1301 O  OE2 . GLU A 1 163 ? 13.061  -13.012 12.164  1.00 61.46  ? 202 GLU A OE2 1 
ATOM   1302 N  N   . ILE A 1 164 ? 8.099   -13.674 9.453   1.00 33.15  ? 203 ILE A N   1 
ATOM   1303 C  CA  . ILE A 1 164 ? 6.984   -12.968 8.745   1.00 34.18  ? 203 ILE A CA  1 
ATOM   1304 C  C   . ILE A 1 164 ? 5.842   -13.969 8.521   1.00 32.99  ? 203 ILE A C   1 
ATOM   1305 O  O   . ILE A 1 164 ? 4.696   -13.652 8.798   1.00 33.05  ? 203 ILE A O   1 
ATOM   1306 C  CB  . ILE A 1 164 ? 7.473   -12.343 7.418   1.00 31.64  ? 203 ILE A CB  1 
ATOM   1307 C  CG1 . ILE A 1 164 ? 8.406   -11.155 7.676   1.00 32.57  ? 203 ILE A CG1 1 
ATOM   1308 C  CG2 . ILE A 1 164 ? 6.309   -11.945 6.519   1.00 34.21  ? 203 ILE A CG2 1 
ATOM   1309 C  CD1 . ILE A 1 164 ? 7.704   -9.961  8.348   1.00 38.00  ? 203 ILE A CD1 1 
ATOM   1310 N  N   . THR A 1 165 ? 6.163   -15.146 8.007   1.00 34.92  ? 204 THR A N   1 
ATOM   1311 C  CA  . THR A 1 165 ? 5.168   -16.221 7.796   1.00 35.00  ? 204 THR A CA  1 
ATOM   1312 C  C   . THR A 1 165 ? 4.401   -16.382 9.105   1.00 30.26  ? 204 THR A C   1 
ATOM   1313 O  O   . THR A 1 165 ? 3.178   -16.309 9.067   1.00 34.64  ? 204 THR A O   1 
ATOM   1314 C  CB  . THR A 1 165 ? 5.828   -17.505 7.300   1.00 34.25  ? 204 THR A CB  1 
ATOM   1315 O  OG1 . THR A 1 165 ? 6.759   -17.130 6.280   1.00 32.76  ? 204 THR A OG1 1 
ATOM   1316 C  CG2 . THR A 1 165 ? 4.800   -18.505 6.815   1.00 35.85  ? 204 THR A CG2 1 
ATOM   1317 N  N   . ALA A 1 166 ? 5.104   -16.492 10.223  1.00 34.88  ? 205 ALA A N   1 
ATOM   1318 C  CA  . ALA A 1 166 ? 4.498   -16.723 11.557  1.00 36.48  ? 205 ALA A CA  1 
ATOM   1319 C  C   . ALA A 1 166 ? 3.615   -15.539 11.953  1.00 36.86  ? 205 ALA A C   1 
ATOM   1320 O  O   . ALA A 1 166 ? 2.515   -15.747 12.478  1.00 31.64  ? 205 ALA A O   1 
ATOM   1321 C  CB  . ALA A 1 166 ? 5.574   -16.969 12.578  1.00 39.34  ? 205 ALA A CB  1 
ATOM   1322 N  N   . LEU A 1 167 ? 4.094   -14.304 11.778  1.00 37.46  ? 206 LEU A N   1 
ATOM   1323 C  CA  . LEU A 1 167 ? 3.298   -13.120 12.171  1.00 33.85  ? 206 LEU A CA  1 
ATOM   1324 C  C   . LEU A 1 167 ? 2.017   -13.045 11.354  1.00 28.87  ? 206 LEU A C   1 
ATOM   1325 O  O   . LEU A 1 167 ? 0.983   -12.734 11.959  1.00 35.29  ? 206 LEU A O   1 
ATOM   1326 C  CB  . LEU A 1 167 ? 4.100   -11.833 11.929  1.00 37.13  ? 206 LEU A CB  1 
ATOM   1327 C  CG  . LEU A 1 167 ? 4.738   -11.139 13.122  1.00 44.05  ? 206 LEU A CG  1 
ATOM   1328 C  CD1 . LEU A 1 167 ? 4.771   -9.631  12.844  1.00 40.10  ? 206 LEU A CD1 1 
ATOM   1329 C  CD2 . LEU A 1 167 ? 4.036   -11.432 14.442  1.00 43.29  ? 206 LEU A CD2 1 
ATOM   1330 N  N   . LYS A 1 168 ? 2.110   -13.251 10.040  1.00 29.59  ? 207 LYS A N   1 
ATOM   1331 C  CA  . LYS A 1 168 ? 0.974   -13.204 9.089   1.00 30.27  ? 207 LYS A CA  1 
ATOM   1332 C  C   . LYS A 1 168 ? -0.132  -14.142 9.610   1.00 34.94  ? 207 LYS A C   1 
ATOM   1333 O  O   . LYS A 1 168 ? -1.325  -13.751 9.674   1.00 35.67  ? 207 LYS A O   1 
ATOM   1334 C  CB  . LYS A 1 168 ? 1.407   -13.637 7.682   1.00 32.57  ? 207 LYS A CB  1 
ATOM   1335 C  CG  . LYS A 1 168 ? 2.433   -12.744 6.995   1.00 37.06  ? 207 LYS A CG  1 
ATOM   1336 C  CD  . LYS A 1 168 ? 1.835   -11.601 6.233   1.00 36.24  ? 207 LYS A CD  1 
ATOM   1337 C  CE  . LYS A 1 168 ? 2.889   -10.709 5.607   1.00 34.32  ? 207 LYS A CE  1 
ATOM   1338 N  NZ  . LYS A 1 168 ? 2.338   -9.973  4.460   1.00 38.69  ? 207 LYS A NZ  1 
ATOM   1339 N  N   . ILE A 1 169 ? 0.250   -15.359 9.983   1.00 35.03  ? 208 ILE A N   1 
ATOM   1340 C  CA  . ILE A 1 169 ? -0.746  -16.383 10.406  1.00 32.32  ? 208 ILE A CA  1 
ATOM   1341 C  C   . ILE A 1 169 ? -1.255  -15.954 11.784  1.00 32.73  ? 208 ILE A C   1 
ATOM   1342 O  O   . ILE A 1 169 ? -2.490  -15.946 12.015  1.00 33.56  ? 208 ILE A O   1 
ATOM   1343 C  CB  . ILE A 1 169 ? -0.094  -17.791 10.379  1.00 32.32  ? 208 ILE A CB  1 
ATOM   1344 C  CG1 . ILE A 1 169 ? 0.139   -18.237 8.937   1.00 29.53  ? 208 ILE A CG1 1 
ATOM   1345 C  CG2 . ILE A 1 169 ? -0.971  -18.771 11.161  1.00 34.00  ? 208 ILE A CG2 1 
ATOM   1346 C  CD1 . ILE A 1 169 ? 1.268   -19.188 8.765   1.00 33.46  ? 208 ILE A CD1 1 
ATOM   1347 N  N   . LYS A 1 170 ? -0.357  -15.554 12.676  1.00 32.68  ? 209 LYS A N   1 
ATOM   1348 C  CA  . LYS A 1 170 ? -0.748  -15.295 14.093  1.00 37.50  ? 209 LYS A CA  1 
ATOM   1349 C  C   . LYS A 1 170 ? -1.854  -14.234 14.108  1.00 38.19  ? 209 LYS A C   1 
ATOM   1350 O  O   . LYS A 1 170 ? -2.804  -14.380 14.910  1.00 39.06  ? 209 LYS A O   1 
ATOM   1351 C  CB  . LYS A 1 170 ? 0.470   -14.911 14.943  1.00 37.45  ? 209 LYS A CB  1 
ATOM   1352 C  CG  . LYS A 1 170 ? 0.232   -14.758 16.443  1.00 42.88  ? 209 LYS A CG  1 
ATOM   1353 C  CD  . LYS A 1 170 ? 1.533   -14.477 17.222  1.00 44.30  ? 209 LYS A CD  1 
ATOM   1354 C  CE  . LYS A 1 170 ? 1.453   -14.730 18.716  1.00 49.13  ? 209 LYS A CE  1 
ATOM   1355 N  NZ  . LYS A 1 170 ? 0.831   -13.590 19.430  1.00 53.37  ? 209 LYS A NZ  1 
ATOM   1356 N  N   . TYR A 1 171 ? -1.765  -13.223 13.245  1.00 38.01  ? 210 TYR A N   1 
ATOM   1357 C  CA  . TYR A 1 171 ? -2.642  -12.026 13.316  1.00 39.49  ? 210 TYR A CA  1 
ATOM   1358 C  C   . TYR A 1 171 ? -3.735  -12.062 12.254  1.00 39.18  ? 210 TYR A C   1 
ATOM   1359 O  O   . TYR A 1 171 ? -4.576  -11.175 12.308  1.00 43.68  ? 210 TYR A O   1 
ATOM   1360 C  CB  . TYR A 1 171 ? -1.782  -10.759 13.365  1.00 39.71  ? 210 TYR A CB  1 
ATOM   1361 C  CG  . TYR A 1 171 ? -1.103  -10.650 14.707  1.00 39.21  ? 210 TYR A CG  1 
ATOM   1362 C  CD1 . TYR A 1 171 ? -1.850  -10.350 15.833  1.00 46.08  ? 210 TYR A CD1 1 
ATOM   1363 C  CD2 . TYR A 1 171 ? 0.239   -10.952 14.879  1.00 37.98  ? 210 TYR A CD2 1 
ATOM   1364 C  CE1 . TYR A 1 171 ? -1.269  -10.309 17.088  1.00 47.78  ? 210 TYR A CE1 1 
ATOM   1365 C  CE2 . TYR A 1 171 ? 0.839   -10.938 16.127  1.00 40.59  ? 210 TYR A CE2 1 
ATOM   1366 C  CZ  . TYR A 1 171 ? 0.075   -10.606 17.235  1.00 49.93  ? 210 TYR A CZ  1 
ATOM   1367 O  OH  . TYR A 1 171 ? 0.608   -10.574 18.488  1.00 53.05  ? 210 TYR A OH  1 
ATOM   1368 N  N   . ASN A 1 172 ? -3.793  -13.049 11.361  1.00 41.61  ? 211 ASN A N   1 
ATOM   1369 C  CA  . ASN A 1 172 ? -4.938  -13.156 10.419  1.00 47.49  ? 211 ASN A CA  1 
ATOM   1370 C  C   . ASN A 1 172 ? -6.113  -13.868 11.117  1.00 60.23  ? 211 ASN A C   1 
ATOM   1371 O  O   . ASN A 1 172 ? -5.950  -14.424 12.212  1.00 54.87  ? 211 ASN A O   1 
ATOM   1372 C  CB  . ASN A 1 172 ? -4.514  -13.783 9.093   1.00 56.20  ? 211 ASN A CB  1 
ATOM   1373 C  CG  . ASN A 1 172 ? -4.396  -15.294 9.135   1.00 58.24  ? 211 ASN A CG  1 
ATOM   1374 O  OD1 . ASN A 1 172 ? -4.016  -15.912 8.144   1.00 59.01  ? 211 ASN A OD1 1 
ATOM   1375 N  ND2 . ASN A 1 172 ? -4.714  -15.896 10.270  1.00 55.58  ? 211 ASN A ND2 1 
HETATM 1376 CD CD  . CD  B 2 .   ? 7.318   8.922   0.938   0.50 28.15  ? 301 CD  A CD  1 
HETATM 1377 CD CD  . CD  C 2 .   ? 9.534   6.940   3.015   1.00 29.68  ? 302 CD  A CD  1 
HETATM 1378 CD CD  . CD  D 2 .   ? -2.072  -1.066  -14.682 1.00 63.21  ? 303 CD  A CD  1 
HETATM 1379 CD CD  . CD  E 2 .   ? 21.222  3.180   -4.792  1.00 38.39  ? 304 CD  A CD  1 
HETATM 1380 CD CD  . CD  F 2 .   ? -1.825  2.632   -15.143 1.00 62.34  ? 305 CD  A CD  1 
HETATM 1381 N  N1  . NUY G 3 .   ? -14.345 5.684   -13.123 1.00 98.64  ? 306 NUY A N1  1 
HETATM 1382 C  C4  . NUY G 3 .   ? -14.863 5.714   -11.694 1.00 98.14  ? 306 NUY A C4  1 
HETATM 1383 C  C5  . NUY G 3 .   ? -13.691 5.944   -10.682 1.00 93.83  ? 306 NUY A C5  1 
HETATM 1384 C  C6  . NUY G 3 .   ? -13.144 7.764   -12.282 1.00 95.09  ? 306 NUY A C6  1 
HETATM 1385 C  C7  . NUY G 3 .   ? -13.116 6.575   -13.312 1.00 96.81  ? 306 NUY A C7  1 
HETATM 1386 C  C8  . NUY G 3 .   ? -12.738 8.141   -9.736  1.00 88.25  ? 306 NUY A C8  1 
HETATM 1387 C  C10 . NUY G 3 .   ? -12.208 10.621  -9.932  1.00 85.03  ? 306 NUY A C10 1 
HETATM 1388 C  C1  . NUY G 3 .   ? -14.986 4.304   -15.104 1.00 96.76  ? 306 NUY A C1  1 
HETATM 1389 C  C11 . NUY G 3 .   ? -11.122 11.536  -10.050 1.00 80.16  ? 306 NUY A C11 1 
HETATM 1390 C  C12 . NUY G 3 .   ? -9.959  10.895  -10.094 1.00 76.57  ? 306 NUY A C12 1 
HETATM 1391 C  C2  . NUY G 3 .   ? -14.267 4.279   -13.735 1.00 97.06  ? 306 NUY A C2  1 
HETATM 1392 C  C3  . NUY G 3 .   ? -12.869 3.627   -13.892 1.00 95.29  ? 306 NUY A C3  1 
HETATM 1393 C  C9  . NUY G 3 .   ? -11.813 9.323   -9.893  1.00 84.27  ? 306 NUY A C9  1 
HETATM 1394 N  N2  . NUY G 3 .   ? -13.021 7.276   -10.875 1.00 91.95  ? 306 NUY A N2  1 
HETATM 1395 O  O1  . NUY G 3 .   ? -13.256 7.922   -8.624  1.00 74.79  ? 306 NUY A O1  1 
HETATM 1396 S  S1  . NUY G 3 .   ? -10.133 9.233   -10.000 1.00 79.71  ? 306 NUY A S1  1 
HETATM 1397 O  O   . HOH H 4 .   ? -19.542 5.994   -4.959  0.50 53.29  ? 401 HOH A O   1 
HETATM 1398 O  O   . HOH H 4 .   ? -12.815 10.569  10.621  1.00 60.54  ? 402 HOH A O   1 
HETATM 1399 O  O   . HOH H 4 .   ? -11.325 19.256  1.457   1.00 41.90  ? 403 HOH A O   1 
HETATM 1400 O  O   . HOH H 4 .   ? 7.315   -14.104 13.964  1.00 43.30  ? 404 HOH A O   1 
HETATM 1401 O  O   . HOH H 4 .   ? -11.479 -3.510  -5.737  1.00 34.99  ? 405 HOH A O   1 
HETATM 1402 O  O   . HOH H 4 .   ? -17.275 1.365   3.309   1.00 52.63  ? 406 HOH A O   1 
HETATM 1403 O  O   . HOH H 4 .   ? 13.445  -1.840  -4.440  1.00 33.20  ? 407 HOH A O   1 
HETATM 1404 O  O   . HOH H 4 .   ? 11.580  -10.413 6.057   1.00 31.35  ? 408 HOH A O   1 
HETATM 1405 O  O   . HOH H 4 .   ? -4.919  -2.962  9.254   1.00 43.22  ? 409 HOH A O   1 
HETATM 1406 O  O   . HOH H 4 .   ? 1.243   -16.689 -9.861  1.00 53.76  ? 410 HOH A O   1 
HETATM 1407 O  O   . HOH H 4 .   ? 1.269   6.253   -9.104  1.00 39.27  ? 411 HOH A O   1 
HETATM 1408 O  O   . HOH H 4 .   ? 8.387   -9.035  -10.741 1.00 53.37  ? 412 HOH A O   1 
HETATM 1409 O  O   . HOH H 4 .   ? -5.700  -6.129  -0.117  1.00 33.83  ? 413 HOH A O   1 
HETATM 1410 O  O   . HOH H 4 .   ? 14.949  1.605   0.778   1.00 33.18  ? 414 HOH A O   1 
HETATM 1411 O  O   . HOH H 4 .   ? -3.949  -0.400  8.798   1.00 36.93  ? 415 HOH A O   1 
HETATM 1412 O  O   . HOH H 4 .   ? -0.203  -9.186  -1.381  1.00 37.85  ? 416 HOH A O   1 
HETATM 1413 O  O   . HOH H 4 .   ? 1.420   -1.083  -11.489 1.00 43.21  ? 417 HOH A O   1 
HETATM 1414 O  O   . HOH H 4 .   ? -11.723 7.994   8.312   1.00 44.15  ? 418 HOH A O   1 
HETATM 1415 O  O   . HOH H 4 .   ? -0.793  17.320  -2.837  1.00 43.15  ? 419 HOH A O   1 
HETATM 1416 O  O   . HOH H 4 .   ? -14.363 3.483   3.025   1.00 39.24  ? 420 HOH A O   1 
HETATM 1417 O  O   . HOH H 4 .   ? 1.986   14.635  2.659   1.00 50.02  ? 421 HOH A O   1 
HETATM 1418 O  O   . HOH H 4 .   ? 5.177   -18.116 1.106   1.00 40.88  ? 422 HOH A O   1 
HETATM 1419 O  O   . HOH H 4 .   ? -4.297  -3.005  1.674   1.00 32.21  ? 423 HOH A O   1 
HETATM 1420 O  O   . HOH H 4 .   ? 5.469   -2.965  7.106   1.00 28.94  ? 424 HOH A O   1 
HETATM 1421 O  O   . HOH H 4 .   ? -13.359 1.124   3.939   1.00 38.47  ? 425 HOH A O   1 
HETATM 1422 O  O   . HOH H 4 .   ? -16.959 6.342   -13.979 1.00 46.23  ? 426 HOH A O   1 
HETATM 1423 O  O   . HOH H 4 .   ? -6.649  -4.794  -7.353  1.00 37.78  ? 427 HOH A O   1 
HETATM 1424 O  O   . HOH H 4 .   ? -10.112 -2.169  -1.249  1.00 30.09  ? 428 HOH A O   1 
HETATM 1425 O  O   . HOH H 4 .   ? 9.226   -3.441  6.150   1.00 35.63  ? 429 HOH A O   1 
HETATM 1426 O  O   . HOH H 4 .   ? -0.279  16.395  -0.301  1.00 38.80  ? 430 HOH A O   1 
HETATM 1427 O  O   . HOH H 4 .   ? -3.036  2.493   15.330  1.00 64.62  ? 431 HOH A O   1 
HETATM 1428 O  O   . HOH H 4 .   ? -3.439  -15.302 17.564  1.00 39.72  ? 432 HOH A O   1 
HETATM 1429 O  O   . HOH H 4 .   ? 4.004   -18.537 -2.397  1.00 52.30  ? 433 HOH A O   1 
HETATM 1430 O  O   . HOH H 4 .   ? 13.360  -17.888 7.515   1.00 44.95  ? 434 HOH A O   1 
HETATM 1431 O  O   . HOH H 4 .   ? -16.166 -1.281  0.944   1.00 47.45  ? 435 HOH A O   1 
HETATM 1432 O  O   . HOH H 4 .   ? -18.672 3.579   -5.838  1.00 41.06  ? 436 HOH A O   1 
HETATM 1433 O  O   . HOH H 4 .   ? -14.963 5.004   5.482   1.00 39.49  ? 437 HOH A O   1 
HETATM 1434 O  O   . HOH H 4 .   ? -5.981  -12.881 -2.540  1.00 37.81  ? 438 HOH A O   1 
HETATM 1435 O  O   . HOH H 4 .   ? -1.908  14.257  7.883   1.00 44.44  ? 439 HOH A O   1 
HETATM 1436 O  O   . HOH H 4 .   ? 16.863  -8.737  6.966   1.00 45.43  ? 440 HOH A O   1 
HETATM 1437 O  O   . HOH H 4 .   ? -7.500  16.862  -1.503  1.00 49.21  ? 441 HOH A O   1 
HETATM 1438 O  O   . HOH H 4 .   ? 5.520   10.684  -2.414  1.00 27.48  ? 442 HOH A O   1 
HETATM 1439 O  O   . HOH H 4 .   ? 10.479  -13.882 -4.781  1.00 46.20  ? 443 HOH A O   1 
HETATM 1440 O  O   . HOH H 4 .   ? 5.228   9.871   5.863   1.00 54.64  ? 444 HOH A O   1 
HETATM 1441 O  O   . HOH H 4 .   ? -1.818  1.073   17.137  1.00 47.23  ? 445 HOH A O   1 
HETATM 1442 O  O   . HOH H 4 .   ? -5.395  -6.000  8.657   1.00 40.71  ? 446 HOH A O   1 
HETATM 1443 O  O   . HOH H 4 .   ? -12.642 -2.094  0.171   1.00 41.42  ? 447 HOH A O   1 
HETATM 1444 O  O   . HOH H 4 .   ? -3.009  3.831   -13.262 1.00 32.36  ? 448 HOH A O   1 
HETATM 1445 O  O   . HOH H 4 .   ? 18.033  3.983   -4.441  1.00 41.55  ? 449 HOH A O   1 
HETATM 1446 O  O   . HOH H 4 .   ? 20.195  -3.883  -7.433  1.00 35.42  ? 450 HOH A O   1 
HETATM 1447 O  O   . HOH H 4 .   ? 3.702   11.964  3.233   1.00 22.82  ? 451 HOH A O   1 
HETATM 1448 O  O   . HOH H 4 .   ? -10.535 -14.431 -3.565  1.00 50.05  ? 452 HOH A O   1 
HETATM 1449 O  O   . HOH H 4 .   ? -13.898 -10.223 -3.055  1.00 47.60  ? 453 HOH A O   1 
HETATM 1450 O  O   . HOH H 4 .   ? 8.336   8.291   -0.996  0.50 25.88  ? 454 HOH A O   1 
HETATM 1451 O  O   . HOH H 4 .   ? -0.979  -2.802  -13.249 1.00 36.68  ? 455 HOH A O   1 
HETATM 1452 O  O   . HOH H 4 .   ? 1.863   -16.911 6.027   1.00 56.42  ? 456 HOH A O   1 
HETATM 1453 O  O   . HOH H 4 .   ? 8.175   3.393   10.603  1.00 53.94  ? 457 HOH A O   1 
HETATM 1454 O  O   . HOH H 4 .   ? -4.246  -1.189  -12.745 1.00 52.63  ? 458 HOH A O   1 
HETATM 1455 O  O   . HOH H 4 .   ? 20.055  3.646   -3.020  1.00 27.50  ? 459 HOH A O   1 
HETATM 1456 O  O   . HOH H 4 .   ? -14.014 -1.049  2.249   1.00 44.71  ? 460 HOH A O   1 
HETATM 1457 O  O   . HOH H 4 .   ? 23.659  3.059   -4.553  1.00 28.53  ? 461 HOH A O   1 
HETATM 1458 O  O   . HOH H 4 .   ? 20.592  4.356   -6.422  1.00 34.18  ? 462 HOH A O   1 
HETATM 1459 O  O   . HOH H 4 .   ? 11.360  6.104   1.887   1.00 22.17  ? 463 HOH A O   1 
HETATM 1460 O  O   . HOH H 4 .   ? 10.779  -15.425 16.715  1.00 42.51  ? 464 HOH A O   1 
HETATM 1461 O  O   . HOH H 4 .   ? 4.868   -14.745 15.410  1.00 43.95  ? 465 HOH A O   1 
HETATM 1462 O  O   . HOH H 4 .   ? -1.127  -18.529 15.158  1.00 39.25  ? 466 HOH A O   1 
HETATM 1463 O  O   . HOH H 4 .   ? -13.995 -4.455  -4.982  1.00 36.87  ? 467 HOH A O   1 
HETATM 1464 O  O   . HOH H 4 .   ? -9.038  18.813  -0.782  1.00 38.80  ? 468 HOH A O   1 
HETATM 1465 O  O   . HOH H 4 .   ? 6.591   -22.212 5.938   1.00 52.00  ? 469 HOH A O   1 
HETATM 1466 O  O   . HOH H 4 .   ? -0.613  1.603   -17.145 1.00 55.81  ? 470 HOH A O   1 
HETATM 1467 O  O   . HOH H 4 .   ? -3.559  0.685   -16.031 1.00 46.06  ? 471 HOH A O   1 
# 
